data_5GON
#
_entry.id   5GON
#
_cell.length_a   104.507
_cell.length_b   156.463
_cell.length_c   181.838
_cell.angle_alpha   90.00
_cell.angle_beta   90.00
_cell.angle_gamma   90.00
#
_symmetry.space_group_name_H-M   'P 21 21 21'
#
loop_
_entity.id
_entity.type
_entity.pdbx_description
1 polymer 'Tubulin alpha-1B chain'
2 polymer 'Tubulin beta-2B chain'
3 polymer Stathmin-4
4 polymer 'Uncharacterized protein'
5 non-polymer "GUANOSINE-5'-TRIPHOSPHATE"
6 non-polymer 'MAGNESIUM ION'
7 non-polymer GLYCEROL
8 non-polymer 'CALCIUM ION'
9 non-polymer "GUANOSINE-5'-DIPHOSPHATE"
10 non-polymer '2-(N-MORPHOLINO)-ETHANESULFONIC ACID'
11 non-polymer (3R,4R)-4-(4-methoxy-3-oxidanyl-phenyl)-3-methyl-1-(3,4,5-trimethoxyphenyl)azetidin-2-one
12 non-polymer IMIDAZOLE
13 water water
#
loop_
_entity_poly.entity_id
_entity_poly.type
_entity_poly.pdbx_seq_one_letter_code
_entity_poly.pdbx_strand_id
1 'polypeptide(L)'
;MRECISIHVGQAGVQIGNACWELYCLEHGIQPDGQMPSDKTIGGGDDSFNTFFSETGAGKHVPRAVFVDLEPTVIDEVRT
GTYRQLFHPEQLITGKEDAANNYARGHYTIGKEIIDLVLDRIRKLADQCTGLQGFLVFHSFGGGTGSGFTSLLMERLSVD
YGKKSKLEFSIYPAPQVSTAVVEPYNSILTTHTTLEHSDCAFMVDNEAIYDICRRNLDIERPTYTNLNRLISQIVSSITA
SLRFDGALNVDLTEFQTNLVPYPRIHFPLATYAPVISAEKAYHEQLSVAEITNACFEPANQMVKCDPRHGKYMACCLLYR
GDVVPKDVNAAIATIKTKRSIQFVDWCPTGFKVGINYQPPTVVPGGDLAKVQRAVCMLSNTTAIAEAWARLDHKFDLMYA
KRAFVHWYVGEGMEEGEFSEAREDMAALEKDYEEVGVDSV
;
A,C
2 'polypeptide(L)'
;MREIVHIQAGQCGNQIGAKFWEVISDEHGIDPTGSYHGDSDLQLERINVYYNEATGNKYVPRAILVDLEPGTMDSVRSGP
FGQIFRPDNFVFGQSGAGNNWAKGHYTEGAELVDSVLDVVRKESESCDCLQGFQLTHSLGGGTGSGMGTLLISKIREEYP
DRIMNTFSVMPSPKVSDTVVEPYNATLSVHQLVENTDETYCIDNEALYDICFRTLKLTTPTYGDLNHLVSATMSGVTTCL
RFPGQLNADLRKLAVNMVPFPRLHFFMPGFAPLTSRGSQQYRALTVPELTQQMFDSKNMMAACDPRHGRYLTVAAIFRGR
MSMKEVDEQMLNVQNKNSSYFVEWIPNNVKTAVCDIPPRGLKMSATFIGNSTAIQELFKRISEQFTAMFRRKAFLHWYTG
EGMDEMEFTEAESNMNDLVSEYQQYQDATAD
;
B,D
3 'polypeptide(L)'
;MEVIELNKCTSGQSFEVILKPPSFDGVPEFNASLPRRRDPSLEEIQKKLEAAEERRKYQEAELLKHLAEKREHEREVIQK
AIEENNNFIKMAKEKLAQKMESNKENREAHLAAMLERLQEKDKHAEEVRKNKELKE
;
E
4 'polypeptide(L)'
;MYTFVVRDENSSVYAEVSRLLLATGQWKRLRKDNPRFNLMLGERNRLPFGRLGHEPGLVQLVNYYRGADKLCRKASLVKL
IKTSPELSESCTWFPESYVIYPTNLKTPVAPAQNGIRHLINNTRTDEREVFLAAYNRRREGREGNVWIAKSSAGAKGEGI
LISSEASELLDFIDEQGQVHVIQKYLEKPLLLEPGHRKFDIRSWVLVDHLYNIYLYREGVLRTSSEPYNSANFQDKTCHL
TNHCIQKEYSKNYGRYEEGNEMFFEEFNQYLMDALNTTLENSILLQIKHIIRSCLMCIEPAISTKHLHYQSFQLFGFDFM
VDEELKVWLIEVNGAPACAQKLYAELCQGIVDVAISSVFPLADTGQKTSQPTSIFIKL
;
F
#
# COMPACT_ATOMS: atom_id res chain seq x y z
N MET A 1 -24.17 -32.60 62.10
CA MET A 1 -23.03 -32.04 61.31
C MET A 1 -23.54 -31.03 60.29
N ARG A 2 -22.66 -30.13 59.84
CA ARG A 2 -23.02 -29.01 58.98
C ARG A 2 -22.14 -28.85 57.73
N GLU A 3 -22.75 -29.03 56.56
CA GLU A 3 -21.98 -29.12 55.32
C GLU A 3 -21.43 -27.78 54.77
N CYS A 4 -20.38 -27.92 53.98
CA CYS A 4 -19.79 -26.80 53.28
C CYS A 4 -19.65 -27.16 51.81
N ILE A 5 -20.02 -26.22 50.93
CA ILE A 5 -19.87 -26.44 49.49
C ILE A 5 -18.77 -25.59 48.86
N SER A 6 -17.88 -26.26 48.15
CA SER A 6 -16.77 -25.58 47.47
C SER A 6 -17.04 -25.32 45.99
N ILE A 7 -16.90 -24.07 45.57
CA ILE A 7 -17.05 -23.69 44.19
C ILE A 7 -15.78 -23.17 43.57
N HIS A 8 -15.31 -23.87 42.54
CA HIS A 8 -14.09 -23.47 41.81
C HIS A 8 -14.36 -22.82 40.46
N VAL A 9 -13.82 -21.64 40.23
CA VAL A 9 -14.21 -20.89 39.06
C VAL A 9 -13.02 -20.37 38.28
N GLY A 10 -12.93 -20.77 37.02
CA GLY A 10 -11.86 -20.37 36.12
C GLY A 10 -10.67 -21.31 36.19
N GLN A 11 -9.65 -21.07 35.37
CA GLN A 11 -8.43 -21.86 35.40
C GLN A 11 -7.82 -21.96 36.83
N ALA A 12 -7.62 -20.81 37.47
CA ALA A 12 -6.98 -20.76 38.78
C ALA A 12 -7.79 -21.52 39.82
N GLY A 13 -9.07 -21.15 39.91
CA GLY A 13 -10.03 -21.79 40.82
C GLY A 13 -10.03 -23.29 40.65
N VAL A 14 -10.10 -23.75 39.41
CA VAL A 14 -10.17 -25.15 39.14
C VAL A 14 -8.88 -25.87 39.47
N GLN A 15 -7.74 -25.26 39.13
CA GLN A 15 -6.47 -25.96 39.28
C GLN A 15 -6.02 -26.03 40.74
N ILE A 16 -6.21 -24.91 41.42
CA ILE A 16 -6.10 -24.87 42.85
C ILE A 16 -7.08 -25.80 43.52
N GLY A 17 -8.30 -25.90 43.00
CA GLY A 17 -9.24 -26.88 43.49
C GLY A 17 -8.65 -28.27 43.39
N ASN A 18 -8.07 -28.63 42.25
CA ASN A 18 -7.48 -29.96 42.09
C ASN A 18 -6.46 -30.22 43.15
N ALA A 19 -5.56 -29.26 43.36
CA ALA A 19 -4.55 -29.39 44.37
C ALA A 19 -5.18 -29.64 45.77
N CYS A 20 -6.16 -28.83 46.17
CA CYS A 20 -6.75 -28.94 47.46
C CYS A 20 -7.44 -30.30 47.64
N TRP A 21 -8.27 -30.71 46.68
CA TRP A 21 -8.99 -31.97 46.85
C TRP A 21 -8.08 -33.16 46.87
N GLU A 22 -7.02 -33.12 46.09
CA GLU A 22 -6.08 -34.20 46.11
C GLU A 22 -5.57 -34.29 47.53
N LEU A 23 -5.23 -33.14 48.09
CA LEU A 23 -4.68 -33.06 49.43
C LEU A 23 -5.66 -33.59 50.44
N TYR A 24 -6.89 -33.13 50.36
CA TYR A 24 -7.94 -33.58 51.25
C TYR A 24 -8.04 -35.10 51.23
N CYS A 25 -8.04 -35.68 50.03
CA CYS A 25 -8.11 -37.13 49.90
C CYS A 25 -6.91 -37.82 50.54
N LEU A 26 -5.70 -37.32 50.29
CA LEU A 26 -4.53 -37.87 51.00
C LEU A 26 -4.59 -37.72 52.55
N GLU A 27 -5.20 -36.64 53.03
CA GLU A 27 -5.23 -36.41 54.44
C GLU A 27 -6.28 -37.26 55.15
N HIS A 28 -7.42 -37.44 54.53
CA HIS A 28 -8.49 -38.20 55.14
C HIS A 28 -8.40 -39.66 54.75
N GLY A 29 -7.43 -40.03 53.93
CA GLY A 29 -7.27 -41.42 53.52
C GLY A 29 -8.39 -41.90 52.57
N ILE A 30 -8.76 -41.06 51.62
CA ILE A 30 -9.68 -41.43 50.58
C ILE A 30 -8.89 -41.71 49.29
N GLN A 31 -9.31 -42.77 48.60
CA GLN A 31 -8.64 -43.19 47.39
C GLN A 31 -9.24 -42.53 46.16
N PRO A 32 -8.49 -42.51 45.03
CA PRO A 32 -8.95 -42.03 43.72
C PRO A 32 -10.33 -42.58 43.32
N ASP A 33 -10.67 -43.82 43.74
CA ASP A 33 -12.01 -44.39 43.50
C ASP A 33 -13.10 -43.89 44.45
N GLY A 34 -12.72 -43.13 45.47
CA GLY A 34 -13.70 -42.48 46.34
C GLY A 34 -13.96 -43.34 47.56
N GLN A 35 -13.22 -44.44 47.63
CA GLN A 35 -13.34 -45.36 48.73
C GLN A 35 -12.49 -44.87 49.89
N MET A 36 -13.05 -44.98 51.10
CA MET A 36 -12.37 -44.59 52.34
C MET A 36 -12.45 -45.71 53.34
N PRO A 37 -11.51 -46.68 53.27
CA PRO A 37 -11.43 -47.88 54.12
C PRO A 37 -11.80 -47.59 55.58
N SER A 38 -11.17 -46.58 56.16
CA SER A 38 -11.42 -46.24 57.57
C SER A 38 -12.84 -45.68 57.86
N ASP A 39 -13.66 -45.42 56.84
CA ASP A 39 -15.02 -44.96 57.13
C ASP A 39 -15.89 -46.15 57.32
N LYS A 40 -16.20 -46.41 58.58
CA LYS A 40 -16.85 -47.65 58.98
C LYS A 40 -18.34 -47.55 58.86
N THR A 41 -18.87 -46.34 58.99
CA THR A 41 -20.29 -46.08 58.62
C THR A 41 -20.47 -46.00 57.07
N ILE A 42 -20.68 -47.18 56.46
CA ILE A 42 -20.82 -47.32 55.00
C ILE A 42 -22.10 -46.61 54.55
N GLY A 43 -21.93 -45.71 53.57
CA GLY A 43 -23.07 -45.06 52.92
C GLY A 43 -23.71 -43.91 53.67
N GLY A 44 -23.11 -43.51 54.79
CA GLY A 44 -23.62 -42.37 55.54
C GLY A 44 -22.74 -42.04 56.71
N GLY A 45 -23.08 -40.94 57.36
CA GLY A 45 -22.31 -40.45 58.49
C GLY A 45 -22.44 -38.94 58.67
N ASP A 46 -21.82 -38.46 59.75
CA ASP A 46 -21.79 -37.04 60.07
C ASP A 46 -20.57 -36.82 60.95
N ASP A 47 -19.48 -37.51 60.61
CA ASP A 47 -18.15 -37.13 61.05
C ASP A 47 -17.75 -35.80 60.43
N SER A 48 -16.67 -35.23 60.92
CA SER A 48 -16.24 -33.93 60.43
C SER A 48 -15.85 -33.90 58.94
N PHE A 49 -15.27 -34.97 58.42
CA PHE A 49 -14.91 -35.00 57.03
C PHE A 49 -16.16 -34.98 56.11
N ASN A 50 -17.28 -35.49 56.63
CA ASN A 50 -18.56 -35.42 55.92
C ASN A 50 -19.02 -34.00 55.65
N THR A 51 -18.35 -33.00 56.22
CA THR A 51 -18.63 -31.60 55.87
CA THR A 51 -18.58 -31.59 55.89
C THR A 51 -18.16 -31.30 54.44
N PHE A 52 -17.21 -32.09 53.95
CA PHE A 52 -16.62 -31.86 52.65
C PHE A 52 -16.89 -33.05 51.73
N PHE A 53 -17.44 -34.11 52.29
CA PHE A 53 -17.73 -35.31 51.54
C PHE A 53 -19.10 -35.86 51.88
N SER A 54 -19.83 -36.24 50.85
CA SER A 54 -21.01 -37.05 51.03
C SER A 54 -20.66 -38.46 50.58
N GLU A 55 -21.60 -39.37 50.78
CA GLU A 55 -21.30 -40.79 50.54
C GLU A 55 -22.40 -41.42 49.74
N THR A 56 -22.05 -42.51 49.07
CA THR A 56 -23.03 -43.29 48.33
C THR A 56 -23.04 -44.69 48.89
N GLY A 57 -24.18 -45.36 48.74
CA GLY A 57 -24.39 -46.70 49.26
C GLY A 57 -23.25 -47.65 48.96
N ALA A 58 -22.55 -47.43 47.84
CA ALA A 58 -21.42 -48.28 47.46
C ALA A 58 -20.10 -47.79 48.07
N GLY A 59 -20.18 -46.85 49.00
CA GLY A 59 -19.05 -46.48 49.83
C GLY A 59 -18.10 -45.51 49.19
N LYS A 60 -18.60 -44.83 48.17
CA LYS A 60 -17.83 -43.80 47.49
C LYS A 60 -18.03 -42.44 48.20
N HIS A 61 -16.92 -41.73 48.41
CA HIS A 61 -16.94 -40.44 49.09
C HIS A 61 -16.76 -39.36 48.08
N VAL A 62 -17.67 -38.41 48.08
CA VAL A 62 -17.83 -37.51 46.95
C VAL A 62 -17.72 -36.05 47.40
N PRO A 63 -16.80 -35.30 46.81
CA PRO A 63 -16.60 -33.92 47.15
C PRO A 63 -17.84 -33.10 47.03
N ARG A 64 -18.12 -32.27 48.02
CA ARG A 64 -19.24 -31.33 47.98
C ARG A 64 -18.79 -30.12 47.20
N ALA A 65 -18.47 -30.39 45.94
CA ALA A 65 -17.84 -29.38 45.12
C ALA A 65 -18.49 -29.20 43.75
N VAL A 66 -18.35 -27.99 43.25
CA VAL A 66 -18.70 -27.66 41.89
CA VAL A 66 -18.70 -27.68 41.87
C VAL A 66 -17.55 -26.93 41.17
N PHE A 67 -17.07 -27.50 40.07
CA PHE A 67 -16.09 -26.84 39.18
C PHE A 67 -16.78 -26.17 37.96
N VAL A 68 -16.37 -24.95 37.66
CA VAL A 68 -17.02 -24.16 36.62
CA VAL A 68 -17.00 -24.21 36.57
C VAL A 68 -15.99 -23.35 35.81
N ASP A 69 -15.94 -23.59 34.51
CA ASP A 69 -15.11 -22.81 33.62
C ASP A 69 -15.80 -22.53 32.29
N LEU A 70 -15.57 -21.34 31.75
CA LEU A 70 -16.23 -20.96 30.53
C LEU A 70 -15.64 -21.65 29.31
N GLU A 71 -14.43 -22.23 29.45
CA GLU A 71 -13.90 -23.08 28.38
C GLU A 71 -13.62 -24.43 28.99
N PRO A 72 -13.56 -25.47 28.16
CA PRO A 72 -13.55 -26.81 28.76
C PRO A 72 -12.20 -27.39 29.07
N THR A 73 -11.12 -26.81 28.57
CA THR A 73 -9.87 -27.58 28.56
C THR A 73 -9.27 -27.88 29.90
N VAL A 74 -9.48 -27.04 30.89
CA VAL A 74 -8.87 -27.25 32.20
C VAL A 74 -9.69 -28.31 32.94
N ILE A 75 -11.00 -28.14 32.93
CA ILE A 75 -11.88 -29.09 33.60
C ILE A 75 -11.94 -30.46 32.92
N ASP A 76 -11.54 -30.52 31.65
CA ASP A 76 -11.42 -31.82 30.94
C ASP A 76 -10.32 -32.65 31.55
N GLU A 77 -9.26 -32.02 32.01
CA GLU A 77 -8.15 -32.74 32.64
C GLU A 77 -8.60 -33.34 33.95
N VAL A 78 -9.63 -32.73 34.53
CA VAL A 78 -10.27 -33.28 35.71
C VAL A 78 -11.20 -34.41 35.26
N ARG A 79 -12.02 -34.16 34.24
CA ARG A 79 -12.93 -35.18 33.69
C ARG A 79 -12.25 -36.52 33.37
N THR A 80 -10.94 -36.50 33.18
CA THR A 80 -10.25 -37.69 32.78
CA THR A 80 -10.21 -37.69 32.70
C THR A 80 -8.88 -37.90 33.43
N GLY A 81 -8.60 -37.06 34.44
CA GLY A 81 -7.40 -37.23 35.26
C GLY A 81 -7.45 -38.34 36.30
N THR A 82 -6.39 -38.42 37.10
CA THR A 82 -6.24 -39.42 38.17
C THR A 82 -7.47 -39.62 39.07
N TYR A 83 -8.19 -38.54 39.32
CA TYR A 83 -9.34 -38.58 40.21
C TYR A 83 -10.66 -38.44 39.45
N ARG A 84 -10.82 -39.19 38.37
CA ARG A 84 -12.02 -39.06 37.54
C ARG A 84 -13.22 -39.71 38.26
N GLN A 85 -12.93 -40.62 39.20
CA GLN A 85 -14.01 -41.42 39.77
C GLN A 85 -14.63 -40.69 40.95
N LEU A 86 -13.93 -39.67 41.41
CA LEU A 86 -14.39 -38.96 42.56
C LEU A 86 -15.69 -38.22 42.28
N PHE A 87 -15.80 -37.60 41.11
CA PHE A 87 -16.82 -36.57 40.89
C PHE A 87 -17.99 -37.05 40.08
N HIS A 88 -19.15 -36.48 40.38
CA HIS A 88 -20.27 -36.68 39.53
C HIS A 88 -20.09 -35.74 38.37
N PRO A 89 -20.14 -36.29 37.16
CA PRO A 89 -20.03 -35.55 35.93
C PRO A 89 -20.72 -34.21 35.98
N GLU A 90 -21.81 -34.13 36.73
CA GLU A 90 -22.63 -32.94 36.71
C GLU A 90 -22.09 -31.88 37.65
N GLN A 91 -21.06 -32.25 38.40
CA GLN A 91 -20.36 -31.30 39.25
C GLN A 91 -19.34 -30.50 38.44
N LEU A 92 -18.96 -31.00 37.28
CA LEU A 92 -18.02 -30.33 36.39
C LEU A 92 -18.78 -29.64 35.25
N ILE A 93 -18.73 -28.33 35.22
CA ILE A 93 -19.51 -27.55 34.28
C ILE A 93 -18.63 -26.69 33.39
N THR A 94 -18.79 -26.83 32.08
CA THR A 94 -17.94 -26.13 31.09
C THR A 94 -18.74 -25.43 29.99
N GLY A 95 -18.24 -24.29 29.55
CA GLY A 95 -18.85 -23.58 28.45
C GLY A 95 -18.15 -23.89 27.14
N LYS A 96 -18.40 -23.06 26.14
CA LYS A 96 -17.78 -23.21 24.83
C LYS A 96 -16.57 -22.31 24.72
N GLU A 97 -16.76 -21.03 24.96
CA GLU A 97 -15.67 -20.13 24.79
C GLU A 97 -15.53 -19.25 26.01
N ASP A 98 -14.29 -18.91 26.33
CA ASP A 98 -14.05 -18.28 27.57
C ASP A 98 -14.21 -16.78 27.48
N ALA A 99 -13.93 -16.10 28.58
CA ALA A 99 -14.15 -14.69 28.74
C ALA A 99 -13.05 -13.80 28.19
N ALA A 100 -12.04 -14.43 27.57
CA ALA A 100 -10.94 -13.67 26.97
C ALA A 100 -10.35 -12.58 27.86
N ASN A 101 -10.16 -12.90 29.14
CA ASN A 101 -9.56 -11.98 30.11
C ASN A 101 -10.31 -10.68 30.27
N ASN A 102 -11.61 -10.75 30.04
CA ASN A 102 -12.45 -9.59 30.08
C ASN A 102 -13.50 -9.79 31.17
N TYR A 103 -13.49 -8.94 32.18
CA TYR A 103 -14.46 -9.03 33.28
C TYR A 103 -15.89 -8.93 32.77
N ALA A 104 -16.13 -7.94 31.89
CA ALA A 104 -17.42 -7.67 31.32
C ALA A 104 -17.94 -8.83 30.48
N ARG A 105 -17.06 -9.53 29.79
CA ARG A 105 -17.50 -10.64 28.99
C ARG A 105 -17.84 -11.82 29.87
N GLY A 106 -17.21 -11.90 31.05
CA GLY A 106 -17.42 -13.02 31.95
C GLY A 106 -18.68 -12.78 32.78
N HIS A 107 -18.86 -11.52 33.14
CA HIS A 107 -19.99 -11.08 33.89
C HIS A 107 -21.28 -10.97 33.08
N TYR A 108 -21.29 -10.10 32.07
CA TYR A 108 -22.52 -9.74 31.41
C TYR A 108 -22.84 -10.63 30.23
N THR A 109 -21.92 -10.73 29.31
CA THR A 109 -22.16 -11.41 28.08
C THR A 109 -22.29 -12.90 28.21
N ILE A 110 -21.23 -13.56 28.63
CA ILE A 110 -21.26 -15.02 28.71
C ILE A 110 -21.87 -15.51 30.02
N GLY A 111 -21.67 -14.75 31.10
CA GLY A 111 -22.14 -15.21 32.38
C GLY A 111 -23.63 -15.47 32.38
N LYS A 112 -24.37 -14.47 31.89
CA LYS A 112 -25.82 -14.49 31.82
C LYS A 112 -26.39 -15.82 31.30
N GLU A 113 -25.58 -16.58 30.59
CA GLU A 113 -26.13 -17.68 29.88
C GLU A 113 -25.65 -19.00 30.45
N ILE A 114 -24.89 -18.95 31.53
CA ILE A 114 -24.51 -20.20 32.17
C ILE A 114 -24.90 -20.20 33.65
N ILE A 115 -25.27 -19.03 34.14
CA ILE A 115 -25.52 -18.80 35.56
C ILE A 115 -26.65 -19.63 36.13
N ASP A 116 -27.78 -19.75 35.42
CA ASP A 116 -28.91 -20.55 35.92
C ASP A 116 -28.56 -22.02 35.98
N LEU A 117 -27.73 -22.50 35.04
CA LEU A 117 -27.35 -23.90 35.02
C LEU A 117 -26.43 -24.16 36.20
N VAL A 118 -25.57 -23.18 36.49
CA VAL A 118 -24.61 -23.30 37.60
C VAL A 118 -25.33 -23.34 38.97
N LEU A 119 -26.16 -22.32 39.22
CA LEU A 119 -27.02 -22.29 40.41
C LEU A 119 -27.84 -23.55 40.54
N ASP A 120 -28.25 -24.11 39.42
CA ASP A 120 -29.05 -25.30 39.47
C ASP A 120 -28.25 -26.49 39.96
N ARG A 121 -27.13 -26.78 39.30
CA ARG A 121 -26.22 -27.83 39.74
C ARG A 121 -25.76 -27.65 41.22
N ILE A 122 -25.77 -26.42 41.72
CA ILE A 122 -25.40 -26.12 43.08
C ILE A 122 -26.57 -26.45 44.02
N ARG A 123 -27.79 -26.12 43.58
CA ARG A 123 -29.01 -26.48 44.29
C ARG A 123 -29.09 -27.97 44.50
N LYS A 124 -28.71 -28.74 43.50
CA LYS A 124 -28.70 -30.20 43.62
C LYS A 124 -27.77 -30.65 44.75
N LEU A 125 -26.79 -29.81 45.11
CA LEU A 125 -25.84 -30.14 46.19
C LEU A 125 -26.34 -29.65 47.56
N ALA A 126 -26.77 -28.39 47.62
CA ALA A 126 -27.50 -27.90 48.77
C ALA A 126 -28.68 -28.80 49.24
N ASP A 127 -29.42 -29.36 48.29
CA ASP A 127 -30.55 -30.30 48.59
C ASP A 127 -30.11 -31.56 49.32
N GLN A 128 -28.88 -32.01 49.10
CA GLN A 128 -28.30 -33.10 49.88
C GLN A 128 -27.69 -32.64 51.24
N CYS A 129 -27.99 -31.42 51.66
CA CYS A 129 -27.40 -30.92 52.90
C CYS A 129 -28.45 -30.67 53.97
N THR A 130 -28.23 -31.29 55.13
CA THR A 130 -29.17 -31.20 56.26
C THR A 130 -29.04 -29.86 57.00
N GLY A 131 -27.85 -29.27 57.00
CA GLY A 131 -27.66 -27.97 57.63
C GLY A 131 -26.49 -27.21 57.03
N LEU A 132 -26.59 -26.84 55.75
CA LEU A 132 -25.53 -26.15 55.03
C LEU A 132 -25.08 -24.84 55.66
N GLN A 133 -23.77 -24.73 55.89
CA GLN A 133 -23.25 -23.51 56.50
C GLN A 133 -23.08 -22.48 55.43
N GLY A 134 -22.60 -22.93 54.28
CA GLY A 134 -22.32 -22.01 53.18
C GLY A 134 -21.23 -22.45 52.26
N PHE A 135 -20.59 -21.44 51.67
CA PHE A 135 -19.77 -21.68 50.47
C PHE A 135 -18.32 -21.23 50.56
N LEU A 136 -17.48 -21.98 49.87
CA LEU A 136 -16.05 -21.67 49.70
CA LEU A 136 -16.07 -21.63 49.70
C LEU A 136 -15.75 -21.43 48.22
N VAL A 137 -15.47 -20.19 47.85
CA VAL A 137 -15.30 -19.83 46.42
C VAL A 137 -13.88 -19.50 46.02
N PHE A 138 -13.33 -20.33 45.15
CA PHE A 138 -11.93 -20.20 44.71
C PHE A 138 -11.87 -19.62 43.32
N HIS A 139 -11.09 -18.57 43.12
CA HIS A 139 -10.99 -17.96 41.79
C HIS A 139 -9.84 -17.01 41.68
N SER A 140 -9.46 -16.61 40.46
CA SER A 140 -8.44 -15.54 40.32
C SER A 140 -9.10 -14.15 40.28
N PHE A 141 -8.38 -13.11 40.68
CA PHE A 141 -8.85 -11.78 40.43
C PHE A 141 -8.71 -11.41 38.96
N GLY A 142 -7.78 -12.04 38.23
CA GLY A 142 -7.30 -11.51 36.97
C GLY A 142 -7.96 -12.06 35.72
N GLY A 143 -8.41 -13.31 35.74
CA GLY A 143 -9.13 -13.89 34.61
C GLY A 143 -10.48 -13.25 34.34
N GLY A 144 -11.04 -13.48 33.14
CA GLY A 144 -12.37 -12.95 32.80
C GLY A 144 -13.47 -13.73 33.52
N THR A 145 -13.29 -15.05 33.58
CA THR A 145 -14.23 -15.91 34.28
C THR A 145 -14.13 -15.73 35.80
N GLY A 146 -12.91 -15.90 36.29
CA GLY A 146 -12.58 -15.73 37.68
C GLY A 146 -13.01 -14.43 38.26
N SER A 147 -12.94 -13.34 37.50
CA SER A 147 -13.51 -12.11 38.02
C SER A 147 -15.04 -11.96 37.75
N GLY A 148 -15.46 -12.03 36.47
CA GLY A 148 -16.80 -11.58 36.06
C GLY A 148 -17.84 -12.59 36.44
N PHE A 149 -17.58 -13.84 36.14
CA PHE A 149 -18.51 -14.86 36.49
C PHE A 149 -18.66 -15.08 37.99
N THR A 150 -17.55 -14.99 38.71
CA THR A 150 -17.55 -15.04 40.14
C THR A 150 -18.38 -13.93 40.76
N SER A 151 -18.20 -12.70 40.33
CA SER A 151 -19.01 -11.68 40.95
C SER A 151 -20.52 -11.92 40.61
N LEU A 152 -20.84 -12.46 39.44
CA LEU A 152 -22.22 -12.71 39.13
C LEU A 152 -22.80 -13.82 40.02
N LEU A 153 -22.05 -14.90 40.18
CA LEU A 153 -22.43 -16.00 41.04
C LEU A 153 -22.57 -15.55 42.51
N MET A 154 -21.63 -14.74 43.00
CA MET A 154 -21.69 -14.22 44.34
C MET A 154 -22.88 -13.29 44.54
N GLU A 155 -23.30 -12.62 43.50
CA GLU A 155 -24.49 -11.77 43.59
C GLU A 155 -25.71 -12.64 43.72
N ARG A 156 -25.75 -13.77 43.02
CA ARG A 156 -26.92 -14.63 43.09
C ARG A 156 -26.96 -15.53 44.31
N LEU A 157 -25.81 -15.92 44.85
CA LEU A 157 -25.82 -16.81 46.01
C LEU A 157 -26.36 -16.07 47.24
N SER A 158 -26.05 -14.79 47.33
CA SER A 158 -26.60 -13.92 48.35
C SER A 158 -28.14 -13.88 48.30
N VAL A 159 -28.71 -13.94 47.09
CA VAL A 159 -30.15 -13.91 46.93
C VAL A 159 -30.78 -15.27 47.22
N ASP A 160 -30.21 -16.34 46.69
CA ASP A 160 -30.81 -17.65 46.87
C ASP A 160 -30.51 -18.31 48.24
N TYR A 161 -29.48 -17.82 48.95
CA TYR A 161 -29.09 -18.37 50.26
C TYR A 161 -28.65 -17.21 51.09
N GLY A 162 -29.57 -16.29 51.35
CA GLY A 162 -29.27 -15.07 52.10
C GLY A 162 -28.71 -15.30 53.50
N LYS A 163 -28.83 -16.53 54.00
CA LYS A 163 -28.42 -16.86 55.37
C LYS A 163 -27.06 -17.53 55.42
N LYS A 164 -26.53 -17.88 54.26
CA LYS A 164 -25.30 -18.64 54.29
C LYS A 164 -24.06 -17.76 54.28
N SER A 165 -23.00 -18.33 54.85
CA SER A 165 -21.73 -17.65 54.88
C SER A 165 -21.01 -17.87 53.56
N LYS A 166 -20.27 -16.84 53.12
CA LYS A 166 -19.44 -17.00 51.91
C LYS A 166 -18.01 -16.60 52.11
N LEU A 167 -17.12 -17.54 51.83
CA LEU A 167 -15.67 -17.28 51.97
C LEU A 167 -14.93 -17.41 50.64
N GLU A 168 -13.99 -16.51 50.40
CA GLU A 168 -13.17 -16.55 49.19
C GLU A 168 -11.72 -16.99 49.40
N PHE A 169 -11.21 -17.78 48.47
CA PHE A 169 -9.79 -17.82 48.25
C PHE A 169 -9.58 -17.22 46.87
N SER A 170 -8.92 -16.08 46.85
CA SER A 170 -8.69 -15.31 45.65
C SER A 170 -7.20 -15.19 45.27
N ILE A 171 -6.90 -15.39 43.98
CA ILE A 171 -5.55 -15.21 43.46
C ILE A 171 -5.31 -13.78 42.95
N TYR A 172 -4.46 -13.07 43.64
CA TYR A 172 -4.18 -11.70 43.33
C TYR A 172 -3.09 -11.70 42.26
N PRO A 173 -3.16 -10.76 41.32
CA PRO A 173 -2.31 -10.82 40.13
C PRO A 173 -0.83 -10.37 40.30
N ALA A 174 0.06 -11.14 39.71
CA ALA A 174 1.48 -10.80 39.70
C ALA A 174 2.01 -10.95 38.30
N PRO A 175 2.73 -9.93 37.82
CA PRO A 175 3.44 -9.87 36.53
C PRO A 175 4.33 -11.04 36.23
N GLN A 176 5.01 -11.64 37.21
CA GLN A 176 5.96 -12.71 36.86
C GLN A 176 5.24 -14.00 36.48
N VAL A 177 3.93 -14.00 36.68
CA VAL A 177 3.10 -15.17 36.30
C VAL A 177 1.91 -14.81 35.42
N SER A 178 1.51 -13.55 35.44
CA SER A 178 0.23 -13.12 34.89
C SER A 178 0.06 -13.49 33.44
N THR A 179 -1.15 -13.29 32.96
CA THR A 179 -1.49 -13.68 31.61
C THR A 179 -2.04 -12.53 30.76
N ALA A 180 -2.21 -11.35 31.37
CA ALA A 180 -2.94 -10.27 30.72
C ALA A 180 -2.62 -8.93 31.28
N VAL A 181 -2.67 -7.89 30.46
CA VAL A 181 -2.40 -6.54 30.94
C VAL A 181 -3.57 -5.91 31.60
N VAL A 182 -4.76 -6.49 31.45
CA VAL A 182 -5.98 -5.89 32.02
C VAL A 182 -6.39 -6.44 33.41
N GLU A 183 -5.55 -7.28 33.97
CA GLU A 183 -5.82 -7.86 35.27
C GLU A 183 -6.13 -6.87 36.37
N PRO A 184 -5.41 -5.74 36.43
CA PRO A 184 -5.83 -4.69 37.38
C PRO A 184 -7.27 -4.28 37.23
N TYR A 185 -7.73 -4.06 35.98
CA TYR A 185 -9.13 -3.71 35.70
C TYR A 185 -10.08 -4.74 36.28
N ASN A 186 -9.89 -5.99 35.88
CA ASN A 186 -10.74 -7.07 36.35
C ASN A 186 -10.73 -7.25 37.87
N SER A 187 -9.59 -6.97 38.47
CA SER A 187 -9.41 -7.09 39.88
C SER A 187 -10.29 -6.08 40.62
N ILE A 188 -10.11 -4.79 40.32
CA ILE A 188 -10.94 -3.73 40.87
C ILE A 188 -12.43 -4.02 40.62
N LEU A 189 -12.79 -4.34 39.38
CA LEU A 189 -14.17 -4.56 39.06
C LEU A 189 -14.78 -5.65 39.91
N THR A 190 -14.13 -6.80 39.95
CA THR A 190 -14.67 -7.91 40.70
C THR A 190 -14.64 -7.65 42.22
N THR A 191 -13.67 -6.85 42.67
CA THR A 191 -13.62 -6.58 44.07
C THR A 191 -14.80 -5.71 44.45
N HIS A 192 -15.07 -4.68 43.65
CA HIS A 192 -16.21 -3.82 43.90
C HIS A 192 -17.51 -4.53 43.87
N THR A 193 -17.67 -5.45 42.96
CA THR A 193 -18.98 -6.00 42.78
C THR A 193 -19.19 -7.03 43.86
N THR A 194 -18.10 -7.69 44.27
CA THR A 194 -18.18 -8.85 45.18
C THR A 194 -18.09 -8.49 46.66
N LEU A 195 -17.54 -7.32 46.94
CA LEU A 195 -17.30 -6.88 48.30
C LEU A 195 -18.45 -7.11 49.29
N GLU A 196 -19.65 -6.60 49.00
CA GLU A 196 -20.76 -6.69 49.99
C GLU A 196 -21.38 -8.09 50.01
N HIS A 197 -20.79 -9.04 49.29
CA HIS A 197 -21.39 -10.37 49.20
C HIS A 197 -20.57 -11.43 49.82
N SER A 198 -19.37 -11.06 50.25
CA SER A 198 -18.45 -12.03 50.83
C SER A 198 -18.17 -11.73 52.31
N ASP A 199 -17.90 -12.75 53.09
CA ASP A 199 -17.71 -12.49 54.54
C ASP A 199 -16.26 -12.50 54.99
N CYS A 200 -15.44 -13.28 54.28
CA CYS A 200 -14.05 -13.38 54.59
C CYS A 200 -13.35 -13.82 53.33
N ALA A 201 -12.32 -13.09 52.93
CA ALA A 201 -11.60 -13.44 51.70
C ALA A 201 -10.13 -13.54 51.97
N PHE A 202 -9.57 -14.68 51.63
CA PHE A 202 -8.14 -14.87 51.71
C PHE A 202 -7.45 -14.64 50.38
N MET A 203 -6.69 -13.54 50.32
CA MET A 203 -5.93 -13.19 49.14
C MET A 203 -4.60 -13.95 49.14
N VAL A 204 -4.18 -14.38 47.97
CA VAL A 204 -2.88 -14.98 47.78
C VAL A 204 -2.21 -14.28 46.61
N ASP A 205 -1.19 -13.49 46.88
CA ASP A 205 -0.45 -12.81 45.86
C ASP A 205 0.48 -13.84 45.21
N ASN A 206 0.35 -14.01 43.89
CA ASN A 206 1.14 -15.01 43.19
C ASN A 206 2.63 -14.70 43.26
N GLU A 207 2.95 -13.42 43.45
CA GLU A 207 4.32 -12.96 43.53
C GLU A 207 4.95 -13.59 44.76
N ALA A 208 4.18 -13.59 45.85
CA ALA A 208 4.70 -14.02 47.13
C ALA A 208 4.95 -15.49 47.07
N ILE A 209 4.08 -16.25 46.41
CA ILE A 209 4.16 -17.71 46.34
CA ILE A 209 4.26 -17.70 46.44
C ILE A 209 5.30 -18.14 45.42
N TYR A 210 5.46 -17.36 44.36
CA TYR A 210 6.52 -17.59 43.40
C TYR A 210 7.86 -17.38 44.11
N ASP A 211 7.97 -16.29 44.85
CA ASP A 211 9.18 -16.00 45.62
C ASP A 211 9.49 -17.07 46.65
N ILE A 212 8.47 -17.51 47.38
CA ILE A 212 8.62 -18.57 48.34
C ILE A 212 9.09 -19.85 47.65
N CYS A 213 8.46 -20.26 46.55
CA CYS A 213 8.92 -21.44 45.81
C CYS A 213 10.38 -21.30 45.34
N ARG A 214 10.79 -20.10 44.93
CA ARG A 214 12.16 -19.88 44.50
C ARG A 214 13.15 -19.96 45.65
N ARG A 215 12.86 -19.19 46.70
CA ARG A 215 13.75 -18.99 47.80
C ARG A 215 13.84 -20.21 48.70
N ASN A 216 12.77 -20.99 48.82
CA ASN A 216 12.78 -22.11 49.74
C ASN A 216 12.73 -23.49 49.14
N LEU A 217 12.35 -23.61 47.88
CA LEU A 217 12.30 -24.93 47.27
C LEU A 217 13.37 -24.97 46.22
N ASP A 218 14.09 -23.86 46.12
CA ASP A 218 15.16 -23.70 45.17
C ASP A 218 14.79 -24.13 43.75
N ILE A 219 13.62 -23.64 43.33
CA ILE A 219 13.10 -23.83 42.01
C ILE A 219 13.33 -22.55 41.22
N GLU A 220 14.07 -22.72 40.13
CA GLU A 220 14.41 -21.65 39.18
C GLU A 220 13.15 -20.91 38.63
N ARG A 221 12.22 -21.65 38.05
CA ARG A 221 11.03 -21.12 37.45
C ARG A 221 9.88 -21.96 37.94
N PRO A 222 9.24 -21.56 39.03
CA PRO A 222 8.11 -22.34 39.58
C PRO A 222 6.93 -22.48 38.62
N THR A 223 6.33 -23.66 38.60
CA THR A 223 5.21 -23.93 37.74
C THR A 223 3.88 -23.65 38.48
N TYR A 224 2.76 -23.82 37.78
CA TYR A 224 1.49 -23.71 38.44
C TYR A 224 1.33 -24.83 39.44
N THR A 225 1.84 -26.00 39.09
CA THR A 225 1.76 -27.18 39.95
C THR A 225 2.43 -26.96 41.29
N ASN A 226 3.63 -26.31 41.27
CA ASN A 226 4.40 -25.92 42.50
C ASN A 226 3.66 -24.94 43.34
N LEU A 227 3.23 -23.86 42.69
CA LEU A 227 2.48 -22.79 43.34
C LEU A 227 1.24 -23.34 43.96
N ASN A 228 0.54 -24.15 43.19
CA ASN A 228 -0.73 -24.68 43.61
C ASN A 228 -0.63 -25.63 44.79
N ARG A 229 0.38 -26.48 44.78
CA ARG A 229 0.64 -27.40 45.88
C ARG A 229 0.97 -26.66 47.21
N LEU A 230 1.75 -25.61 47.11
CA LEU A 230 1.96 -24.78 48.24
C LEU A 230 0.66 -24.09 48.69
N ILE A 231 -0.11 -23.54 47.74
CA ILE A 231 -1.33 -22.82 48.11
C ILE A 231 -2.26 -23.80 48.76
N SER A 232 -2.26 -25.03 48.23
CA SER A 232 -3.10 -26.05 48.85
C SER A 232 -2.72 -26.47 50.27
N GLN A 233 -1.43 -26.48 50.57
CA GLN A 233 -1.03 -26.59 51.96
C GLN A 233 -1.66 -25.49 52.78
N ILE A 234 -1.67 -24.25 52.30
CA ILE A 234 -2.25 -23.19 53.12
C ILE A 234 -3.75 -23.35 53.27
N VAL A 235 -4.46 -23.58 52.16
CA VAL A 235 -5.90 -23.77 52.21
C VAL A 235 -6.27 -24.92 53.14
N SER A 236 -5.51 -26.01 53.03
CA SER A 236 -5.73 -27.15 53.92
C SER A 236 -5.62 -26.73 55.38
N SER A 237 -4.53 -26.03 55.75
CA SER A 237 -4.42 -25.52 57.11
C SER A 237 -5.65 -24.71 57.51
N ILE A 238 -6.11 -23.83 56.64
CA ILE A 238 -7.22 -22.98 56.97
C ILE A 238 -8.52 -23.79 57.09
N THR A 239 -8.65 -24.86 56.29
CA THR A 239 -9.92 -25.58 56.25
C THR A 239 -9.89 -26.78 57.11
N ALA A 240 -8.69 -27.13 57.62
CA ALA A 240 -8.53 -28.29 58.51
C ALA A 240 -9.48 -28.33 59.72
N SER A 241 -9.92 -27.17 60.19
CA SER A 241 -10.77 -27.10 61.34
C SER A 241 -12.24 -27.35 60.99
N LEU A 242 -12.56 -27.46 59.71
CA LEU A 242 -13.94 -27.81 59.35
C LEU A 242 -14.05 -29.32 59.09
N ARG A 243 -12.92 -29.98 58.88
CA ARG A 243 -12.94 -31.35 58.44
C ARG A 243 -12.41 -32.30 59.50
N PHE A 244 -11.85 -31.71 60.55
CA PHE A 244 -11.34 -32.47 61.69
C PHE A 244 -11.98 -32.07 63.01
N ASP A 245 -11.88 -32.99 63.96
CA ASP A 245 -12.31 -32.73 65.30
C ASP A 245 -11.50 -31.56 65.85
N GLY A 246 -12.16 -30.55 66.40
CA GLY A 246 -11.45 -29.42 67.05
C GLY A 246 -12.47 -28.46 67.63
N ALA A 247 -11.98 -27.29 68.11
CA ALA A 247 -12.88 -26.35 68.83
C ALA A 247 -12.59 -24.94 68.44
N LEU A 248 -11.69 -24.77 67.47
CA LEU A 248 -11.51 -23.45 66.91
C LEU A 248 -11.80 -23.43 65.41
N ASN A 249 -12.52 -22.40 64.97
CA ASN A 249 -12.95 -22.23 63.58
C ASN A 249 -13.65 -23.48 63.11
N VAL A 250 -14.79 -23.78 63.73
CA VAL A 250 -15.50 -25.05 63.52
CA VAL A 250 -15.48 -25.06 63.48
C VAL A 250 -16.59 -24.93 62.44
N ASP A 251 -17.03 -23.70 62.21
CA ASP A 251 -17.93 -23.36 61.13
C ASP A 251 -17.47 -22.07 60.46
N LEU A 252 -17.94 -21.84 59.24
CA LEU A 252 -17.61 -20.60 58.50
C LEU A 252 -18.00 -19.30 59.20
N THR A 253 -19.01 -19.38 60.07
CA THR A 253 -19.47 -18.21 60.83
C THR A 253 -18.39 -17.82 61.80
N GLU A 254 -17.64 -18.81 62.23
CA GLU A 254 -16.58 -18.55 63.15
C GLU A 254 -15.37 -17.81 62.54
N PHE A 255 -15.11 -18.01 61.24
CA PHE A 255 -14.11 -17.18 60.54
C PHE A 255 -14.44 -15.69 60.62
N GLN A 256 -15.70 -15.38 60.39
CA GLN A 256 -16.14 -14.00 60.44
C GLN A 256 -16.02 -13.45 61.85
N THR A 257 -16.59 -14.17 62.82
CA THR A 257 -16.55 -13.83 64.24
C THR A 257 -15.12 -13.55 64.69
N ASN A 258 -14.20 -14.45 64.39
CA ASN A 258 -12.82 -14.33 64.89
C ASN A 258 -11.84 -13.45 64.14
N LEU A 259 -12.16 -13.11 62.90
CA LEU A 259 -11.18 -12.43 62.08
C LEU A 259 -11.67 -11.12 61.51
N VAL A 260 -12.97 -10.85 61.64
CA VAL A 260 -13.58 -9.74 60.92
C VAL A 260 -14.57 -8.95 61.78
N PRO A 261 -14.07 -7.98 62.53
CA PRO A 261 -14.93 -7.04 63.25
C PRO A 261 -15.68 -6.05 62.36
N TYR A 262 -15.01 -5.48 61.37
CA TYR A 262 -15.67 -4.65 60.35
C TYR A 262 -15.96 -5.47 59.10
N PRO A 263 -17.22 -5.46 58.64
CA PRO A 263 -17.63 -6.27 57.49
C PRO A 263 -16.82 -6.02 56.19
N ARG A 264 -16.41 -4.77 55.94
CA ARG A 264 -15.69 -4.43 54.72
C ARG A 264 -14.23 -4.87 54.78
N ILE A 265 -13.64 -4.77 55.96
CA ILE A 265 -12.25 -5.13 56.14
C ILE A 265 -12.14 -6.60 56.40
N HIS A 266 -12.43 -7.42 55.39
CA HIS A 266 -12.53 -8.85 55.59
C HIS A 266 -11.50 -9.62 54.84
N PHE A 267 -10.29 -9.08 54.77
CA PHE A 267 -9.19 -9.76 54.06
C PHE A 267 -8.05 -10.03 55.04
N PRO A 268 -8.06 -11.19 55.69
CA PRO A 268 -6.98 -11.51 56.59
C PRO A 268 -5.75 -12.00 55.85
N LEU A 269 -4.59 -11.47 56.25
CA LEU A 269 -3.29 -11.91 55.78
C LEU A 269 -2.90 -13.30 56.34
N ALA A 270 -2.47 -14.21 55.47
CA ALA A 270 -2.06 -15.52 55.86
C ALA A 270 -0.55 -15.61 55.81
N THR A 271 0.03 -16.25 56.82
CA THR A 271 1.46 -16.48 56.84
C THR A 271 1.64 -17.93 57.13
N TYR A 272 2.65 -18.56 56.52
CA TYR A 272 2.81 -20.01 56.69
C TYR A 272 4.25 -20.42 56.82
N ALA A 273 4.52 -21.42 57.66
CA ALA A 273 5.89 -21.95 57.79
C ALA A 273 5.88 -23.28 58.50
N PRO A 274 6.79 -24.16 58.13
CA PRO A 274 7.88 -23.93 57.23
C PRO A 274 7.73 -24.57 55.88
N VAL A 275 8.45 -24.04 54.91
CA VAL A 275 8.41 -24.59 53.57
C VAL A 275 9.77 -25.19 53.27
N ILE A 276 9.82 -26.49 53.04
CA ILE A 276 11.10 -27.13 52.97
C ILE A 276 11.20 -28.02 51.76
N SER A 277 12.30 -27.90 51.03
CA SER A 277 12.54 -28.68 49.84
C SER A 277 12.73 -30.20 50.08
N ALA A 278 12.11 -30.99 49.21
CA ALA A 278 12.21 -32.43 49.26
C ALA A 278 13.58 -32.93 48.75
N GLU A 279 14.39 -32.07 48.14
CA GLU A 279 15.69 -32.48 47.64
C GLU A 279 16.69 -31.80 48.50
N LYS A 280 16.26 -31.37 49.69
CA LYS A 280 17.20 -30.89 50.69
C LYS A 280 17.67 -32.16 51.41
N ALA A 281 18.91 -32.55 51.10
CA ALA A 281 19.50 -33.80 51.60
C ALA A 281 19.58 -33.82 53.13
N TYR A 282 20.24 -32.81 53.70
CA TYR A 282 20.32 -32.64 55.14
C TYR A 282 19.38 -31.53 55.65
N HIS A 283 18.35 -31.92 56.40
CA HIS A 283 17.48 -30.93 56.99
C HIS A 283 17.25 -31.00 58.47
N GLU A 284 17.69 -29.93 59.16
CA GLU A 284 17.45 -29.70 60.60
C GLU A 284 16.05 -29.28 60.93
N GLN A 285 15.28 -30.22 61.44
CA GLN A 285 13.90 -29.98 61.80
C GLN A 285 13.77 -28.81 62.76
N LEU A 286 12.93 -27.84 62.40
CA LEU A 286 12.74 -26.57 63.13
C LEU A 286 11.78 -26.67 64.31
N SER A 287 11.78 -25.66 65.16
CA SER A 287 11.10 -25.77 66.43
C SER A 287 9.89 -24.86 66.46
N VAL A 288 9.05 -25.04 67.47
CA VAL A 288 7.87 -24.22 67.69
C VAL A 288 8.21 -22.76 67.67
N ALA A 289 9.20 -22.40 68.48
CA ALA A 289 9.66 -21.02 68.56
C ALA A 289 10.01 -20.50 67.17
N GLU A 290 10.87 -21.24 66.48
CA GLU A 290 11.37 -20.88 65.15
C GLU A 290 10.29 -20.66 64.04
N ILE A 291 9.33 -21.58 63.94
CA ILE A 291 8.22 -21.49 63.00
C ILE A 291 7.18 -20.45 63.37
N THR A 292 6.90 -20.28 64.65
CA THR A 292 6.00 -19.22 65.08
C THR A 292 6.63 -17.88 64.80
N ASN A 293 7.95 -17.83 64.99
CA ASN A 293 8.69 -16.61 64.77
C ASN A 293 8.65 -16.25 63.29
N ALA A 294 8.67 -17.28 62.46
CA ALA A 294 8.66 -17.08 61.01
C ALA A 294 7.35 -16.47 60.49
N CYS A 295 6.36 -16.41 61.37
CA CYS A 295 5.04 -15.91 61.06
C CYS A 295 5.05 -14.44 61.10
N PHE A 296 6.22 -13.86 61.38
CA PHE A 296 6.29 -12.39 61.45
C PHE A 296 7.34 -11.90 60.49
N GLU A 297 7.78 -12.81 59.62
CA GLU A 297 8.56 -12.42 58.47
C GLU A 297 7.70 -12.25 57.24
N PRO A 298 7.80 -11.10 56.60
CA PRO A 298 7.14 -10.85 55.33
C PRO A 298 7.42 -11.91 54.26
N ALA A 299 8.62 -12.43 54.26
CA ALA A 299 9.04 -13.38 53.24
C ALA A 299 8.24 -14.67 53.26
N ASN A 300 7.38 -14.80 54.27
CA ASN A 300 6.55 -15.98 54.48
C ASN A 300 5.03 -15.69 54.35
N GLN A 301 4.68 -14.43 54.22
CA GLN A 301 3.32 -13.97 54.02
C GLN A 301 2.77 -14.27 52.62
N MET A 302 1.48 -14.56 52.57
CA MET A 302 0.82 -14.82 51.32
CA MET A 302 0.80 -14.83 51.32
C MET A 302 0.69 -13.56 50.48
N VAL A 303 0.85 -12.39 51.12
CA VAL A 303 0.86 -11.13 50.42
C VAL A 303 1.98 -10.32 51.00
N LYS A 304 2.96 -9.93 50.21
CA LYS A 304 4.02 -9.12 50.76
C LYS A 304 3.53 -7.75 51.17
N CYS A 305 3.88 -7.36 52.38
CA CYS A 305 3.41 -6.10 52.98
C CYS A 305 4.17 -6.08 54.31
N ASP A 306 4.11 -4.97 55.01
CA ASP A 306 4.88 -4.83 56.19
C ASP A 306 3.97 -4.48 57.35
N PRO A 307 3.60 -5.48 58.13
CA PRO A 307 2.67 -5.37 59.26
C PRO A 307 3.22 -4.52 60.42
N ARG A 308 4.53 -4.30 60.49
CA ARG A 308 5.06 -3.44 61.53
C ARG A 308 4.42 -2.07 61.39
N HIS A 309 3.96 -1.75 60.20
CA HIS A 309 3.47 -0.41 59.92
C HIS A 309 1.98 -0.40 59.76
N GLY A 310 1.33 -1.28 60.47
CA GLY A 310 -0.12 -1.28 60.57
C GLY A 310 -0.59 -1.77 61.92
N LYS A 311 -1.88 -1.94 62.07
CA LYS A 311 -2.42 -2.44 63.31
C LYS A 311 -3.23 -3.70 63.08
N TYR A 312 -3.20 -4.56 64.09
CA TYR A 312 -3.92 -5.81 64.08
C TYR A 312 -5.34 -5.67 64.62
N MET A 313 -6.21 -6.58 64.19
CA MET A 313 -7.58 -6.59 64.64
C MET A 313 -7.91 -7.99 65.12
N ALA A 314 -7.07 -8.94 64.79
CA ALA A 314 -7.30 -10.32 65.15
C ALA A 314 -6.09 -11.13 64.76
N CYS A 315 -5.82 -12.20 65.50
CA CYS A 315 -4.73 -13.08 65.16
CA CYS A 315 -4.70 -13.07 65.23
C CYS A 315 -5.02 -14.49 65.57
N CYS A 316 -4.85 -15.41 64.61
CA CYS A 316 -5.18 -16.82 64.81
CA CYS A 316 -5.20 -16.80 64.80
C CYS A 316 -4.01 -17.67 64.43
N LEU A 317 -3.61 -18.53 65.32
CA LEU A 317 -2.50 -19.40 64.97
C LEU A 317 -3.05 -20.78 64.77
N LEU A 318 -2.58 -21.45 63.75
CA LEU A 318 -3.08 -22.80 63.49
C LEU A 318 -1.90 -23.72 63.30
N TYR A 319 -1.64 -24.59 64.27
CA TYR A 319 -0.50 -25.46 64.14
C TYR A 319 -0.96 -26.82 63.68
N ARG A 320 -0.07 -27.49 62.94
CA ARG A 320 -0.23 -28.88 62.61
C ARG A 320 1.05 -29.63 62.95
N GLY A 321 0.92 -30.57 63.87
CA GLY A 321 1.98 -31.51 64.16
C GLY A 321 2.31 -31.61 65.62
N ASP A 322 3.59 -31.87 65.88
CA ASP A 322 4.12 -32.06 67.23
C ASP A 322 4.21 -30.73 67.99
N VAL A 323 3.09 -30.29 68.53
CA VAL A 323 3.04 -29.01 69.15
C VAL A 323 2.16 -29.16 70.39
N VAL A 324 2.59 -28.55 71.49
CA VAL A 324 1.76 -28.43 72.71
C VAL A 324 1.73 -26.99 73.13
N PRO A 325 0.69 -26.60 73.89
CA PRO A 325 0.46 -25.17 74.23
C PRO A 325 1.63 -24.48 74.91
N LYS A 326 2.34 -25.24 75.76
CA LYS A 326 3.44 -24.69 76.54
C LYS A 326 4.47 -24.02 75.62
N ASP A 327 4.95 -24.77 74.61
CA ASP A 327 5.94 -24.24 73.67
C ASP A 327 5.41 -23.07 72.88
N VAL A 328 4.09 -23.06 72.67
CA VAL A 328 3.42 -21.99 71.94
C VAL A 328 3.50 -20.69 72.74
N ASN A 329 3.08 -20.76 73.99
CA ASN A 329 3.20 -19.58 74.87
C ASN A 329 4.62 -19.08 75.16
N ALA A 330 5.55 -20.02 75.28
CA ALA A 330 6.96 -19.66 75.32
C ALA A 330 7.40 -18.87 74.08
N ALA A 331 7.14 -19.43 72.88
CA ALA A 331 7.45 -18.71 71.63
C ALA A 331 6.77 -17.34 71.59
N ILE A 332 5.50 -17.26 71.99
CA ILE A 332 4.78 -15.96 71.99
C ILE A 332 5.43 -14.92 72.92
N ALA A 333 5.83 -15.42 74.09
CA ALA A 333 6.58 -14.66 75.07
C ALA A 333 7.81 -13.99 74.48
N THR A 334 8.71 -14.80 73.89
CA THR A 334 9.95 -14.30 73.30
C THR A 334 9.71 -13.34 72.14
N ILE A 335 8.77 -13.71 71.29
CA ILE A 335 8.38 -12.90 70.13
C ILE A 335 7.81 -11.54 70.55
N LYS A 336 6.96 -11.52 71.58
CA LYS A 336 6.32 -10.25 72.00
C LYS A 336 7.37 -9.19 72.37
N THR A 337 8.52 -9.67 72.85
CA THR A 337 9.55 -8.79 73.32
C THR A 337 10.53 -8.43 72.22
N LYS A 338 10.68 -9.26 71.18
CA LYS A 338 11.53 -8.86 70.05
C LYS A 338 10.80 -8.04 68.93
N ARG A 339 9.52 -8.34 68.66
CA ARG A 339 8.79 -7.72 67.55
C ARG A 339 7.85 -6.60 67.96
N SER A 340 7.55 -5.75 66.98
CA SER A 340 6.62 -4.65 67.11
C SER A 340 5.29 -5.20 66.62
N ILE A 341 4.34 -5.35 67.54
CA ILE A 341 3.06 -5.98 67.24
C ILE A 341 1.92 -5.19 67.84
N GLN A 342 1.49 -4.16 67.12
CA GLN A 342 0.50 -3.26 67.63
C GLN A 342 -0.89 -3.70 67.21
N PHE A 343 -1.78 -3.86 68.19
CA PHE A 343 -3.22 -4.01 67.95
C PHE A 343 -3.87 -2.66 68.04
N VAL A 344 -5.07 -2.55 67.47
CA VAL A 344 -5.85 -1.35 67.56
C VAL A 344 -6.36 -1.24 69.00
N ASP A 345 -6.70 -0.02 69.41
CA ASP A 345 -7.08 0.25 70.80
C ASP A 345 -8.33 -0.49 71.23
N TRP A 346 -9.25 -0.70 70.30
CA TRP A 346 -10.56 -1.27 70.61
C TRP A 346 -10.64 -2.76 70.38
N CYS A 347 -9.50 -3.43 70.59
CA CYS A 347 -9.44 -4.88 70.47
C CYS A 347 -8.30 -5.40 71.35
N PRO A 348 -8.44 -6.65 71.83
CA PRO A 348 -7.46 -7.29 72.72
C PRO A 348 -6.23 -7.76 72.01
N THR A 349 -5.07 -7.32 72.48
CA THR A 349 -3.80 -7.92 72.10
C THR A 349 -3.76 -9.39 72.55
N GLY A 350 -3.95 -10.32 71.62
CA GLY A 350 -3.90 -11.73 71.96
C GLY A 350 -3.98 -12.62 70.75
N PHE A 351 -4.13 -13.90 71.00
CA PHE A 351 -4.01 -14.91 70.01
C PHE A 351 -5.00 -16.03 70.25
N LYS A 352 -5.68 -16.45 69.21
CA LYS A 352 -6.48 -17.67 69.25
C LYS A 352 -5.70 -18.78 68.61
N VAL A 353 -5.32 -19.73 69.40
CA VAL A 353 -4.49 -20.83 68.95
C VAL A 353 -5.31 -22.10 68.71
N GLY A 354 -4.92 -22.89 67.73
CA GLY A 354 -5.56 -24.18 67.51
C GLY A 354 -4.51 -25.13 67.06
N ILE A 355 -4.60 -26.38 67.54
CA ILE A 355 -3.56 -27.38 67.22
C ILE A 355 -4.14 -28.68 66.71
N ASN A 356 -3.54 -29.26 65.69
CA ASN A 356 -3.93 -30.58 65.26
CA ASN A 356 -3.86 -30.57 65.23
C ASN A 356 -2.72 -31.48 65.29
N TYR A 357 -2.82 -32.60 66.00
CA TYR A 357 -1.64 -33.48 66.17
C TYR A 357 -1.16 -34.17 64.92
N GLN A 358 -2.02 -34.36 63.92
CA GLN A 358 -1.59 -34.90 62.63
C GLN A 358 -0.77 -33.83 61.88
N PRO A 359 0.49 -34.15 61.60
CA PRO A 359 1.38 -33.25 60.89
C PRO A 359 0.95 -33.15 59.44
N PRO A 360 1.44 -32.12 58.74
CA PRO A 360 1.14 -31.87 57.35
C PRO A 360 1.34 -33.08 56.49
N THR A 361 0.41 -33.25 55.57
CA THR A 361 0.55 -34.28 54.58
C THR A 361 1.16 -33.64 53.32
N VAL A 362 1.99 -34.40 52.61
CA VAL A 362 2.48 -33.86 51.35
C VAL A 362 2.29 -34.84 50.22
N VAL A 363 2.21 -34.29 49.02
CA VAL A 363 2.07 -35.12 47.85
C VAL A 363 3.40 -35.85 47.68
N PRO A 364 3.34 -37.19 47.57
CA PRO A 364 4.50 -38.00 47.25
C PRO A 364 5.05 -37.63 45.88
N GLY A 365 6.34 -37.34 45.82
CA GLY A 365 6.99 -36.87 44.58
C GLY A 365 6.75 -35.37 44.41
N GLY A 366 6.16 -34.77 45.44
CA GLY A 366 6.00 -33.34 45.47
C GLY A 366 7.33 -32.65 45.70
N ASP A 367 7.27 -31.36 46.00
CA ASP A 367 8.49 -30.60 46.16
C ASP A 367 8.59 -30.11 47.56
N LEU A 368 7.52 -30.33 48.32
CA LEU A 368 7.57 -30.05 49.75
C LEU A 368 7.97 -31.29 50.56
N ALA A 369 8.99 -31.10 51.39
CA ALA A 369 9.40 -32.14 52.34
C ALA A 369 8.37 -32.25 53.49
N LYS A 370 8.37 -33.41 54.15
CA LYS A 370 7.54 -33.63 55.35
C LYS A 370 8.20 -33.02 56.55
N VAL A 371 7.36 -32.41 57.36
CA VAL A 371 7.85 -31.72 58.52
C VAL A 371 7.14 -32.27 59.72
N GLN A 372 7.68 -32.01 60.90
CA GLN A 372 7.05 -32.49 62.13
CA GLN A 372 7.08 -32.50 62.15
C GLN A 372 6.09 -31.49 62.74
N ARG A 373 6.29 -30.23 62.40
CA ARG A 373 5.39 -29.21 62.87
C ARG A 373 5.30 -28.08 61.88
N ALA A 374 4.13 -27.46 61.80
CA ALA A 374 3.89 -26.38 60.85
C ALA A 374 2.85 -25.48 61.43
N VAL A 375 2.81 -24.24 60.95
CA VAL A 375 1.82 -23.31 61.42
C VAL A 375 1.35 -22.42 60.27
N CYS A 376 0.11 -21.95 60.39
CA CYS A 376 -0.41 -20.93 59.53
C CYS A 376 -1.00 -19.92 60.43
N MET A 377 -0.62 -18.67 60.24
CA MET A 377 -1.19 -17.59 60.99
C MET A 377 -2.18 -16.83 60.10
N LEU A 378 -3.35 -16.53 60.64
CA LEU A 378 -4.31 -15.66 60.01
C LEU A 378 -4.41 -14.42 60.82
N SER A 379 -3.89 -13.31 60.33
CA SER A 379 -4.09 -12.04 61.05
C SER A 379 -4.83 -11.04 60.19
N ASN A 380 -5.47 -10.10 60.83
CA ASN A 380 -6.10 -9.04 60.14
C ASN A 380 -5.33 -7.78 60.41
N THR A 381 -4.40 -7.44 59.53
CA THR A 381 -3.61 -6.19 59.63
C THR A 381 -4.09 -5.18 58.59
N THR A 382 -3.99 -3.91 58.95
CA THR A 382 -4.29 -2.89 57.99
C THR A 382 -3.22 -2.83 56.88
N ALA A 383 -2.12 -3.54 57.08
CA ALA A 383 -0.99 -3.45 56.19
C ALA A 383 -1.31 -4.04 54.84
N ILE A 384 -2.22 -5.00 54.82
CA ILE A 384 -2.67 -5.58 53.55
C ILE A 384 -3.24 -4.53 52.60
N ALA A 385 -3.63 -3.39 53.13
CA ALA A 385 -4.09 -2.33 52.28
C ALA A 385 -3.06 -1.90 51.27
N GLU A 386 -1.79 -2.16 51.58
CA GLU A 386 -0.70 -1.88 50.64
C GLU A 386 -0.99 -2.53 49.30
N ALA A 387 -1.47 -3.76 49.36
CA ALA A 387 -1.81 -4.51 48.17
C ALA A 387 -2.97 -3.87 47.39
N TRP A 388 -3.87 -3.18 48.07
CA TRP A 388 -4.89 -2.43 47.31
C TRP A 388 -4.30 -1.24 46.61
N ALA A 389 -3.40 -0.56 47.30
CA ALA A 389 -2.81 0.65 46.78
C ALA A 389 -1.99 0.39 45.54
N ARG A 390 -1.39 -0.79 45.47
CA ARG A 390 -0.57 -1.19 44.34
C ARG A 390 -1.52 -1.35 43.19
N LEU A 391 -2.54 -2.18 43.42
CA LEU A 391 -3.48 -2.56 42.39
C LEU A 391 -4.16 -1.33 41.80
N ASP A 392 -4.71 -0.52 42.69
CA ASP A 392 -5.34 0.72 42.29
C ASP A 392 -4.46 1.62 41.50
N HIS A 393 -3.22 1.75 41.90
CA HIS A 393 -2.34 2.64 41.15
C HIS A 393 -2.19 2.16 39.71
N LYS A 394 -2.02 0.86 39.52
CA LYS A 394 -1.89 0.31 38.18
C LYS A 394 -3.12 0.64 37.37
N PHE A 395 -4.30 0.48 37.99
CA PHE A 395 -5.57 0.81 37.39
C PHE A 395 -5.59 2.27 36.95
N ASP A 396 -5.09 3.14 37.83
CA ASP A 396 -5.13 4.57 37.56
C ASP A 396 -4.24 4.93 36.42
N LEU A 397 -3.17 4.19 36.28
CA LEU A 397 -2.24 4.45 35.22
C LEU A 397 -2.91 4.17 33.88
N MET A 398 -3.71 3.11 33.81
CA MET A 398 -4.27 2.72 32.52
C MET A 398 -5.55 3.49 32.24
N TYR A 399 -6.36 3.72 33.27
CA TYR A 399 -7.68 4.29 33.10
C TYR A 399 -7.66 5.76 32.79
N ALA A 400 -6.60 6.44 33.21
CA ALA A 400 -6.42 7.86 32.81
C ALA A 400 -6.39 8.07 31.28
N LYS A 401 -5.92 7.08 30.53
CA LYS A 401 -5.79 7.23 29.09
C LYS A 401 -6.88 6.40 28.47
N ARG A 402 -7.64 5.73 29.32
CA ARG A 402 -8.78 4.91 28.91
C ARG A 402 -8.35 3.70 28.16
N ALA A 403 -7.13 3.28 28.37
CA ALA A 403 -6.62 2.20 27.59
C ALA A 403 -7.41 0.95 27.86
N PHE A 404 -7.72 0.21 26.81
CA PHE A 404 -8.38 -1.11 26.92
C PHE A 404 -9.87 -1.08 27.30
N VAL A 405 -10.35 0.06 27.75
CA VAL A 405 -11.73 0.23 28.19
C VAL A 405 -12.75 -0.16 27.10
N HIS A 406 -12.41 0.12 25.84
CA HIS A 406 -13.32 -0.18 24.74
C HIS A 406 -13.70 -1.63 24.69
N TRP A 407 -12.83 -2.53 25.16
CA TRP A 407 -13.16 -3.99 25.15
C TRP A 407 -14.26 -4.30 26.13
N TYR A 408 -14.42 -3.43 27.11
CA TYR A 408 -15.34 -3.69 28.16
C TYR A 408 -16.70 -3.08 27.70
N VAL A 409 -16.67 -1.81 27.30
CA VAL A 409 -17.81 -1.12 26.70
C VAL A 409 -18.43 -1.91 25.60
N GLY A 410 -17.60 -2.52 24.77
CA GLY A 410 -18.05 -3.37 23.70
C GLY A 410 -18.85 -4.55 24.16
N GLU A 411 -18.84 -4.83 25.47
CA GLU A 411 -19.60 -6.00 25.95
C GLU A 411 -20.83 -5.57 26.71
N GLY A 412 -21.01 -4.27 26.86
CA GLY A 412 -22.25 -3.81 27.44
C GLY A 412 -22.06 -3.01 28.67
N MET A 413 -20.84 -2.99 29.15
CA MET A 413 -20.50 -2.26 30.33
C MET A 413 -20.38 -0.79 29.99
N GLU A 414 -20.61 0.05 30.99
CA GLU A 414 -20.48 1.47 30.81
C GLU A 414 -19.24 1.94 31.50
N GLU A 415 -18.66 3.02 30.99
CA GLU A 415 -17.46 3.56 31.52
C GLU A 415 -17.67 3.92 32.99
N GLY A 416 -18.92 4.03 33.41
CA GLY A 416 -19.28 4.49 34.77
C GLY A 416 -19.02 3.46 35.85
N GLU A 417 -19.15 2.17 35.50
CA GLU A 417 -18.84 1.09 36.39
C GLU A 417 -17.35 1.05 36.75
N PHE A 418 -16.50 1.60 35.91
CA PHE A 418 -15.10 1.75 36.21
C PHE A 418 -14.84 2.78 37.29
N SER A 419 -15.43 3.96 37.16
CA SER A 419 -15.18 5.05 38.11
C SER A 419 -15.91 4.73 39.43
N GLU A 420 -16.93 3.89 39.35
CA GLU A 420 -17.68 3.46 40.53
CA GLU A 420 -17.68 3.48 40.54
C GLU A 420 -16.88 2.43 41.32
N ALA A 421 -16.40 1.42 40.61
CA ALA A 421 -15.51 0.44 41.19
C ALA A 421 -14.33 1.14 41.86
N ARG A 422 -13.72 2.05 41.13
CA ARG A 422 -12.52 2.66 41.63
C ARG A 422 -12.84 3.49 42.87
N GLU A 423 -13.99 4.17 42.88
CA GLU A 423 -14.39 4.99 44.03
C GLU A 423 -14.59 4.13 45.26
N ASP A 424 -15.16 2.96 45.06
CA ASP A 424 -15.36 2.02 46.13
C ASP A 424 -14.01 1.61 46.73
N MET A 425 -13.01 1.36 45.88
CA MET A 425 -11.69 0.99 46.37
C MET A 425 -10.99 2.16 47.00
N ALA A 426 -11.33 3.37 46.58
CA ALA A 426 -10.71 4.55 47.21
C ALA A 426 -11.24 4.63 48.64
N ALA A 427 -12.55 4.35 48.77
CA ALA A 427 -13.22 4.31 50.07
C ALA A 427 -12.59 3.25 50.97
N LEU A 428 -12.29 2.07 50.40
CA LEU A 428 -11.68 0.97 51.14
C LEU A 428 -10.28 1.30 51.64
N GLU A 429 -9.46 1.89 50.77
CA GLU A 429 -8.16 2.38 51.19
C GLU A 429 -8.27 3.32 52.38
N LYS A 430 -9.21 4.25 52.30
CA LYS A 430 -9.49 5.21 53.38
C LYS A 430 -9.87 4.55 54.73
N ASP A 431 -10.76 3.56 54.67
CA ASP A 431 -11.17 2.81 55.85
C ASP A 431 -9.98 2.21 56.55
N TYR A 432 -9.11 1.53 55.79
CA TYR A 432 -7.89 0.98 56.38
C TYR A 432 -7.04 2.05 56.95
N GLU A 433 -7.04 3.23 56.34
CA GLU A 433 -6.27 4.38 56.80
C GLU A 433 -6.71 4.78 58.22
N GLU A 434 -8.02 4.84 58.45
CA GLU A 434 -8.52 5.13 59.79
C GLU A 434 -8.13 4.09 60.83
N VAL A 435 -8.64 2.87 60.64
CA VAL A 435 -8.44 1.79 61.59
C VAL A 435 -6.97 1.65 62.02
N GLY A 436 -6.03 1.89 61.10
CA GLY A 436 -4.64 1.57 61.35
C GLY A 436 -3.72 2.73 61.64
N VAL A 437 -4.10 3.94 61.25
CA VAL A 437 -3.14 5.03 61.41
C VAL A 437 -3.76 6.19 62.16
N ASP A 438 -2.88 7.01 62.74
CA ASP A 438 -3.20 8.10 63.67
C ASP A 438 -2.90 9.46 62.98
N SER A 439 -3.86 10.39 63.01
CA SER A 439 -3.77 11.69 62.27
C SER A 439 -2.73 12.70 62.83
N MET B 1 -13.28 -26.00 19.61
CA MET B 1 -11.85 -26.35 19.25
C MET B 1 -11.04 -25.19 18.59
N ARG B 2 -11.48 -23.97 18.84
CA ARG B 2 -10.82 -22.76 18.36
C ARG B 2 -10.12 -22.89 16.97
N GLU B 3 -10.93 -23.21 15.95
CA GLU B 3 -10.49 -23.30 14.56
C GLU B 3 -10.21 -21.93 13.98
N ILE B 4 -9.23 -21.84 13.08
CA ILE B 4 -9.04 -20.62 12.32
C ILE B 4 -9.29 -20.89 10.85
N VAL B 5 -9.96 -19.97 10.19
CA VAL B 5 -10.12 -20.08 8.75
C VAL B 5 -9.15 -19.14 8.08
N HIS B 6 -8.36 -19.69 7.18
CA HIS B 6 -7.32 -18.91 6.52
C HIS B 6 -7.71 -18.54 5.11
N ILE B 7 -7.48 -17.29 4.73
CA ILE B 7 -7.80 -16.87 3.38
C ILE B 7 -6.62 -16.16 2.76
N GLN B 8 -6.32 -16.49 1.52
CA GLN B 8 -5.21 -15.83 0.84
C GLN B 8 -5.64 -15.34 -0.51
N ALA B 9 -5.26 -14.11 -0.86
CA ALA B 9 -5.89 -13.46 -2.03
C ALA B 9 -4.88 -12.70 -2.81
N GLY B 10 -4.99 -12.78 -4.12
CA GLY B 10 -4.07 -12.08 -5.02
C GLY B 10 -2.72 -12.80 -5.15
N GLN B 11 -1.84 -12.20 -5.92
CA GLN B 11 -0.55 -12.81 -6.23
C GLN B 11 0.30 -12.94 -4.96
N CYS B 12 0.48 -11.81 -4.27
CA CYS B 12 1.31 -11.77 -3.07
C CYS B 12 0.69 -12.61 -1.99
N GLY B 13 -0.64 -12.42 -1.77
CA GLY B 13 -1.38 -13.13 -0.78
C GLY B 13 -1.29 -14.63 -0.94
N ASN B 14 -1.35 -15.10 -2.17
CA ASN B 14 -1.24 -16.56 -2.40
C ASN B 14 0.19 -17.09 -2.39
N GLN B 15 1.14 -16.24 -2.74
CA GLN B 15 2.53 -16.67 -2.75
C GLN B 15 3.05 -16.88 -1.33
N ILE B 16 2.78 -15.90 -0.49
CA ILE B 16 3.20 -16.01 0.90
CA ILE B 16 3.14 -15.94 0.91
C ILE B 16 2.30 -16.97 1.68
N GLY B 17 1.02 -17.07 1.35
CA GLY B 17 0.14 -18.02 1.99
C GLY B 17 0.66 -19.39 1.75
N ALA B 18 1.01 -19.68 0.50
CA ALA B 18 1.59 -20.98 0.11
C ALA B 18 2.87 -21.29 0.89
N LYS B 19 3.85 -20.40 0.88
CA LYS B 19 5.03 -20.62 1.72
C LYS B 19 4.62 -20.89 3.18
N PHE B 20 3.69 -20.09 3.71
CA PHE B 20 3.27 -20.25 5.08
C PHE B 20 2.89 -21.68 5.34
N TRP B 21 2.01 -22.20 4.52
CA TRP B 21 1.57 -23.57 4.68
C TRP B 21 2.69 -24.58 4.52
N GLU B 22 3.64 -24.34 3.61
CA GLU B 22 4.84 -25.18 3.52
CA GLU B 22 4.83 -25.19 3.51
C GLU B 22 5.55 -25.29 4.87
N VAL B 23 5.92 -24.14 5.44
CA VAL B 23 6.60 -24.08 6.71
C VAL B 23 5.83 -24.78 7.84
N ILE B 24 4.56 -24.43 8.07
CA ILE B 24 3.90 -24.97 9.23
C ILE B 24 3.49 -26.41 9.01
N SER B 25 3.32 -26.81 7.77
CA SER B 25 3.00 -28.19 7.54
C SER B 25 4.18 -29.04 7.90
N ASP B 26 5.39 -28.55 7.59
CA ASP B 26 6.61 -29.23 7.97
C ASP B 26 6.78 -29.27 9.51
N GLU B 27 6.42 -28.18 10.20
CA GLU B 27 6.55 -28.16 11.65
C GLU B 27 5.55 -29.12 12.30
N HIS B 28 4.45 -29.39 11.62
CA HIS B 28 3.44 -30.26 12.22
C HIS B 28 3.57 -31.66 11.73
N GLY B 29 4.55 -31.87 10.88
CA GLY B 29 4.87 -33.21 10.41
C GLY B 29 3.95 -33.73 9.32
N ILE B 30 3.26 -32.83 8.64
CA ILE B 30 2.42 -33.24 7.51
C ILE B 30 3.25 -33.15 6.26
N ASP B 31 3.11 -34.14 5.38
CA ASP B 31 3.84 -34.18 4.09
C ASP B 31 2.92 -33.70 2.94
N PRO B 32 3.47 -33.56 1.72
CA PRO B 32 2.68 -32.97 0.65
C PRO B 32 1.43 -33.75 0.29
N THR B 33 1.14 -34.81 1.04
CA THR B 33 0.04 -35.71 0.75
C THR B 33 -1.05 -35.54 1.79
N GLY B 34 -0.75 -34.68 2.77
CA GLY B 34 -1.63 -34.52 3.94
C GLY B 34 -1.53 -35.66 4.97
N SER B 35 -0.49 -36.49 4.82
CA SER B 35 -0.22 -37.62 5.70
C SER B 35 0.78 -37.27 6.79
N TYR B 36 0.42 -37.62 8.02
CA TYR B 36 1.24 -37.34 9.18
C TYR B 36 2.37 -38.35 9.41
N HIS B 37 3.60 -37.87 9.55
CA HIS B 37 4.74 -38.73 9.87
C HIS B 37 5.68 -38.05 10.81
N GLY B 38 5.12 -37.48 11.88
CA GLY B 38 5.91 -36.77 12.88
C GLY B 38 6.20 -37.69 14.06
N ASP B 39 6.97 -37.20 15.02
CA ASP B 39 7.45 -38.06 16.11
C ASP B 39 6.94 -37.65 17.50
N SER B 40 6.12 -36.60 17.55
CA SER B 40 5.61 -36.12 18.83
C SER B 40 4.12 -35.88 18.76
N ASP B 41 3.55 -35.49 19.86
CA ASP B 41 2.16 -35.22 19.83
C ASP B 41 2.01 -33.77 20.17
N LEU B 42 3.11 -33.11 20.41
CA LEU B 42 3.03 -31.69 20.52
C LEU B 42 2.71 -31.17 19.15
N GLN B 43 2.90 -31.98 18.14
CA GLN B 43 2.64 -31.56 16.80
C GLN B 43 1.17 -31.69 16.54
N LEU B 44 0.54 -32.60 17.24
CA LEU B 44 -0.83 -32.92 16.92
C LEU B 44 -1.84 -32.41 17.91
N GLU B 45 -1.41 -31.86 19.04
CA GLU B 45 -2.37 -31.56 20.09
C GLU B 45 -3.28 -30.42 19.65
N ARG B 46 -2.75 -29.44 18.95
CA ARG B 46 -3.57 -28.32 18.48
C ARG B 46 -3.58 -28.19 16.97
N ILE B 47 -3.41 -29.31 16.29
CA ILE B 47 -3.28 -29.34 14.84
C ILE B 47 -4.58 -28.83 14.20
N ASN B 48 -5.66 -28.81 14.98
CA ASN B 48 -6.99 -28.49 14.48
CA ASN B 48 -6.95 -28.51 14.41
C ASN B 48 -7.25 -27.00 14.33
N VAL B 49 -6.33 -26.17 14.82
CA VAL B 49 -6.47 -24.73 14.68
C VAL B 49 -6.38 -24.36 13.17
N TYR B 50 -5.58 -25.13 12.45
CA TYR B 50 -5.28 -24.84 11.08
C TYR B 50 -5.64 -25.95 10.13
N TYR B 51 -5.84 -27.16 10.63
CA TYR B 51 -6.07 -28.31 9.74
C TYR B 51 -7.35 -29.10 10.05
N ASN B 52 -8.11 -29.42 9.01
CA ASN B 52 -9.26 -30.30 9.12
C ASN B 52 -8.84 -31.74 8.93
N GLU B 53 -9.54 -32.66 9.58
CA GLU B 53 -9.21 -34.08 9.38
C GLU B 53 -9.84 -34.75 8.17
N ALA B 54 -9.18 -35.78 7.64
CA ALA B 54 -9.70 -36.49 6.48
C ALA B 54 -10.29 -37.86 6.78
N THR B 55 -10.91 -38.44 5.76
CA THR B 55 -11.53 -39.76 5.82
C THR B 55 -10.52 -40.86 6.20
N GLY B 56 -9.36 -40.84 5.53
CA GLY B 56 -8.26 -41.74 5.88
C GLY B 56 -7.43 -41.22 7.04
N ASN B 57 -7.99 -40.29 7.82
CA ASN B 57 -7.23 -39.46 8.78
C ASN B 57 -6.00 -38.80 8.10
N LYS B 58 -6.29 -37.99 7.08
CA LYS B 58 -5.32 -37.02 6.53
C LYS B 58 -5.64 -35.62 7.08
N TYR B 59 -4.68 -34.72 6.95
CA TYR B 59 -4.88 -33.34 7.41
C TYR B 59 -4.89 -32.40 6.25
N VAL B 60 -5.92 -31.55 6.21
CA VAL B 60 -6.11 -30.67 5.09
C VAL B 60 -6.35 -29.26 5.58
N PRO B 61 -5.50 -28.33 5.12
CA PRO B 61 -5.52 -26.94 5.57
C PRO B 61 -6.90 -26.31 5.47
N ARG B 62 -7.27 -25.56 6.48
CA ARG B 62 -8.49 -24.82 6.48
C ARG B 62 -8.19 -23.52 5.77
N ALA B 63 -8.00 -23.62 4.47
CA ALA B 63 -7.49 -22.54 3.67
C ALA B 63 -8.34 -22.31 2.43
N ILE B 64 -8.54 -21.05 2.09
CA ILE B 64 -9.29 -20.72 0.93
C ILE B 64 -8.40 -19.84 0.12
N LEU B 65 -8.26 -20.20 -1.15
CA LEU B 65 -7.36 -19.54 -2.08
C LEU B 65 -8.18 -18.73 -3.10
N VAL B 66 -7.89 -17.44 -3.19
CA VAL B 66 -8.66 -16.57 -3.99
C VAL B 66 -7.84 -15.71 -4.94
N ASP B 67 -8.28 -15.58 -6.17
CA ASP B 67 -7.66 -14.67 -7.11
C ASP B 67 -8.60 -14.31 -8.27
N LEU B 68 -8.34 -13.21 -8.94
CA LEU B 68 -9.23 -12.79 -9.99
C LEU B 68 -8.66 -13.23 -11.35
N GLU B 69 -7.52 -13.91 -11.30
CA GLU B 69 -6.97 -14.53 -12.49
C GLU B 69 -6.34 -15.76 -11.97
N PRO B 70 -5.99 -16.71 -12.85
CA PRO B 70 -5.64 -18.05 -12.36
C PRO B 70 -4.16 -18.33 -12.22
N GLY B 71 -3.31 -17.48 -12.80
CA GLY B 71 -1.85 -17.79 -12.91
C GLY B 71 -1.20 -18.33 -11.64
N THR B 72 -1.16 -17.48 -10.62
CA THR B 72 -0.53 -17.77 -9.34
C THR B 72 -1.08 -19.05 -8.72
N MET B 73 -2.38 -19.23 -8.78
CA MET B 73 -2.96 -20.44 -8.23
C MET B 73 -2.62 -21.70 -9.00
N ASP B 74 -2.36 -21.54 -10.29
CA ASP B 74 -1.84 -22.65 -11.08
C ASP B 74 -0.48 -22.95 -10.54
N SER B 75 0.30 -21.91 -10.26
CA SER B 75 1.64 -22.10 -9.66
C SER B 75 1.61 -22.74 -8.27
N VAL B 76 0.67 -22.27 -7.44
CA VAL B 76 0.55 -22.78 -6.09
C VAL B 76 0.28 -24.27 -6.19
N ARG B 77 -0.65 -24.62 -7.07
CA ARG B 77 -1.08 -25.99 -7.24
C ARG B 77 0.07 -26.90 -7.70
N SER B 78 0.90 -26.38 -8.61
CA SER B 78 2.02 -27.13 -9.17
C SER B 78 3.28 -27.00 -8.34
N GLY B 79 3.18 -26.30 -7.21
CA GLY B 79 4.30 -26.14 -6.31
C GLY B 79 4.41 -27.33 -5.40
N PRO B 80 5.43 -27.34 -4.53
CA PRO B 80 5.77 -28.47 -3.63
C PRO B 80 4.56 -29.03 -2.83
N PHE B 81 3.88 -28.15 -2.09
CA PHE B 81 2.77 -28.61 -1.26
C PHE B 81 1.43 -28.35 -1.92
N GLY B 82 1.44 -28.15 -3.23
CA GLY B 82 0.21 -27.79 -3.97
C GLY B 82 -1.01 -28.69 -3.78
N GLN B 83 -0.78 -29.98 -3.63
CA GLN B 83 -1.89 -30.91 -3.63
C GLN B 83 -2.52 -31.09 -2.27
N ILE B 84 -1.98 -30.40 -1.29
CA ILE B 84 -2.51 -30.53 0.07
C ILE B 84 -3.86 -29.86 0.23
N PHE B 85 -4.06 -28.79 -0.54
CA PHE B 85 -5.26 -27.97 -0.43
C PHE B 85 -6.50 -28.67 -0.96
N ARG B 86 -7.62 -28.40 -0.32
CA ARG B 86 -8.92 -28.77 -0.84
C ARG B 86 -9.17 -28.11 -2.20
N PRO B 87 -9.42 -28.91 -3.26
CA PRO B 87 -9.53 -28.33 -4.61
C PRO B 87 -10.80 -27.48 -4.76
N ASP B 88 -11.85 -27.80 -4.02
CA ASP B 88 -13.04 -26.97 -4.02
C ASP B 88 -12.74 -25.60 -3.49
N ASN B 89 -11.58 -25.46 -2.85
CA ASN B 89 -11.21 -24.26 -2.14
C ASN B 89 -10.40 -23.28 -2.93
N PHE B 90 -10.23 -23.57 -4.22
CA PHE B 90 -9.65 -22.62 -5.15
C PHE B 90 -10.76 -21.82 -5.82
N VAL B 91 -10.82 -20.52 -5.58
CA VAL B 91 -11.87 -19.70 -6.14
C VAL B 91 -11.26 -18.58 -6.96
N PHE B 92 -11.57 -18.55 -8.25
CA PHE B 92 -10.91 -17.58 -9.15
C PHE B 92 -11.70 -17.16 -10.36
N GLY B 93 -11.49 -15.92 -10.79
CA GLY B 93 -11.98 -15.47 -12.08
C GLY B 93 -10.94 -15.55 -13.17
N GLN B 94 -11.21 -14.90 -14.29
CA GLN B 94 -10.33 -14.98 -15.44
C GLN B 94 -9.70 -13.66 -15.86
N SER B 95 -10.31 -12.57 -15.49
CA SER B 95 -10.02 -11.28 -16.06
C SER B 95 -8.91 -10.50 -15.35
N GLY B 96 -8.62 -10.81 -14.09
CA GLY B 96 -7.66 -9.99 -13.36
C GLY B 96 -8.22 -8.69 -12.79
N ALA B 97 -7.34 -7.89 -12.17
CA ALA B 97 -7.74 -6.67 -11.53
C ALA B 97 -6.82 -5.54 -11.81
N GLY B 98 -5.81 -5.76 -12.66
CA GLY B 98 -5.00 -4.65 -13.19
C GLY B 98 -4.38 -3.71 -12.17
N ASN B 99 -3.97 -4.27 -11.02
CA ASN B 99 -3.38 -3.42 -9.97
C ASN B 99 -4.28 -2.25 -9.60
N ASN B 100 -5.58 -2.53 -9.61
CA ASN B 100 -6.58 -1.48 -9.44
C ASN B 100 -7.50 -1.85 -8.28
N TRP B 101 -7.42 -1.09 -7.19
CA TRP B 101 -8.24 -1.34 -6.00
C TRP B 101 -9.75 -1.39 -6.36
N ALA B 102 -10.19 -0.42 -7.16
CA ALA B 102 -11.58 -0.33 -7.63
C ALA B 102 -12.11 -1.57 -8.32
N LYS B 103 -11.29 -2.20 -9.12
CA LYS B 103 -11.73 -3.46 -9.75
CA LYS B 103 -11.71 -3.45 -9.76
C LYS B 103 -11.87 -4.57 -8.79
N GLY B 104 -11.02 -4.59 -7.75
CA GLY B 104 -11.09 -5.69 -6.78
C GLY B 104 -12.23 -5.45 -5.83
N HIS B 105 -12.50 -4.18 -5.51
CA HIS B 105 -13.49 -3.89 -4.50
C HIS B 105 -14.91 -3.78 -5.05
N TYR B 106 -15.05 -3.29 -6.28
CA TYR B 106 -16.31 -2.72 -6.73
C TYR B 106 -16.86 -3.40 -7.99
N THR B 107 -15.99 -3.73 -8.95
CA THR B 107 -16.45 -4.33 -10.20
C THR B 107 -16.09 -5.80 -10.32
N GLU B 108 -14.87 -6.08 -10.75
CA GLU B 108 -14.46 -7.47 -10.99
C GLU B 108 -14.57 -8.33 -9.74
N GLY B 109 -14.13 -7.80 -8.60
CA GLY B 109 -14.16 -8.57 -7.33
C GLY B 109 -15.53 -8.83 -6.75
N ALA B 110 -16.42 -7.87 -6.94
CA ALA B 110 -17.82 -8.07 -6.55
C ALA B 110 -18.48 -9.27 -7.18
N GLU B 111 -18.16 -9.52 -8.43
CA GLU B 111 -18.66 -10.69 -9.12
C GLU B 111 -18.15 -12.03 -8.58
N LEU B 112 -17.06 -12.07 -7.80
CA LEU B 112 -16.50 -13.35 -7.31
C LEU B 112 -16.71 -13.55 -5.82
N VAL B 113 -16.96 -12.46 -5.14
CA VAL B 113 -17.06 -12.49 -3.67
C VAL B 113 -18.03 -13.53 -3.12
N ASP B 114 -19.21 -13.67 -3.72
CA ASP B 114 -20.20 -14.61 -3.17
C ASP B 114 -19.75 -16.05 -3.23
N SER B 115 -19.15 -16.48 -4.33
CA SER B 115 -18.58 -17.82 -4.38
C SER B 115 -17.51 -17.99 -3.31
N VAL B 116 -16.75 -16.92 -3.02
CA VAL B 116 -15.75 -17.04 -1.95
C VAL B 116 -16.48 -17.20 -0.62
N LEU B 117 -17.46 -16.35 -0.36
CA LEU B 117 -18.28 -16.51 0.85
C LEU B 117 -18.98 -17.83 0.99
N ASP B 118 -19.23 -18.48 -0.13
CA ASP B 118 -19.77 -19.83 -0.08
C ASP B 118 -18.74 -20.80 0.48
N VAL B 119 -17.52 -20.74 -0.01
CA VAL B 119 -16.49 -21.64 0.53
C VAL B 119 -16.17 -21.33 2.02
N VAL B 120 -16.22 -20.05 2.36
CA VAL B 120 -16.04 -19.60 3.70
C VAL B 120 -17.11 -20.21 4.59
N ARG B 121 -18.36 -20.09 4.18
CA ARG B 121 -19.48 -20.61 4.96
C ARG B 121 -19.37 -22.12 5.16
N LYS B 122 -19.01 -22.81 4.09
CA LYS B 122 -18.78 -24.24 4.15
C LYS B 122 -17.66 -24.58 5.14
N GLU B 123 -16.66 -23.70 5.30
CA GLU B 123 -15.56 -24.03 6.20
C GLU B 123 -15.91 -23.65 7.62
N SER B 124 -16.64 -22.55 7.81
CA SER B 124 -17.07 -22.14 9.14
C SER B 124 -18.06 -23.11 9.75
N GLU B 125 -19.00 -23.59 8.94
CA GLU B 125 -20.13 -24.37 9.49
C GLU B 125 -19.70 -25.69 10.11
N SER B 126 -18.57 -26.24 9.69
CA SER B 126 -18.08 -27.44 10.32
C SER B 126 -17.00 -27.11 11.39
N CYS B 127 -17.09 -25.94 12.02
CA CYS B 127 -16.12 -25.59 13.07
C CYS B 127 -16.74 -25.70 14.42
N ASP B 128 -16.10 -26.50 15.26
CA ASP B 128 -16.55 -26.74 16.62
C ASP B 128 -16.63 -25.40 17.37
N CYS B 129 -15.58 -24.58 17.31
CA CYS B 129 -15.64 -23.24 17.88
C CYS B 129 -14.73 -22.30 17.10
N LEU B 130 -15.25 -21.63 16.09
CA LEU B 130 -14.36 -20.89 15.21
C LEU B 130 -13.87 -19.63 15.87
N GLN B 131 -12.57 -19.36 15.76
CA GLN B 131 -11.96 -18.22 16.45
C GLN B 131 -12.17 -17.01 15.61
N GLY B 132 -11.91 -17.17 14.33
CA GLY B 132 -11.90 -16.01 13.45
C GLY B 132 -11.18 -16.34 12.18
N PHE B 133 -10.71 -15.31 11.54
CA PHE B 133 -10.20 -15.46 10.19
C PHE B 133 -8.86 -14.81 10.07
N GLN B 134 -8.08 -15.33 9.14
CA GLN B 134 -6.74 -14.87 8.89
C GLN B 134 -6.60 -14.62 7.41
N LEU B 135 -6.29 -13.40 7.03
CA LEU B 135 -6.21 -13.10 5.62
C LEU B 135 -4.78 -12.74 5.26
N THR B 136 -4.23 -13.36 4.22
CA THR B 136 -2.94 -12.92 3.68
CA THR B 136 -2.92 -12.97 3.68
C THR B 136 -3.09 -12.16 2.37
N HIS B 137 -2.52 -10.98 2.32
CA HIS B 137 -2.67 -10.19 1.13
C HIS B 137 -1.68 -9.04 1.09
N SER B 138 -1.54 -8.42 -0.08
CA SER B 138 -0.82 -7.17 -0.18
C SER B 138 -1.82 -6.02 -0.37
N LEU B 139 -1.40 -4.79 -0.15
CA LEU B 139 -2.26 -3.68 -0.22
C LEU B 139 -1.99 -2.85 -1.42
N GLY B 140 -1.00 -3.25 -2.22
CA GLY B 140 -0.54 -2.41 -3.31
C GLY B 140 -1.11 -2.81 -4.66
N GLY B 141 -1.65 -4.03 -4.78
CA GLY B 141 -2.27 -4.48 -6.02
C GLY B 141 -3.78 -4.22 -6.05
N GLY B 142 -4.49 -5.11 -6.73
CA GLY B 142 -5.92 -4.90 -6.88
C GLY B 142 -6.73 -6.00 -6.24
N THR B 143 -6.30 -7.23 -6.39
CA THR B 143 -7.08 -8.33 -5.88
C THR B 143 -6.93 -8.40 -4.38
N GLY B 144 -5.72 -8.65 -3.87
CA GLY B 144 -5.54 -8.83 -2.43
C GLY B 144 -6.01 -7.62 -1.66
N SER B 145 -5.77 -6.45 -2.23
CA SER B 145 -6.11 -5.20 -1.61
CA SER B 145 -6.12 -5.22 -1.56
C SER B 145 -7.62 -4.83 -1.66
N GLY B 146 -8.15 -4.59 -2.88
CA GLY B 146 -9.57 -4.24 -3.11
C GLY B 146 -10.50 -5.37 -2.78
N MET B 147 -10.30 -6.51 -3.44
CA MET B 147 -11.12 -7.64 -3.15
C MET B 147 -10.89 -8.18 -1.75
N GLY B 148 -9.65 -8.10 -1.23
CA GLY B 148 -9.37 -8.58 0.13
C GLY B 148 -10.14 -7.80 1.19
N THR B 149 -10.09 -6.48 1.09
CA THR B 149 -10.91 -5.62 1.94
C THR B 149 -12.41 -5.79 1.79
N LEU B 150 -12.87 -5.92 0.55
CA LEU B 150 -14.28 -6.23 0.32
C LEU B 150 -14.69 -7.50 1.07
N LEU B 151 -13.89 -8.53 0.91
CA LEU B 151 -14.10 -9.79 1.62
C LEU B 151 -14.18 -9.59 3.13
N ILE B 152 -13.30 -8.76 3.67
CA ILE B 152 -13.26 -8.56 5.10
C ILE B 152 -14.58 -7.91 5.54
N SER B 153 -15.11 -7.00 4.74
CA SER B 153 -16.40 -6.40 5.00
CA SER B 153 -16.40 -6.38 5.00
C SER B 153 -17.49 -7.42 5.01
N LYS B 154 -17.52 -8.30 4.02
CA LYS B 154 -18.57 -9.28 3.96
C LYS B 154 -18.47 -10.24 5.13
N ILE B 155 -17.25 -10.62 5.46
CA ILE B 155 -17.09 -11.58 6.54
C ILE B 155 -17.51 -10.95 7.85
N ARG B 156 -17.19 -9.69 8.05
CA ARG B 156 -17.60 -9.00 9.24
C ARG B 156 -19.11 -8.93 9.32
N GLU B 157 -19.78 -8.87 8.16
CA GLU B 157 -21.22 -8.77 8.13
C GLU B 157 -21.80 -10.09 8.49
N GLU B 158 -21.24 -11.17 7.97
CA GLU B 158 -21.77 -12.47 8.26
C GLU B 158 -21.29 -13.08 9.62
N TYR B 159 -20.15 -12.61 10.14
CA TYR B 159 -19.61 -13.13 11.41
C TYR B 159 -19.06 -11.99 12.23
N PRO B 160 -19.94 -11.13 12.71
CA PRO B 160 -19.56 -9.88 13.32
C PRO B 160 -18.84 -10.03 14.64
N ASP B 161 -19.01 -11.18 15.26
CA ASP B 161 -18.45 -11.43 16.59
C ASP B 161 -17.30 -12.44 16.55
N ARG B 162 -16.75 -12.71 15.37
CA ARG B 162 -15.47 -13.40 15.17
C ARG B 162 -14.33 -12.40 14.95
N ILE B 163 -13.12 -12.88 15.16
CA ILE B 163 -11.96 -12.02 15.10
C ILE B 163 -11.47 -12.00 13.67
N MET B 164 -11.13 -10.82 13.18
CA MET B 164 -10.50 -10.72 11.87
C MET B 164 -9.03 -10.29 11.98
N ASN B 165 -8.17 -11.06 11.38
CA ASN B 165 -6.72 -10.84 11.48
C ASN B 165 -6.09 -10.79 10.09
N THR B 166 -5.26 -9.79 9.80
CA THR B 166 -4.55 -9.82 8.52
C THR B 166 -3.04 -9.79 8.63
N PHE B 167 -2.41 -10.48 7.69
CA PHE B 167 -1.02 -10.19 7.29
C PHE B 167 -1.05 -9.36 6.03
N SER B 168 -0.66 -8.12 6.17
CA SER B 168 -0.80 -7.13 5.12
C SER B 168 0.53 -6.58 4.63
N VAL B 169 0.89 -6.90 3.41
CA VAL B 169 2.13 -6.42 2.80
C VAL B 169 2.00 -5.03 2.24
N MET B 170 2.81 -4.11 2.78
CA MET B 170 2.78 -2.71 2.41
C MET B 170 3.79 -2.47 1.30
N PRO B 171 3.37 -1.68 0.30
CA PRO B 171 4.17 -1.38 -0.86
C PRO B 171 5.31 -0.42 -0.55
N SER B 172 6.32 -0.41 -1.41
CA SER B 172 7.43 0.52 -1.30
C SER B 172 7.98 0.75 -2.68
N PRO B 173 8.39 1.97 -2.96
CA PRO B 173 9.03 2.33 -4.27
C PRO B 173 10.24 1.44 -4.58
N LYS B 174 10.85 0.84 -3.58
CA LYS B 174 12.05 0.06 -3.77
C LYS B 174 11.75 -1.19 -4.46
N VAL B 175 10.56 -1.69 -4.25
CA VAL B 175 10.22 -3.01 -4.77
C VAL B 175 8.76 -2.88 -5.18
N SER B 176 8.55 -2.41 -6.41
CA SER B 176 7.30 -1.83 -6.81
C SER B 176 6.83 -2.37 -8.16
N ASP B 177 5.55 -2.68 -8.28
CA ASP B 177 4.95 -3.07 -9.55
C ASP B 177 4.45 -1.92 -10.38
N THR B 178 3.72 -0.99 -9.76
CA THR B 178 3.15 0.12 -10.50
C THR B 178 3.16 1.34 -9.65
N VAL B 179 2.89 2.48 -10.26
CA VAL B 179 2.85 3.74 -9.53
C VAL B 179 1.59 3.96 -8.70
N VAL B 180 0.54 3.20 -8.95
CA VAL B 180 -0.70 3.46 -8.22
C VAL B 180 -0.79 2.77 -6.86
N GLU B 181 0.26 2.08 -6.49
CA GLU B 181 0.37 1.39 -5.20
C GLU B 181 0.00 2.30 -3.96
N PRO B 182 0.44 3.52 -3.94
CA PRO B 182 -0.02 4.31 -2.81
C PRO B 182 -1.49 4.54 -2.77
N TYR B 183 -2.13 4.71 -3.92
CA TYR B 183 -3.58 4.88 -3.94
C TYR B 183 -4.21 3.63 -3.38
N ASN B 184 -3.80 2.48 -3.87
CA ASN B 184 -4.46 1.22 -3.50
C ASN B 184 -4.27 0.93 -2.04
N ALA B 185 -3.14 1.33 -1.49
CA ALA B 185 -2.83 1.05 -0.10
C ALA B 185 -3.54 2.02 0.82
N THR B 186 -3.68 3.27 0.41
CA THR B 186 -4.36 4.24 1.24
C THR B 186 -5.85 3.88 1.31
N LEU B 187 -6.41 3.42 0.20
CA LEU B 187 -7.79 2.97 0.21
C LEU B 187 -7.99 1.72 1.07
N SER B 188 -7.00 0.86 1.07
CA SER B 188 -7.09 -0.38 1.81
C SER B 188 -6.90 -0.21 3.33
N VAL B 189 -6.04 0.73 3.73
CA VAL B 189 -5.73 0.96 5.13
C VAL B 189 -6.99 1.48 5.84
N HIS B 190 -7.68 2.35 5.16
CA HIS B 190 -8.95 2.83 5.60
C HIS B 190 -9.94 1.74 5.91
N GLN B 191 -10.01 0.71 5.08
CA GLN B 191 -10.84 -0.42 5.44
C GLN B 191 -10.31 -1.18 6.66
N LEU B 192 -8.97 -1.33 6.74
CA LEU B 192 -8.34 -2.11 7.79
C LEU B 192 -8.49 -1.48 9.17
N VAL B 193 -8.41 -0.15 9.23
CA VAL B 193 -8.68 0.56 10.47
C VAL B 193 -10.07 0.29 11.05
N GLU B 194 -11.12 0.15 10.20
CA GLU B 194 -12.49 -0.08 10.69
C GLU B 194 -12.79 -1.55 10.86
N ASN B 195 -12.19 -2.41 10.02
CA ASN B 195 -12.66 -3.78 9.99
C ASN B 195 -11.74 -4.90 10.38
N THR B 196 -10.56 -4.61 10.95
CA THR B 196 -9.79 -5.69 11.51
C THR B 196 -9.56 -5.45 12.98
N ASP B 197 -9.20 -6.52 13.67
CA ASP B 197 -8.83 -6.45 15.07
C ASP B 197 -7.33 -6.44 15.20
N GLU B 198 -6.65 -7.20 14.32
CA GLU B 198 -5.18 -7.26 14.33
C GLU B 198 -4.63 -7.25 12.91
N THR B 199 -3.70 -6.35 12.65
CA THR B 199 -3.02 -6.36 11.38
C THR B 199 -1.49 -6.36 11.52
N TYR B 200 -0.87 -7.40 11.03
CA TYR B 200 0.61 -7.42 10.90
C TYR B 200 1.10 -6.68 9.65
N CYS B 201 1.77 -5.55 9.85
CA CYS B 201 2.24 -4.72 8.75
C CYS B 201 3.57 -5.21 8.32
N ILE B 202 3.61 -5.74 7.10
CA ILE B 202 4.80 -6.31 6.53
C ILE B 202 5.28 -5.45 5.42
N ASP B 203 6.30 -4.67 5.67
CA ASP B 203 6.71 -3.64 4.71
C ASP B 203 7.74 -4.21 3.77
N ASN B 204 7.58 -3.97 2.47
CA ASN B 204 8.45 -4.57 1.49
C ASN B 204 9.80 -3.83 1.43
N GLU B 205 9.79 -2.59 1.90
CA GLU B 205 10.99 -1.79 2.06
C GLU B 205 11.94 -2.48 3.05
N ALA B 206 11.44 -2.71 4.26
CA ALA B 206 12.17 -3.49 5.27
C ALA B 206 12.65 -4.86 4.77
N LEU B 207 11.80 -5.64 4.11
CA LEU B 207 12.23 -6.96 3.70
C LEU B 207 13.35 -6.87 2.68
N TYR B 208 13.31 -5.82 1.85
CA TYR B 208 14.36 -5.61 0.86
C TYR B 208 15.67 -5.32 1.57
N ASP B 209 15.64 -4.34 2.47
CA ASP B 209 16.79 -3.99 3.28
C ASP B 209 17.38 -5.11 4.10
N ILE B 210 16.56 -5.96 4.67
CA ILE B 210 17.11 -7.03 5.48
C ILE B 210 17.76 -7.99 4.49
N CYS B 211 17.24 -8.04 3.29
CA CYS B 211 17.73 -8.99 2.33
C CYS B 211 19.08 -8.51 1.74
N PHE B 212 19.30 -7.21 1.80
CA PHE B 212 20.34 -6.58 1.04
C PHE B 212 21.48 -6.15 1.96
N ARG B 213 21.14 -5.47 3.05
CA ARG B 213 22.14 -5.00 4.00
C ARG B 213 22.40 -5.96 5.13
N THR B 214 22.11 -7.24 4.97
CA THR B 214 22.24 -8.10 6.12
C THR B 214 22.41 -9.49 5.65
N LEU B 215 21.41 -10.03 4.97
CA LEU B 215 21.49 -11.39 4.46
C LEU B 215 22.56 -11.42 3.36
N LYS B 216 23.03 -10.21 2.99
CA LYS B 216 23.96 -10.06 1.88
C LYS B 216 23.44 -10.79 0.64
N LEU B 217 22.22 -10.44 0.22
CA LEU B 217 21.70 -10.85 -1.09
C LEU B 217 21.70 -9.59 -1.95
N THR B 218 22.42 -9.65 -3.04
CA THR B 218 22.67 -8.45 -3.79
C THR B 218 21.50 -8.18 -4.74
N THR B 219 20.88 -9.26 -5.23
CA THR B 219 19.66 -9.11 -6.03
C THR B 219 18.52 -9.99 -5.47
N PRO B 220 17.85 -9.47 -4.44
CA PRO B 220 16.81 -10.17 -3.65
C PRO B 220 15.52 -10.44 -4.46
N THR B 221 15.12 -11.70 -4.52
CA THR B 221 13.93 -12.09 -5.28
C THR B 221 12.72 -12.04 -4.36
N TYR B 222 11.52 -12.19 -4.91
CA TYR B 222 10.33 -12.22 -4.08
C TYR B 222 10.38 -13.42 -3.18
N GLY B 223 11.05 -14.49 -3.63
CA GLY B 223 11.29 -15.70 -2.80
C GLY B 223 12.15 -15.43 -1.56
N ASP B 224 13.14 -14.55 -1.71
CA ASP B 224 13.92 -14.13 -0.60
C ASP B 224 13.10 -13.38 0.45
N LEU B 225 12.25 -12.48 -0.03
CA LEU B 225 11.44 -11.68 0.83
C LEU B 225 10.40 -12.57 1.54
N ASN B 226 9.86 -13.51 0.77
CA ASN B 226 8.85 -14.40 1.26
C ASN B 226 9.37 -15.42 2.25
N HIS B 227 10.66 -15.57 2.26
CA HIS B 227 11.28 -16.47 3.20
C HIS B 227 11.32 -15.84 4.61
N LEU B 228 11.67 -14.56 4.71
CA LEU B 228 11.46 -13.78 5.89
C LEU B 228 9.99 -13.72 6.34
N VAL B 229 9.10 -13.50 5.38
CA VAL B 229 7.71 -13.40 5.72
C VAL B 229 7.24 -14.75 6.27
N SER B 230 7.69 -15.84 5.66
CA SER B 230 7.33 -17.18 6.08
C SER B 230 7.77 -17.46 7.53
N ALA B 231 9.02 -17.13 7.84
CA ALA B 231 9.55 -17.26 9.18
C ALA B 231 8.79 -16.42 10.19
N THR B 232 8.62 -15.13 9.91
CA THR B 232 7.81 -14.27 10.77
C THR B 232 6.39 -14.82 10.99
N MET B 233 5.73 -15.26 9.93
CA MET B 233 4.37 -15.76 10.08
C MET B 233 4.34 -17.04 10.94
N SER B 234 5.36 -17.87 10.78
CA SER B 234 5.40 -19.08 11.57
C SER B 234 5.62 -18.76 13.05
N GLY B 235 6.46 -17.76 13.34
CA GLY B 235 6.78 -17.36 14.71
C GLY B 235 5.61 -16.71 15.40
N VAL B 236 4.95 -15.85 14.65
CA VAL B 236 3.84 -15.10 15.15
C VAL B 236 2.64 -16.00 15.44
N THR B 237 2.62 -17.22 14.92
CA THR B 237 1.48 -18.13 15.14
C THR B 237 1.84 -19.31 15.96
N THR B 238 3.05 -19.34 16.52
CA THR B 238 3.53 -20.46 17.34
C THR B 238 2.62 -20.71 18.55
N CYS B 239 2.30 -19.66 19.29
CA CYS B 239 1.48 -19.81 20.44
C CYS B 239 0.03 -20.24 20.16
N LEU B 240 -0.41 -20.15 18.91
CA LEU B 240 -1.75 -20.63 18.56
C LEU B 240 -1.68 -22.07 18.15
N ARG B 241 -0.53 -22.48 17.64
CA ARG B 241 -0.40 -23.76 16.97
C ARG B 241 0.09 -24.83 17.90
N PHE B 242 0.61 -24.40 19.03
CA PHE B 242 1.27 -25.29 19.96
C PHE B 242 0.71 -25.17 21.38
N PRO B 243 0.77 -26.28 22.15
CA PRO B 243 0.37 -26.23 23.57
C PRO B 243 1.46 -25.61 24.45
N GLY B 244 1.07 -24.71 25.35
CA GLY B 244 2.01 -24.12 26.30
C GLY B 244 1.36 -23.86 27.63
N GLN B 245 2.09 -23.16 28.51
CA GLN B 245 1.51 -22.70 29.77
C GLN B 245 0.48 -21.59 29.50
N LEU B 246 0.66 -20.87 28.39
CA LEU B 246 -0.42 -20.04 27.85
C LEU B 246 -1.34 -20.84 26.93
N ASN B 247 -2.62 -20.51 27.01
CA ASN B 247 -3.58 -20.83 25.95
C ASN B 247 -3.64 -19.57 25.09
N ALA B 248 -2.99 -19.57 23.91
CA ALA B 248 -3.14 -18.42 23.03
C ALA B 248 -4.27 -18.58 22.02
N ASP B 249 -5.07 -17.52 21.89
CA ASP B 249 -6.07 -17.46 20.84
C ASP B 249 -6.15 -16.04 20.37
N LEU B 250 -6.80 -15.84 19.23
CA LEU B 250 -6.88 -14.54 18.63
C LEU B 250 -7.54 -13.44 19.43
N ARG B 251 -8.60 -13.78 20.15
CA ARG B 251 -9.33 -12.76 20.94
C ARG B 251 -8.53 -12.26 22.14
N LYS B 252 -7.90 -13.18 22.85
CA LYS B 252 -7.05 -12.80 23.99
C LYS B 252 -5.87 -11.97 23.57
N LEU B 253 -5.32 -12.34 22.41
CA LEU B 253 -4.28 -11.56 21.80
C LEU B 253 -4.76 -10.16 21.55
N ALA B 254 -5.94 -10.00 20.93
CA ALA B 254 -6.40 -8.67 20.58
C ALA B 254 -6.64 -7.86 21.83
N VAL B 255 -7.21 -8.48 22.86
CA VAL B 255 -7.48 -7.82 24.13
C VAL B 255 -6.23 -7.31 24.80
N ASN B 256 -5.17 -8.13 24.79
CA ASN B 256 -3.89 -7.73 25.42
C ASN B 256 -2.93 -6.90 24.57
N MET B 257 -3.14 -6.81 23.27
CA MET B 257 -2.25 -6.03 22.41
C MET B 257 -2.85 -4.74 21.92
N VAL B 258 -4.18 -4.58 21.99
CA VAL B 258 -4.82 -3.38 21.44
C VAL B 258 -5.56 -2.53 22.47
N PRO B 259 -4.93 -1.48 22.98
CA PRO B 259 -5.56 -0.65 24.00
C PRO B 259 -6.58 0.35 23.43
N PHE B 260 -6.43 0.71 22.16
CA PHE B 260 -7.35 1.61 21.47
C PHE B 260 -7.68 0.95 20.17
N PRO B 261 -8.97 0.87 19.84
CA PRO B 261 -9.47 -0.06 18.82
C PRO B 261 -8.85 0.17 17.43
N ARG B 262 -8.44 1.39 17.14
CA ARG B 262 -7.93 1.70 15.81
C ARG B 262 -6.47 1.42 15.70
N LEU B 263 -5.76 1.44 16.85
CA LEU B 263 -4.32 1.22 16.83
C LEU B 263 -4.05 -0.28 16.99
N HIS B 264 -4.36 -1.04 15.96
CA HIS B 264 -4.13 -2.48 16.00
C HIS B 264 -3.20 -2.93 14.90
N PHE B 265 -2.26 -2.06 14.50
CA PHE B 265 -1.27 -2.39 13.44
C PHE B 265 0.07 -2.72 14.02
N PHE B 266 0.50 -3.95 13.86
CA PHE B 266 1.68 -4.45 14.57
C PHE B 266 2.93 -4.56 13.71
N MET B 267 4.07 -4.18 14.31
CA MET B 267 5.40 -4.37 13.71
C MET B 267 5.93 -5.69 14.15
N PRO B 268 6.13 -6.62 13.23
CA PRO B 268 6.78 -7.86 13.61
C PRO B 268 8.31 -7.77 13.55
N GLY B 269 8.94 -8.69 14.29
CA GLY B 269 10.38 -8.75 14.44
C GLY B 269 10.81 -10.20 14.45
N PHE B 270 11.97 -10.46 13.91
CA PHE B 270 12.46 -11.81 13.95
C PHE B 270 13.98 -11.91 14.19
N ALA B 271 14.41 -13.01 14.81
CA ALA B 271 15.83 -13.31 14.98
C ALA B 271 16.00 -14.81 15.14
N PRO B 272 17.05 -15.36 14.53
CA PRO B 272 18.00 -14.71 13.63
C PRO B 272 17.51 -14.76 12.16
N LEU B 273 18.14 -13.97 11.31
CA LEU B 273 17.94 -14.01 9.88
C LEU B 273 18.96 -14.90 9.11
N GLN B 280 23.92 -21.48 9.06
CA GLN B 280 24.31 -21.20 10.44
C GLN B 280 24.26 -22.45 11.28
N TYR B 281 25.40 -22.68 11.92
CA TYR B 281 25.66 -23.86 12.73
C TYR B 281 25.82 -23.49 14.20
N ARG B 282 26.29 -22.26 14.46
CA ARG B 282 26.30 -21.69 15.81
C ARG B 282 24.89 -21.19 16.18
N ALA B 283 24.21 -21.92 17.07
CA ALA B 283 22.96 -21.38 17.65
C ALA B 283 23.20 -20.06 18.38
N LEU B 284 22.19 -19.20 18.38
CA LEU B 284 22.33 -17.94 19.08
C LEU B 284 22.10 -18.15 20.55
N THR B 285 22.72 -17.30 21.34
CA THR B 285 22.45 -17.28 22.77
C THR B 285 21.33 -16.28 23.06
N VAL B 286 20.53 -16.64 24.06
CA VAL B 286 19.48 -15.81 24.59
C VAL B 286 19.81 -14.31 24.58
N PRO B 287 21.02 -13.93 25.01
CA PRO B 287 21.27 -12.50 24.92
C PRO B 287 21.28 -11.94 23.52
N GLU B 288 21.65 -12.77 22.54
CA GLU B 288 21.75 -12.31 21.15
C GLU B 288 20.37 -12.24 20.50
N LEU B 289 19.58 -13.29 20.71
CA LEU B 289 18.18 -13.25 20.35
C LEU B 289 17.57 -11.94 20.79
N THR B 290 17.74 -11.62 22.08
CA THR B 290 17.09 -10.46 22.67
C THR B 290 17.57 -9.18 22.04
N GLN B 291 18.88 -9.01 21.88
CA GLN B 291 19.39 -7.81 21.24
C GLN B 291 18.91 -7.73 19.78
N GLN B 292 19.05 -8.82 19.04
CA GLN B 292 18.71 -8.81 17.61
C GLN B 292 17.24 -8.48 17.35
N MET B 293 16.34 -9.26 17.95
CA MET B 293 14.88 -9.02 17.92
C MET B 293 14.48 -7.56 18.04
N PHE B 294 15.16 -6.79 18.88
CA PHE B 294 14.74 -5.44 19.18
C PHE B 294 15.55 -4.43 18.46
N ASP B 295 16.47 -4.89 17.63
CA ASP B 295 17.21 -3.96 16.79
C ASP B 295 16.30 -3.65 15.63
N SER B 296 16.33 -2.40 15.20
CA SER B 296 15.55 -1.98 14.04
C SER B 296 15.78 -2.93 12.86
N LYS B 297 17.00 -3.48 12.75
CA LYS B 297 17.40 -4.30 11.60
C LYS B 297 16.69 -5.66 11.53
N ASN B 298 16.04 -6.02 12.63
CA ASN B 298 15.26 -7.27 12.67
C ASN B 298 13.77 -7.03 12.57
N MET B 299 13.38 -5.76 12.40
CA MET B 299 11.98 -5.36 12.19
C MET B 299 11.58 -5.51 10.74
N MET B 300 10.32 -5.88 10.54
CA MET B 300 9.82 -6.06 9.21
C MET B 300 8.81 -5.02 8.71
N ALA B 301 8.86 -3.83 9.29
CA ALA B 301 7.94 -2.77 8.90
C ALA B 301 8.63 -1.46 8.48
N ALA B 302 9.93 -1.34 8.77
CA ALA B 302 10.77 -0.23 8.24
C ALA B 302 10.42 1.06 8.90
N CYS B 303 10.08 0.95 10.18
CA CYS B 303 10.00 2.11 11.02
C CYS B 303 11.05 1.87 12.08
N ASP B 304 11.66 2.93 12.59
CA ASP B 304 12.57 2.72 13.66
C ASP B 304 11.86 2.97 15.00
N PRO B 305 11.83 1.91 15.85
CA PRO B 305 11.16 1.82 17.17
C PRO B 305 11.65 2.86 18.16
N ARG B 306 12.84 3.43 17.90
CA ARG B 306 13.36 4.56 18.69
C ARG B 306 12.74 5.92 18.30
N HIS B 307 11.99 5.97 17.20
CA HIS B 307 11.25 7.19 16.82
C HIS B 307 9.91 7.25 17.48
N GLY B 308 9.48 6.11 18.02
CA GLY B 308 8.23 6.05 18.77
C GLY B 308 8.32 5.34 20.11
N ARG B 309 7.18 4.95 20.66
CA ARG B 309 7.14 4.16 21.89
C ARG B 309 6.30 2.90 21.73
N TYR B 310 6.69 1.85 22.41
CA TYR B 310 5.93 0.63 22.45
C TYR B 310 4.72 0.76 23.38
N LEU B 311 3.55 0.51 22.84
CA LEU B 311 2.36 0.42 23.67
C LEU B 311 2.33 -0.95 24.30
N THR B 312 2.61 -1.98 23.50
CA THR B 312 2.56 -3.37 23.94
C THR B 312 3.52 -4.15 23.10
N VAL B 313 3.89 -5.32 23.62
CA VAL B 313 4.85 -6.19 22.96
C VAL B 313 4.52 -7.60 23.38
N ALA B 314 4.56 -8.53 22.44
CA ALA B 314 4.48 -9.96 22.72
C ALA B 314 5.72 -10.63 22.11
N ALA B 315 6.48 -11.44 22.86
CA ALA B 315 7.69 -12.06 22.28
C ALA B 315 7.83 -13.54 22.61
N ILE B 316 8.01 -14.41 21.62
CA ILE B 316 8.31 -15.83 21.94
C ILE B 316 9.70 -16.23 21.60
N PHE B 317 10.22 -17.17 22.37
CA PHE B 317 11.51 -17.74 22.16
C PHE B 317 11.28 -19.21 21.87
N ARG B 318 11.91 -19.66 20.78
CA ARG B 318 11.72 -21.02 20.32
C ARG B 318 13.00 -21.83 20.41
N GLY B 319 12.85 -23.04 20.95
CA GLY B 319 13.98 -23.92 21.18
C GLY B 319 14.11 -24.21 22.66
N ARG B 320 14.95 -25.18 23.02
CA ARG B 320 15.20 -25.48 24.44
C ARG B 320 16.30 -24.61 25.04
N MET B 321 15.88 -23.68 25.91
CA MET B 321 16.77 -22.70 26.50
C MET B 321 16.35 -22.38 27.93
N SER B 322 17.02 -21.36 28.49
CA SER B 322 16.87 -20.97 29.89
C SER B 322 15.80 -19.89 30.08
N MET B 323 14.61 -20.34 30.48
CA MET B 323 13.51 -19.46 30.80
C MET B 323 13.91 -18.31 31.76
N LYS B 324 14.78 -18.63 32.71
CA LYS B 324 15.36 -17.66 33.63
C LYS B 324 16.21 -16.63 32.88
N GLU B 325 16.95 -17.10 31.87
CA GLU B 325 17.87 -16.22 31.14
C GLU B 325 17.10 -15.34 30.16
N VAL B 326 16.02 -15.90 29.65
CA VAL B 326 15.10 -15.10 28.88
C VAL B 326 14.62 -13.91 29.72
N ASP B 327 13.94 -14.17 30.85
CA ASP B 327 13.38 -13.08 31.68
C ASP B 327 14.46 -12.10 32.03
N GLU B 328 15.61 -12.60 32.44
CA GLU B 328 16.72 -11.74 32.80
C GLU B 328 16.98 -10.80 31.65
N GLN B 329 17.06 -11.35 30.44
CA GLN B 329 17.44 -10.56 29.26
C GLN B 329 16.34 -9.60 28.83
N MET B 330 15.12 -10.12 28.83
CA MET B 330 13.92 -9.32 28.50
C MET B 330 13.84 -8.09 29.36
N LEU B 331 13.65 -8.37 30.65
CA LEU B 331 13.73 -7.35 31.71
C LEU B 331 14.95 -6.42 31.55
N ASN B 332 16.13 -6.97 31.26
CA ASN B 332 17.30 -6.15 30.98
C ASN B 332 17.13 -5.14 29.84
N VAL B 333 16.64 -5.59 28.68
CA VAL B 333 16.48 -4.69 27.51
C VAL B 333 15.40 -3.61 27.74
N GLN B 334 14.38 -3.93 28.54
CA GLN B 334 13.46 -2.92 29.00
C GLN B 334 14.18 -1.89 29.82
N ASN B 335 14.67 -2.35 30.99
CA ASN B 335 15.43 -1.51 31.95
C ASN B 335 16.75 -0.97 31.39
N LYS B 336 16.92 -1.00 30.08
CA LYS B 336 18.03 -0.33 29.43
C LYS B 336 17.47 0.67 28.45
N ASN B 337 16.19 0.51 28.12
CA ASN B 337 15.57 1.29 27.06
C ASN B 337 14.21 1.87 27.39
N SER B 338 14.02 2.24 28.65
CA SER B 338 12.72 2.64 29.15
C SER B 338 12.20 3.88 28.46
N SER B 339 13.02 4.49 27.62
CA SER B 339 12.59 5.65 26.85
C SER B 339 11.58 5.27 25.75
N TYR B 340 11.51 3.97 25.46
CA TYR B 340 10.84 3.49 24.28
C TYR B 340 9.75 2.49 24.63
N PHE B 341 9.34 2.49 25.89
CA PHE B 341 8.14 1.79 26.32
C PHE B 341 7.26 2.73 27.07
N VAL B 342 5.94 2.55 27.00
CA VAL B 342 5.07 3.49 27.70
C VAL B 342 5.04 3.08 29.17
N GLU B 343 4.92 4.05 30.04
CA GLU B 343 4.92 3.77 31.46
C GLU B 343 3.49 3.65 31.97
N TRP B 344 2.53 4.10 31.19
CA TRP B 344 1.18 4.13 31.68
C TRP B 344 0.41 2.90 31.36
N ILE B 345 1.13 1.85 30.97
CA ILE B 345 0.53 0.55 30.76
C ILE B 345 1.44 -0.46 31.47
N PRO B 346 1.14 -0.75 32.73
CA PRO B 346 2.05 -1.60 33.47
C PRO B 346 2.15 -2.97 32.85
N ASN B 347 3.37 -3.47 32.80
CA ASN B 347 3.65 -4.85 32.41
C ASN B 347 3.25 -5.11 30.99
N ASN B 348 3.61 -4.16 30.13
CA ASN B 348 3.21 -4.21 28.74
C ASN B 348 4.06 -5.07 27.82
N VAL B 349 5.10 -5.73 28.34
CA VAL B 349 5.90 -6.71 27.60
C VAL B 349 5.75 -8.11 28.15
N LYS B 350 5.29 -9.01 27.29
CA LYS B 350 4.99 -10.36 27.68
C LYS B 350 5.89 -11.35 26.93
N THR B 351 6.32 -12.41 27.63
CA THR B 351 7.31 -13.32 27.09
C THR B 351 6.82 -14.74 27.21
N ALA B 352 7.12 -15.57 26.24
CA ALA B 352 6.72 -16.97 26.31
C ALA B 352 7.83 -17.86 25.75
N VAL B 353 7.70 -19.17 25.96
CA VAL B 353 8.64 -20.09 25.39
C VAL B 353 7.98 -21.32 24.81
N CYS B 354 8.37 -21.66 23.57
CA CYS B 354 8.06 -22.94 22.98
C CYS B 354 9.35 -23.79 22.90
N ASP B 355 9.21 -25.11 23.11
CA ASP B 355 10.35 -26.02 23.02
C ASP B 355 10.73 -26.41 21.59
N ILE B 356 9.72 -26.60 20.75
CA ILE B 356 9.95 -26.94 19.36
C ILE B 356 10.46 -25.73 18.58
N PRO B 357 11.66 -25.78 18.03
CA PRO B 357 12.08 -24.64 17.25
C PRO B 357 11.67 -24.88 15.84
N PRO B 358 11.94 -23.95 14.99
CA PRO B 358 11.64 -24.12 13.60
C PRO B 358 12.79 -24.78 12.85
N ARG B 359 12.47 -25.62 11.91
CA ARG B 359 13.39 -26.08 10.88
C ARG B 359 14.59 -25.19 10.70
N GLY B 360 15.75 -25.73 10.99
CA GLY B 360 16.98 -25.06 10.70
C GLY B 360 17.51 -24.06 11.69
N LEU B 361 17.07 -24.12 12.92
CA LEU B 361 17.55 -23.21 13.93
C LEU B 361 17.29 -23.91 15.19
N LYS B 362 18.13 -23.76 16.17
CA LYS B 362 17.86 -24.41 17.44
C LYS B 362 17.36 -23.37 18.39
N MET B 363 17.54 -22.14 18.02
CA MET B 363 17.06 -21.02 18.78
C MET B 363 16.42 -20.00 17.83
N SER B 364 15.20 -19.56 18.10
CA SER B 364 14.73 -18.36 17.42
C SER B 364 13.83 -17.52 18.29
N ALA B 365 13.62 -16.31 17.86
CA ALA B 365 12.80 -15.42 18.62
C ALA B 365 11.94 -14.58 17.68
N THR B 366 10.66 -14.47 18.02
CA THR B 366 9.72 -13.64 17.26
C THR B 366 9.01 -12.59 18.13
N PHE B 367 8.87 -11.42 17.55
CA PHE B 367 8.41 -10.26 18.25
C PHE B 367 7.18 -9.69 17.55
N ILE B 368 6.15 -9.38 18.33
CA ILE B 368 5.01 -8.59 17.87
C ILE B 368 4.98 -7.33 18.66
N GLY B 369 5.18 -6.19 18.02
CA GLY B 369 5.12 -4.91 18.70
C GLY B 369 4.01 -3.98 18.21
N ASN B 370 3.24 -3.40 19.12
CA ASN B 370 2.35 -2.31 18.81
C ASN B 370 3.03 -1.01 19.13
N SER B 371 3.75 -0.45 18.18
CA SER B 371 4.52 0.76 18.39
C SER B 371 3.90 1.93 17.68
N THR B 372 4.17 3.13 18.19
CA THR B 372 3.59 4.32 17.61
C THR B 372 4.47 4.73 16.46
N ALA B 373 5.61 4.06 16.32
CA ALA B 373 6.58 4.36 15.30
C ALA B 373 6.04 3.91 13.96
N ILE B 374 5.07 2.99 13.97
CA ILE B 374 4.37 2.53 12.75
C ILE B 374 3.77 3.75 12.01
N GLN B 375 3.55 4.85 12.72
CA GLN B 375 3.05 6.01 12.01
C GLN B 375 3.95 6.41 10.84
N GLU B 376 5.24 6.13 10.95
CA GLU B 376 6.20 6.46 9.89
C GLU B 376 5.82 5.82 8.57
N LEU B 377 5.44 4.55 8.62
CA LEU B 377 4.91 3.83 7.49
C LEU B 377 3.70 4.56 6.88
N PHE B 378 2.70 4.91 7.71
CA PHE B 378 1.52 5.59 7.18
C PHE B 378 1.82 6.95 6.62
N LYS B 379 2.86 7.60 7.12
CA LYS B 379 3.26 8.91 6.60
C LYS B 379 3.84 8.72 5.23
N ARG B 380 4.71 7.73 5.12
CA ARG B 380 5.41 7.42 3.87
C ARG B 380 4.39 7.23 2.74
N ILE B 381 3.30 6.48 3.03
CA ILE B 381 2.28 6.21 2.07
C ILE B 381 1.53 7.49 1.79
N SER B 382 1.20 8.23 2.85
CA SER B 382 0.39 9.47 2.69
C SER B 382 1.08 10.47 1.78
N GLU B 383 2.34 10.76 2.07
CA GLU B 383 3.16 11.61 1.23
C GLU B 383 3.12 11.20 -0.26
N GLN B 384 3.14 9.91 -0.55
CA GLN B 384 3.22 9.45 -1.91
C GLN B 384 1.87 9.59 -2.56
N PHE B 385 0.82 9.26 -1.81
CA PHE B 385 -0.54 9.39 -2.27
C PHE B 385 -0.78 10.83 -2.72
N THR B 386 -0.48 11.76 -1.80
CA THR B 386 -0.69 13.17 -1.99
C THR B 386 0.14 13.75 -3.13
N ALA B 387 1.28 13.14 -3.42
CA ALA B 387 2.15 13.70 -4.43
C ALA B 387 1.45 13.50 -5.79
N MET B 388 0.64 12.44 -5.93
CA MET B 388 -0.05 12.22 -7.18
C MET B 388 -1.42 12.85 -7.18
N PHE B 389 -2.13 12.70 -6.07
CA PHE B 389 -3.54 13.08 -5.97
C PHE B 389 -3.76 14.58 -6.06
N ARG B 390 -2.76 15.32 -5.65
CA ARG B 390 -2.81 16.77 -5.71
C ARG B 390 -2.81 17.21 -7.21
N ARG B 391 -2.43 16.30 -8.12
CA ARG B 391 -2.48 16.59 -9.52
C ARG B 391 -3.44 15.59 -10.17
N LYS B 392 -4.23 14.93 -9.34
CA LYS B 392 -5.17 13.92 -9.80
C LYS B 392 -4.56 12.95 -10.77
N ALA B 393 -3.29 12.67 -10.59
CA ALA B 393 -2.59 11.80 -11.53
C ALA B 393 -3.02 10.37 -11.38
N PHE B 394 -3.21 9.72 -12.51
CA PHE B 394 -3.57 8.32 -12.56
C PHE B 394 -4.98 7.97 -12.12
N LEU B 395 -5.78 8.96 -11.77
CA LEU B 395 -7.09 8.70 -11.22
C LEU B 395 -8.10 8.13 -12.18
N HIS B 396 -7.93 8.40 -13.50
CA HIS B 396 -8.90 7.92 -14.47
C HIS B 396 -9.09 6.42 -14.40
N TRP B 397 -8.08 5.68 -13.93
CA TRP B 397 -8.22 4.21 -13.82
C TRP B 397 -9.28 3.83 -12.82
N TYR B 398 -9.53 4.71 -11.86
CA TYR B 398 -10.47 4.43 -10.82
C TYR B 398 -11.86 5.09 -11.09
N THR B 399 -11.86 6.30 -11.61
CA THR B 399 -13.09 6.95 -11.96
C THR B 399 -13.79 6.13 -13.04
N GLY B 400 -13.03 5.38 -13.81
CA GLY B 400 -13.61 4.57 -14.90
C GLY B 400 -14.26 3.33 -14.37
N GLU B 401 -14.08 3.04 -13.09
CA GLU B 401 -14.74 1.89 -12.49
C GLU B 401 -15.84 2.40 -11.58
N GLY B 402 -16.06 3.70 -11.56
CA GLY B 402 -17.16 4.24 -10.78
C GLY B 402 -16.84 5.07 -9.52
N MET B 403 -15.57 5.18 -9.16
CA MET B 403 -15.23 5.86 -7.96
C MET B 403 -15.22 7.34 -8.24
N ASP B 404 -15.37 8.13 -7.19
CA ASP B 404 -15.11 9.53 -7.33
CA ASP B 404 -15.24 9.57 -7.22
C ASP B 404 -14.00 10.00 -6.42
N GLU B 405 -13.47 11.18 -6.72
CA GLU B 405 -12.39 11.77 -5.94
C GLU B 405 -12.70 11.83 -4.46
N MET B 406 -13.98 11.98 -4.13
CA MET B 406 -14.44 12.14 -2.75
C MET B 406 -13.97 10.98 -1.86
N GLU B 407 -14.17 9.75 -2.33
CA GLU B 407 -13.76 8.56 -1.63
C GLU B 407 -12.23 8.54 -1.38
N PHE B 408 -11.48 9.11 -2.32
CA PHE B 408 -10.06 9.33 -2.16
C PHE B 408 -9.76 10.31 -1.06
N THR B 409 -10.39 11.48 -1.13
CA THR B 409 -10.16 12.54 -0.13
C THR B 409 -10.47 12.02 1.28
N GLU B 410 -11.53 11.25 1.42
CA GLU B 410 -11.85 10.63 2.68
C GLU B 410 -10.84 9.62 3.17
N ALA B 411 -10.39 8.74 2.27
CA ALA B 411 -9.37 7.74 2.62
C ALA B 411 -8.06 8.39 3.06
N GLU B 412 -7.64 9.42 2.34
CA GLU B 412 -6.53 10.25 2.72
C GLU B 412 -6.73 10.74 4.15
N SER B 413 -7.91 11.29 4.42
CA SER B 413 -8.19 11.97 5.67
CA SER B 413 -8.19 11.97 5.67
C SER B 413 -8.13 10.99 6.81
N ASN B 414 -8.71 9.83 6.61
CA ASN B 414 -8.74 8.80 7.62
CA ASN B 414 -8.71 8.85 7.66
C ASN B 414 -7.32 8.31 7.97
N MET B 415 -6.44 8.24 6.94
CA MET B 415 -5.04 7.85 7.22
C MET B 415 -4.30 8.93 7.99
N ASN B 416 -4.44 10.18 7.60
CA ASN B 416 -3.81 11.24 8.35
C ASN B 416 -4.32 11.33 9.82
N ASP B 417 -5.60 11.03 10.04
CA ASP B 417 -6.12 10.97 11.39
C ASP B 417 -5.50 9.88 12.17
N LEU B 418 -5.37 8.72 11.56
CA LEU B 418 -4.65 7.61 12.17
C LEU B 418 -3.24 8.02 12.61
N VAL B 419 -2.53 8.72 11.75
CA VAL B 419 -1.20 9.22 12.06
C VAL B 419 -1.25 10.16 13.27
N SER B 420 -2.21 11.06 13.30
CA SER B 420 -2.36 12.03 14.41
C SER B 420 -2.62 11.30 15.74
N GLU B 421 -3.39 10.22 15.68
N GLU B 421 -3.39 10.23 15.66
CA GLU B 421 -3.70 9.41 16.83
CA GLU B 421 -3.70 9.42 16.81
C GLU B 421 -2.46 8.73 17.38
C GLU B 421 -2.43 8.79 17.36
N TYR B 422 -1.61 8.18 16.49
CA TYR B 422 -0.35 7.58 16.93
C TYR B 422 0.56 8.64 17.54
N GLN B 423 0.54 9.83 16.98
CA GLN B 423 1.39 10.89 17.51
C GLN B 423 0.93 11.32 18.92
N GLN B 424 -0.38 11.34 19.12
CA GLN B 424 -0.95 11.74 20.40
C GLN B 424 -0.46 10.80 21.51
N TYR B 425 -0.41 9.50 21.23
CA TYR B 425 -0.01 8.56 22.25
C TYR B 425 1.49 8.42 22.41
N GLN B 426 2.26 8.92 21.46
CA GLN B 426 3.70 8.85 21.57
C GLN B 426 4.20 9.90 22.54
N ASP B 427 3.30 10.80 22.92
CA ASP B 427 3.66 12.00 23.65
C ASP B 427 2.97 12.10 25.00
N ALA B 428 2.29 11.04 25.41
CA ALA B 428 1.47 11.03 26.61
C ALA B 428 2.25 10.68 27.89
N MET C 1 -7.75 -17.91 -23.65
CA MET C 1 -8.09 -16.64 -22.91
C MET C 1 -7.06 -15.53 -23.16
N ARG C 2 -7.48 -14.31 -22.85
CA ARG C 2 -6.72 -13.09 -23.03
C ARG C 2 -6.21 -12.77 -24.45
N GLU C 3 -7.03 -13.08 -25.45
CA GLU C 3 -6.73 -12.87 -26.85
C GLU C 3 -6.67 -11.39 -27.27
N CYS C 4 -5.89 -11.10 -28.32
CA CYS C 4 -5.80 -9.76 -28.88
C CYS C 4 -6.06 -9.87 -30.35
N ILE C 5 -6.78 -8.92 -30.89
CA ILE C 5 -7.09 -8.93 -32.30
C ILE C 5 -6.40 -7.77 -32.97
N SER C 6 -5.71 -8.07 -34.04
CA SER C 6 -4.97 -7.04 -34.77
C SER C 6 -5.72 -6.65 -36.04
N ILE C 7 -5.82 -5.37 -36.22
CA ILE C 7 -6.40 -4.82 -37.37
C ILE C 7 -5.36 -3.94 -38.07
N HIS C 8 -5.04 -4.29 -39.31
CA HIS C 8 -4.11 -3.56 -40.16
C HIS C 8 -4.79 -2.81 -41.28
N VAL C 9 -4.67 -1.52 -41.29
CA VAL C 9 -5.48 -0.70 -42.15
C VAL C 9 -4.66 0.14 -43.06
N GLY C 10 -4.98 0.08 -44.34
CA GLY C 10 -4.24 0.79 -45.37
C GLY C 10 -2.91 0.11 -45.77
N GLN C 11 -2.22 0.71 -46.74
CA GLN C 11 -0.92 0.20 -47.16
C GLN C 11 0.10 0.01 -46.01
N ALA C 12 0.33 1.04 -45.23
CA ALA C 12 1.35 1.00 -44.20
C ALA C 12 0.99 -0.03 -43.15
N GLY C 13 -0.24 0.04 -42.68
CA GLY C 13 -0.80 -0.94 -41.76
C GLY C 13 -0.68 -2.35 -42.22
N VAL C 14 -1.01 -2.59 -43.49
CA VAL C 14 -0.89 -3.91 -44.06
C VAL C 14 0.56 -4.40 -44.14
N GLN C 15 1.46 -3.53 -44.62
CA GLN C 15 2.84 -4.00 -44.92
C GLN C 15 3.60 -4.20 -43.66
N ILE C 16 3.32 -3.32 -42.70
CA ILE C 16 3.81 -3.49 -41.36
C ILE C 16 3.29 -4.78 -40.76
N GLY C 17 2.03 -5.12 -41.06
CA GLY C 17 1.46 -6.38 -40.57
C GLY C 17 2.10 -7.61 -41.21
N ASN C 18 2.48 -7.49 -42.47
CA ASN C 18 3.22 -8.58 -43.12
C ASN C 18 4.51 -8.85 -42.39
N ALA C 19 5.19 -7.75 -42.05
CA ALA C 19 6.43 -7.83 -41.35
C ALA C 19 6.25 -8.41 -39.95
N CYS C 20 5.29 -7.87 -39.19
CA CYS C 20 5.07 -8.32 -37.83
C CYS C 20 4.65 -9.77 -37.83
N TRP C 21 3.70 -10.16 -38.68
CA TRP C 21 3.23 -11.56 -38.63
C TRP C 21 4.26 -12.58 -39.13
N GLU C 22 5.08 -12.18 -40.08
CA GLU C 22 6.16 -13.02 -40.47
C GLU C 22 7.12 -13.23 -39.30
N LEU C 23 7.49 -12.14 -38.64
CA LEU C 23 8.37 -12.25 -37.51
C LEU C 23 7.75 -13.13 -36.42
N TYR C 24 6.44 -12.99 -36.18
CA TYR C 24 5.82 -13.73 -35.09
C TYR C 24 5.87 -15.20 -35.46
N CYS C 25 5.50 -15.51 -36.69
CA CYS C 25 5.59 -16.92 -37.08
C CYS C 25 6.98 -17.47 -36.82
N LEU C 26 8.02 -16.69 -37.13
CA LEU C 26 9.36 -17.19 -36.92
C LEU C 26 9.73 -17.28 -35.43
N GLU C 27 9.26 -16.34 -34.62
CA GLU C 27 9.52 -16.38 -33.21
C GLU C 27 8.86 -17.56 -32.58
N HIS C 28 7.70 -17.97 -33.11
CA HIS C 28 7.01 -19.10 -32.51
C HIS C 28 7.24 -20.45 -33.18
N GLY C 29 7.99 -20.47 -34.29
CA GLY C 29 8.21 -21.70 -35.06
C GLY C 29 6.97 -22.16 -35.82
N ILE C 30 6.22 -21.21 -36.38
CA ILE C 30 5.06 -21.56 -37.20
C ILE C 30 5.47 -21.39 -38.64
N GLN C 31 5.23 -22.45 -39.41
CA GLN C 31 5.60 -22.51 -40.82
C GLN C 31 4.59 -21.74 -41.67
N PRO C 32 4.98 -21.38 -42.90
CA PRO C 32 4.15 -20.57 -43.80
C PRO C 32 2.79 -21.20 -44.10
N ASP C 33 2.69 -22.51 -43.97
CA ASP C 33 1.38 -23.12 -44.11
C ASP C 33 0.58 -23.12 -42.78
N GLY C 34 1.16 -22.55 -41.71
CA GLY C 34 0.44 -22.48 -40.43
C GLY C 34 0.68 -23.63 -39.45
N GLN C 35 1.38 -24.67 -39.90
CA GLN C 35 1.67 -25.76 -38.99
C GLN C 35 2.79 -25.38 -38.01
N MET C 36 2.74 -25.98 -36.81
CA MET C 36 3.69 -25.71 -35.76
C MET C 36 3.95 -27.02 -35.03
N PRO C 37 4.92 -27.81 -35.53
CA PRO C 37 5.33 -29.12 -34.99
C PRO C 37 5.41 -29.18 -33.48
N SER C 38 5.79 -28.08 -32.83
CA SER C 38 5.91 -28.11 -31.38
C SER C 38 4.58 -28.08 -30.58
N ASP C 39 3.46 -27.64 -31.19
CA ASP C 39 2.18 -27.56 -30.42
C ASP C 39 1.65 -28.97 -30.47
N LYS C 40 1.60 -29.60 -29.30
CA LYS C 40 0.94 -30.92 -29.19
C LYS C 40 -0.58 -30.80 -29.07
N THR C 41 -1.07 -29.69 -28.50
CA THR C 41 -2.50 -29.32 -28.47
C THR C 41 -3.04 -29.05 -29.87
N ILE C 42 -3.81 -29.98 -30.40
CA ILE C 42 -4.31 -29.83 -31.76
C ILE C 42 -5.69 -29.20 -31.76
N GLY C 43 -5.91 -28.25 -32.64
CA GLY C 43 -7.24 -27.61 -32.76
C GLY C 43 -7.58 -26.53 -31.72
N GLY C 44 -6.64 -26.33 -30.77
CA GLY C 44 -6.72 -25.19 -29.85
C GLY C 44 -5.67 -25.22 -28.76
N GLY C 45 -5.82 -24.30 -27.82
CA GLY C 45 -5.06 -24.39 -26.59
C GLY C 45 -5.14 -23.12 -25.77
N ASP C 46 -4.32 -23.07 -24.72
CA ASP C 46 -4.22 -21.85 -23.93
C ASP C 46 -2.77 -21.53 -23.58
N ASP C 47 -1.87 -21.76 -24.54
CA ASP C 47 -0.47 -21.33 -24.39
C ASP C 47 -0.47 -19.84 -24.67
N SER C 48 0.66 -19.20 -24.46
CA SER C 48 0.72 -17.76 -24.59
C SER C 48 0.63 -17.31 -26.01
N PHE C 49 1.13 -18.13 -26.93
CA PHE C 49 1.04 -17.76 -28.33
C PHE C 49 -0.40 -17.77 -28.82
N ASN C 50 -1.26 -18.44 -28.10
CA ASN C 50 -2.70 -18.42 -28.48
C ASN C 50 -3.40 -17.09 -28.28
N THR C 51 -2.71 -16.10 -27.67
CA THR C 51 -3.27 -14.78 -27.55
C THR C 51 -3.38 -14.16 -28.94
N PHE C 52 -2.44 -14.53 -29.82
CA PHE C 52 -2.37 -13.94 -31.15
C PHE C 52 -2.76 -14.95 -32.24
N PHE C 53 -2.74 -16.22 -31.91
CA PHE C 53 -3.00 -17.26 -32.88
C PHE C 53 -4.15 -18.19 -32.46
N SER C 54 -5.15 -18.35 -33.33
CA SER C 54 -6.11 -19.43 -33.15
C SER C 54 -5.63 -20.72 -33.80
N GLU C 55 -6.09 -21.86 -33.32
CA GLU C 55 -5.69 -23.12 -33.90
C GLU C 55 -6.92 -23.72 -34.62
N THR C 56 -6.68 -24.49 -35.68
CA THR C 56 -7.77 -25.31 -36.28
C THR C 56 -7.51 -26.77 -36.05
N GLY C 57 -8.53 -27.59 -36.32
CA GLY C 57 -8.45 -29.07 -36.24
C GLY C 57 -7.31 -29.68 -37.04
N ALA C 58 -7.06 -29.15 -38.23
CA ALA C 58 -5.91 -29.55 -39.08
C ALA C 58 -4.50 -29.10 -38.57
N GLY C 59 -4.47 -28.30 -37.50
CA GLY C 59 -3.20 -27.94 -36.86
C GLY C 59 -2.62 -26.66 -37.41
N LYS C 60 -3.45 -25.92 -38.15
CA LYS C 60 -3.03 -24.65 -38.69
C LYS C 60 -3.19 -23.55 -37.59
N HIS C 61 -2.20 -22.68 -37.50
CA HIS C 61 -2.22 -21.59 -36.54
C HIS C 61 -2.49 -20.33 -37.26
N VAL C 62 -3.63 -19.71 -36.91
CA VAL C 62 -4.20 -18.65 -37.71
C VAL C 62 -4.18 -17.30 -36.96
N PRO C 63 -3.53 -16.29 -37.53
CA PRO C 63 -3.49 -14.98 -36.91
C PRO C 63 -4.87 -14.51 -36.51
N ARG C 64 -4.97 -13.90 -35.34
CA ARG C 64 -6.18 -13.23 -34.99
C ARG C 64 -6.08 -11.88 -35.58
N ALA C 65 -6.19 -11.82 -36.89
CA ALA C 65 -6.01 -10.56 -37.58
C ALA C 65 -7.00 -10.32 -38.68
N VAL C 66 -7.11 -9.05 -39.06
CA VAL C 66 -7.85 -8.68 -40.23
C VAL C 66 -6.99 -7.65 -40.92
N PHE C 67 -6.88 -7.78 -42.25
CA PHE C 67 -6.22 -6.74 -43.06
C PHE C 67 -7.30 -6.06 -43.86
N VAL C 68 -7.29 -4.73 -43.94
CA VAL C 68 -8.31 -3.98 -44.63
CA VAL C 68 -8.31 -4.02 -44.66
C VAL C 68 -7.72 -2.85 -45.43
N ASP C 69 -8.06 -2.76 -46.70
CA ASP C 69 -7.65 -1.62 -47.51
C ASP C 69 -8.74 -1.28 -48.51
N LEU C 70 -8.79 -0.05 -48.97
CA LEU C 70 -9.89 0.36 -49.83
C LEU C 70 -9.61 0.06 -51.31
N GLU C 71 -8.42 -0.40 -51.63
CA GLU C 71 -8.13 -0.93 -52.95
C GLU C 71 -7.40 -2.25 -52.73
N PRO C 72 -7.20 -3.03 -53.80
CA PRO C 72 -6.76 -4.39 -53.57
C PRO C 72 -5.30 -4.68 -53.80
N THR C 73 -4.50 -3.70 -54.25
CA THR C 73 -3.15 -4.07 -54.76
C THR C 73 -2.20 -4.57 -53.69
N VAL C 74 -2.39 -4.14 -52.47
CA VAL C 74 -1.42 -4.48 -51.45
C VAL C 74 -1.79 -5.78 -50.77
N ILE C 75 -3.07 -5.96 -50.47
CA ILE C 75 -3.52 -7.22 -49.88
C ILE C 75 -3.50 -8.38 -50.89
N ASP C 76 -3.65 -8.07 -52.18
CA ASP C 76 -3.49 -9.10 -53.20
C ASP C 76 -2.18 -9.85 -53.08
N GLU C 77 -1.13 -9.13 -52.70
CA GLU C 77 0.20 -9.71 -52.54
C GLU C 77 0.22 -10.62 -51.33
N VAL C 78 -0.67 -10.41 -50.38
CA VAL C 78 -0.74 -11.28 -49.23
C VAL C 78 -1.49 -12.54 -49.67
N ARG C 79 -2.54 -12.36 -50.48
CA ARG C 79 -3.38 -13.45 -50.96
C ARG C 79 -2.57 -14.36 -51.85
N THR C 80 -1.56 -13.76 -52.46
CA THR C 80 -0.75 -14.43 -53.46
C THR C 80 0.62 -14.84 -52.90
N GLY C 81 1.04 -14.19 -51.83
CA GLY C 81 2.36 -14.34 -51.32
C GLY C 81 2.67 -15.64 -50.63
N THR C 82 3.78 -15.61 -49.90
CA THR C 82 4.41 -16.77 -49.27
C THR C 82 3.60 -17.26 -48.08
N TYR C 83 2.90 -16.33 -47.43
CA TYR C 83 2.21 -16.67 -46.20
C TYR C 83 0.71 -16.84 -46.41
N ARG C 84 0.30 -16.98 -47.66
CA ARG C 84 -1.10 -16.97 -48.03
C ARG C 84 -1.95 -18.07 -47.40
N GLN C 85 -1.32 -19.13 -46.94
CA GLN C 85 -2.09 -20.21 -46.33
C GLN C 85 -2.40 -19.92 -44.87
N LEU C 86 -1.82 -18.86 -44.35
CA LEU C 86 -1.95 -18.56 -42.95
C LEU C 86 -3.35 -18.06 -42.68
N PHE C 87 -3.90 -17.26 -43.59
CA PHE C 87 -5.16 -16.60 -43.31
C PHE C 87 -6.31 -17.27 -44.03
N HIS C 88 -7.49 -17.16 -43.44
CA HIS C 88 -8.70 -17.47 -44.11
C HIS C 88 -9.06 -16.23 -44.94
N PRO C 89 -9.37 -16.43 -46.21
CA PRO C 89 -9.74 -15.41 -47.19
C PRO C 89 -10.61 -14.30 -46.67
N GLU C 90 -11.39 -14.59 -45.65
CA GLU C 90 -12.28 -13.59 -45.08
C GLU C 90 -11.58 -12.53 -44.20
N GLN C 91 -10.35 -12.83 -43.79
CA GLN C 91 -9.57 -11.92 -42.97
C GLN C 91 -8.90 -10.87 -43.87
N LEU C 92 -8.97 -11.04 -45.19
CA LEU C 92 -8.31 -10.17 -46.10
C LEU C 92 -9.36 -9.46 -46.88
N ILE C 93 -9.54 -8.18 -46.60
CA ILE C 93 -10.67 -7.44 -47.08
C ILE C 93 -10.23 -6.26 -47.91
N THR C 94 -10.71 -6.23 -49.15
CA THR C 94 -10.42 -5.11 -50.03
C THR C 94 -11.65 -4.56 -50.67
N GLY C 95 -11.64 -3.26 -50.98
CA GLY C 95 -12.58 -2.64 -51.94
C GLY C 95 -11.93 -2.54 -53.33
N LYS C 96 -12.39 -1.58 -54.11
CA LYS C 96 -11.93 -1.47 -55.49
C LYS C 96 -11.17 -0.18 -55.65
N GLU C 97 -11.51 0.80 -54.84
CA GLU C 97 -11.10 2.16 -55.09
C GLU C 97 -10.58 2.74 -53.79
N ASP C 98 -9.48 3.50 -53.83
CA ASP C 98 -8.91 3.97 -52.56
C ASP C 98 -9.41 5.35 -52.16
N ALA C 99 -8.81 5.89 -51.13
CA ALA C 99 -9.31 7.09 -50.54
C ALA C 99 -8.64 8.27 -51.14
N ALA C 100 -7.72 8.00 -52.07
CA ALA C 100 -6.96 9.04 -52.74
C ALA C 100 -6.31 10.08 -51.82
N ASN C 101 -5.68 9.62 -50.73
CA ASN C 101 -5.00 10.52 -49.79
C ASN C 101 -5.94 11.48 -49.12
N ASN C 102 -7.21 11.11 -49.06
CA ASN C 102 -8.27 12.03 -48.58
C ASN C 102 -9.04 11.41 -47.41
N TYR C 103 -9.01 12.10 -46.29
CA TYR C 103 -9.54 11.57 -45.07
C TYR C 103 -11.07 11.44 -45.22
N ALA C 104 -11.68 12.39 -45.90
CA ALA C 104 -13.11 12.36 -46.13
C ALA C 104 -13.55 11.10 -46.86
N ARG C 105 -12.85 10.71 -47.90
CA ARG C 105 -13.18 9.53 -48.63
C ARG C 105 -12.98 8.38 -47.75
N GLY C 106 -11.92 8.39 -46.93
CA GLY C 106 -11.64 7.26 -46.02
C GLY C 106 -12.73 7.08 -44.95
N HIS C 107 -13.15 8.19 -44.32
CA HIS C 107 -14.08 8.13 -43.22
C HIS C 107 -15.52 8.04 -43.69
N TYR C 108 -15.82 8.63 -44.86
CA TYR C 108 -17.20 8.79 -45.33
C TYR C 108 -17.40 8.16 -46.68
N THR C 109 -17.07 8.89 -47.74
CA THR C 109 -17.46 8.52 -49.10
C THR C 109 -17.20 7.07 -49.47
N ILE C 110 -15.96 6.64 -49.48
CA ILE C 110 -15.66 5.25 -49.81
C ILE C 110 -15.79 4.34 -48.58
N GLY C 111 -15.32 4.82 -47.45
CA GLY C 111 -15.23 3.98 -46.31
C GLY C 111 -16.52 3.47 -45.75
N LYS C 112 -17.59 4.25 -45.90
CA LYS C 112 -18.87 3.83 -45.31
C LYS C 112 -19.47 2.67 -46.10
N GLU C 113 -18.88 2.33 -47.26
CA GLU C 113 -19.39 1.27 -48.12
C GLU C 113 -18.86 -0.04 -47.71
N ILE C 114 -17.92 -0.04 -46.77
CA ILE C 114 -17.30 -1.29 -46.41
C ILE C 114 -17.16 -1.54 -44.89
N ILE C 115 -17.53 -0.57 -44.11
CA ILE C 115 -17.40 -0.64 -42.67
C ILE C 115 -18.18 -1.75 -41.99
N ASP C 116 -19.38 -2.02 -42.51
CA ASP C 116 -20.21 -3.09 -41.93
C ASP C 116 -19.63 -4.44 -42.11
N LEU C 117 -19.10 -4.66 -43.28
CA LEU C 117 -18.51 -5.94 -43.58
C LEU C 117 -17.23 -6.16 -42.73
N VAL C 118 -16.46 -5.08 -42.50
CA VAL C 118 -15.25 -5.17 -41.71
C VAL C 118 -15.64 -5.51 -40.26
N LEU C 119 -16.59 -4.75 -39.71
CA LEU C 119 -17.08 -5.07 -38.36
C LEU C 119 -17.63 -6.46 -38.23
N ASP C 120 -18.23 -6.96 -39.31
CA ASP C 120 -18.74 -8.33 -39.31
CA ASP C 120 -18.75 -8.33 -39.33
C ASP C 120 -17.62 -9.35 -39.24
N ARG C 121 -16.57 -9.15 -40.03
CA ARG C 121 -15.43 -10.06 -39.96
C ARG C 121 -14.70 -10.00 -38.60
N ILE C 122 -14.62 -8.80 -38.04
CA ILE C 122 -13.98 -8.63 -36.77
C ILE C 122 -14.80 -9.38 -35.71
N ARG C 123 -16.12 -9.27 -35.82
CA ARG C 123 -17.02 -10.03 -34.97
C ARG C 123 -16.83 -11.52 -35.09
N LYS C 124 -16.61 -12.03 -36.27
CA LYS C 124 -16.28 -13.47 -36.38
C LYS C 124 -14.97 -13.80 -35.68
N LEU C 125 -13.99 -12.85 -35.63
CA LEU C 125 -12.76 -13.16 -34.84
C LEU C 125 -13.05 -13.09 -33.34
N ALA C 126 -13.82 -12.08 -32.93
CA ALA C 126 -14.12 -11.96 -31.52
C ALA C 126 -14.93 -13.15 -30.97
N ASP C 127 -15.78 -13.79 -31.79
CA ASP C 127 -16.62 -14.94 -31.35
C ASP C 127 -15.79 -16.14 -31.08
N GLN C 128 -14.62 -16.22 -31.67
CA GLN C 128 -13.71 -17.35 -31.42
C GLN C 128 -12.93 -17.16 -30.11
N CYS C 129 -13.08 -16.02 -29.44
CA CYS C 129 -12.24 -15.66 -28.27
C CYS C 129 -12.97 -15.95 -26.95
N THR C 130 -12.30 -16.65 -26.05
CA THR C 130 -12.91 -16.96 -24.74
C THR C 130 -12.79 -15.80 -23.74
N GLY C 131 -11.79 -14.92 -23.89
CA GLY C 131 -11.69 -13.74 -23.05
C GLY C 131 -10.99 -12.60 -23.74
N LEU C 132 -11.60 -12.05 -24.77
CA LEU C 132 -10.97 -11.02 -25.58
C LEU C 132 -10.53 -9.84 -24.71
N GLN C 133 -9.31 -9.38 -24.94
CA GLN C 133 -8.67 -8.36 -24.11
C GLN C 133 -8.70 -7.05 -24.85
N GLY C 134 -8.47 -7.07 -26.18
CA GLY C 134 -8.53 -5.81 -26.92
C GLY C 134 -8.01 -5.87 -28.34
N PHE C 135 -7.89 -4.69 -28.92
CA PHE C 135 -7.48 -4.54 -30.30
C PHE C 135 -6.16 -3.87 -30.45
N LEU C 136 -5.40 -4.31 -31.45
CA LEU C 136 -4.19 -3.61 -31.90
C LEU C 136 -4.40 -3.09 -33.28
N VAL C 137 -4.30 -1.78 -33.48
CA VAL C 137 -4.65 -1.19 -34.72
C VAL C 137 -3.50 -0.51 -35.37
N PHE C 138 -3.13 -0.95 -36.56
CA PHE C 138 -1.97 -0.47 -37.27
C PHE C 138 -2.38 0.38 -38.47
N HIS C 139 -1.82 1.58 -38.59
CA HIS C 139 -2.23 2.43 -39.67
C HIS C 139 -1.31 3.59 -39.80
N SER C 140 -1.32 4.26 -40.96
CA SER C 140 -0.58 5.52 -41.11
C SER C 140 -1.44 6.75 -40.80
N PHE C 141 -0.81 7.88 -40.47
CA PHE C 141 -1.50 9.13 -40.25
C PHE C 141 -1.89 9.73 -41.59
N GLY C 142 -1.08 9.49 -42.62
CA GLY C 142 -1.04 10.34 -43.79
C GLY C 142 -1.95 9.93 -44.93
N GLY C 143 -2.26 8.63 -44.99
CA GLY C 143 -3.13 8.12 -46.03
C GLY C 143 -4.62 8.41 -45.76
N GLY C 144 -5.43 8.35 -46.82
CA GLY C 144 -6.89 8.57 -46.71
C GLY C 144 -7.55 7.41 -45.99
N THR C 145 -7.15 6.18 -46.31
CA THR C 145 -7.62 5.00 -45.61
C THR C 145 -7.07 4.90 -44.19
N GLY C 146 -5.76 5.03 -44.02
CA GLY C 146 -5.10 5.00 -42.74
C GLY C 146 -5.55 6.04 -41.76
N SER C 147 -5.94 7.20 -42.25
CA SER C 147 -6.50 8.21 -41.38
C SER C 147 -8.02 8.10 -41.18
N GLY C 148 -8.77 8.33 -42.25
CA GLY C 148 -10.23 8.31 -42.28
C GLY C 148 -10.87 6.99 -41.95
N PHE C 149 -10.46 5.93 -42.62
CA PHE C 149 -11.11 4.68 -42.35
C PHE C 149 -10.80 4.19 -40.96
N THR C 150 -9.56 4.45 -40.48
CA THR C 150 -9.15 3.99 -39.16
C THR C 150 -9.99 4.74 -38.12
N SER C 151 -10.22 6.01 -38.35
CA SER C 151 -11.02 6.77 -37.37
CA SER C 151 -11.06 6.83 -37.44
C SER C 151 -12.49 6.31 -37.32
N LEU C 152 -13.09 6.06 -38.49
CA LEU C 152 -14.41 5.57 -38.58
C LEU C 152 -14.49 4.25 -37.84
N LEU C 153 -13.50 3.40 -38.08
CA LEU C 153 -13.48 2.11 -37.46
C LEU C 153 -13.36 2.18 -35.94
N MET C 154 -12.51 3.09 -35.45
CA MET C 154 -12.31 3.22 -34.01
C MET C 154 -13.59 3.66 -33.35
N GLU C 155 -14.26 4.64 -33.95
CA GLU C 155 -15.58 5.07 -33.43
C GLU C 155 -16.57 3.90 -33.41
N ARG C 156 -16.63 3.16 -34.51
CA ARG C 156 -17.49 1.99 -34.53
C ARG C 156 -17.11 0.93 -33.53
N LEU C 157 -15.81 0.78 -33.26
CA LEU C 157 -15.41 -0.24 -32.31
C LEU C 157 -15.73 0.16 -30.87
N SER C 158 -15.63 1.45 -30.58
CA SER C 158 -16.06 1.94 -29.30
C SER C 158 -17.56 1.63 -29.16
N VAL C 159 -18.31 1.84 -30.21
CA VAL C 159 -19.72 1.55 -30.14
C VAL C 159 -19.96 0.07 -29.89
N ASP C 160 -19.30 -0.78 -30.63
CA ASP C 160 -19.64 -2.21 -30.55
C ASP C 160 -18.94 -3.00 -29.49
N TYR C 161 -17.89 -2.46 -28.88
CA TYR C 161 -17.17 -3.24 -27.84
C TYR C 161 -16.95 -2.44 -26.57
N GLY C 162 -17.50 -1.24 -26.50
CA GLY C 162 -17.46 -0.44 -25.30
C GLY C 162 -16.08 0.10 -24.99
N LYS C 163 -15.69 -0.05 -23.72
CA LYS C 163 -14.38 0.46 -23.25
C LYS C 163 -13.33 -0.64 -23.22
N LYS C 164 -13.61 -1.71 -23.96
CA LYS C 164 -12.62 -2.68 -24.32
C LYS C 164 -11.41 -2.03 -25.00
N SER C 165 -10.22 -2.46 -24.60
CA SER C 165 -9.02 -1.65 -24.94
C SER C 165 -8.61 -1.68 -26.41
N LYS C 166 -8.24 -0.52 -26.89
CA LYS C 166 -7.77 -0.33 -28.23
C LYS C 166 -6.44 0.40 -28.16
N LEU C 167 -5.42 -0.21 -28.77
CA LEU C 167 -4.08 0.35 -28.87
C LEU C 167 -3.73 0.65 -30.31
N GLU C 168 -2.96 1.69 -30.53
CA GLU C 168 -2.58 2.04 -31.90
C GLU C 168 -1.07 1.88 -32.13
N PHE C 169 -0.73 1.48 -33.36
CA PHE C 169 0.57 1.71 -33.95
C PHE C 169 0.41 2.58 -35.14
N SER C 170 0.82 3.82 -34.98
CA SER C 170 0.49 4.87 -35.90
C SER C 170 1.74 5.37 -36.60
N ILE C 171 1.67 5.44 -37.91
CA ILE C 171 2.79 5.82 -38.71
C ILE C 171 2.75 7.26 -39.06
N TYR C 172 3.67 7.99 -38.42
CA TYR C 172 3.81 9.43 -38.51
C TYR C 172 4.67 9.74 -39.74
N PRO C 173 4.26 10.75 -40.51
CA PRO C 173 4.83 11.01 -41.82
C PRO C 173 6.18 11.66 -41.86
N ALA C 174 6.99 11.24 -42.81
CA ALA C 174 8.30 11.84 -43.08
C ALA C 174 8.36 12.27 -44.51
N PRO C 175 8.97 13.43 -44.76
CA PRO C 175 9.16 14.02 -46.10
C PRO C 175 9.94 13.16 -47.10
N GLN C 176 10.79 12.24 -46.61
CA GLN C 176 11.59 11.37 -47.50
C GLN C 176 10.77 10.29 -48.14
N VAL C 177 9.74 9.83 -47.45
CA VAL C 177 8.97 8.72 -47.94
C VAL C 177 7.54 9.16 -48.17
N SER C 178 7.30 10.47 -48.14
CA SER C 178 5.94 11.00 -48.17
C SER C 178 5.28 10.80 -49.51
N THR C 179 3.96 10.67 -49.51
CA THR C 179 3.20 10.45 -50.75
C THR C 179 2.15 11.56 -51.06
N ALA C 180 1.82 12.41 -50.09
CA ALA C 180 0.84 13.41 -50.36
C ALA C 180 1.16 14.71 -49.63
N VAL C 181 0.83 15.82 -50.22
CA VAL C 181 1.03 17.11 -49.58
C VAL C 181 0.02 17.34 -48.48
N VAL C 182 -1.06 16.56 -48.48
CA VAL C 182 -2.16 16.79 -47.56
C VAL C 182 -2.06 15.92 -46.30
N GLU C 183 -0.96 15.21 -46.14
CA GLU C 183 -0.77 14.38 -44.95
C GLU C 183 -0.93 15.09 -43.61
N PRO C 184 -0.49 16.36 -43.49
CA PRO C 184 -0.71 17.04 -42.20
C PRO C 184 -2.19 17.16 -41.95
N TYR C 185 -3.00 17.44 -42.98
CA TYR C 185 -4.46 17.51 -42.80
C TYR C 185 -5.00 16.20 -42.29
N ASN C 186 -4.75 15.13 -43.02
CA ASN C 186 -5.23 13.83 -42.65
C ASN C 186 -4.77 13.41 -41.23
N SER C 187 -3.54 13.80 -40.88
CA SER C 187 -2.92 13.53 -39.59
C SER C 187 -3.65 14.21 -38.48
N ILE C 188 -3.91 15.51 -38.66
CA ILE C 188 -4.65 16.28 -37.66
C ILE C 188 -6.10 15.76 -37.50
N LEU C 189 -6.78 15.56 -38.60
CA LEU C 189 -8.17 15.08 -38.52
C LEU C 189 -8.27 13.74 -37.85
N THR C 190 -7.35 12.79 -38.19
CA THR C 190 -7.45 11.46 -37.60
C THR C 190 -7.05 11.47 -36.12
N THR C 191 -6.12 12.36 -35.75
CA THR C 191 -5.70 12.42 -34.38
C THR C 191 -6.81 12.99 -33.54
N HIS C 192 -7.43 14.06 -34.01
CA HIS C 192 -8.55 14.62 -33.28
C HIS C 192 -9.69 13.65 -33.14
N THR C 193 -9.99 12.94 -34.20
CA THR C 193 -11.15 12.05 -34.20
C THR C 193 -10.98 10.82 -33.36
N THR C 194 -9.79 10.28 -33.27
CA THR C 194 -9.55 9.02 -32.59
CA THR C 194 -9.64 9.01 -32.54
C THR C 194 -9.16 9.18 -31.11
N LEU C 195 -8.78 10.39 -30.70
CA LEU C 195 -8.23 10.64 -29.39
C LEU C 195 -9.04 10.07 -28.23
N GLU C 196 -10.37 10.14 -28.29
CA GLU C 196 -11.22 9.62 -27.21
CA GLU C 196 -11.15 9.62 -27.17
C GLU C 196 -11.46 8.13 -27.32
N HIS C 197 -11.15 7.54 -28.47
CA HIS C 197 -11.39 6.13 -28.66
C HIS C 197 -10.18 5.27 -28.46
N SER C 198 -9.01 5.90 -28.28
CA SER C 198 -7.78 5.14 -28.13
C SER C 198 -7.26 5.15 -26.70
N ASP C 199 -6.75 4.02 -26.25
CA ASP C 199 -6.21 3.92 -24.89
C ASP C 199 -4.70 4.16 -24.82
N CYS C 200 -3.95 3.75 -25.86
CA CYS C 200 -2.54 3.94 -25.87
C CYS C 200 -2.13 3.89 -27.31
N ALA C 201 -1.37 4.88 -27.77
CA ALA C 201 -0.96 4.87 -29.13
C ALA C 201 0.56 5.03 -29.22
N PHE C 202 1.19 4.12 -29.94
CA PHE C 202 2.63 4.22 -30.24
C PHE C 202 2.89 4.84 -31.58
N MET C 203 3.40 6.07 -31.58
CA MET C 203 3.81 6.72 -32.81
C MET C 203 5.13 6.21 -33.34
N VAL C 204 5.22 6.01 -34.65
CA VAL C 204 6.45 5.59 -35.28
C VAL C 204 6.74 6.58 -36.34
N ASP C 205 7.77 7.39 -36.11
CA ASP C 205 8.19 8.46 -37.01
C ASP C 205 9.02 7.86 -38.13
N ASN C 206 8.51 7.97 -39.33
CA ASN C 206 9.17 7.36 -40.48
C ASN C 206 10.55 7.98 -40.67
N GLU C 207 10.70 9.24 -40.36
CA GLU C 207 11.99 9.90 -40.46
C GLU C 207 13.01 9.34 -39.47
N ALA C 208 12.55 8.92 -38.29
CA ALA C 208 13.44 8.38 -37.27
C ALA C 208 13.87 7.01 -37.63
N ILE C 209 12.94 6.22 -38.15
CA ILE C 209 13.24 4.86 -38.54
C ILE C 209 14.18 4.93 -39.73
N TYR C 210 13.93 5.91 -40.58
CA TYR C 210 14.67 6.09 -41.78
C TYR C 210 16.11 6.45 -41.44
N ASP C 211 16.26 7.43 -40.56
N ASP C 211 16.27 7.44 -40.57
CA ASP C 211 17.53 7.91 -40.06
CA ASP C 211 17.59 7.88 -40.17
C ASP C 211 18.28 6.76 -39.45
C ASP C 211 18.32 6.82 -39.34
N ILE C 212 17.57 5.89 -38.73
CA ILE C 212 18.20 4.80 -38.02
C ILE C 212 18.69 3.76 -39.02
N CYS C 213 17.91 3.54 -40.06
CA CYS C 213 18.32 2.58 -41.08
C CYS C 213 19.57 3.12 -41.83
N ARG C 214 19.64 4.43 -42.04
CA ARG C 214 20.78 4.98 -42.72
C ARG C 214 22.02 4.90 -41.84
N ARG C 215 21.86 5.25 -40.57
CA ARG C 215 22.98 5.47 -39.69
C ARG C 215 23.52 4.17 -39.11
N ASN C 216 22.67 3.33 -38.55
CA ASN C 216 23.14 2.10 -37.89
C ASN C 216 23.32 0.93 -38.80
N LEU C 217 22.66 0.94 -39.96
CA LEU C 217 22.74 -0.24 -40.84
C LEU C 217 23.35 0.09 -42.20
N ASP C 218 23.84 1.32 -42.34
CA ASP C 218 24.44 1.84 -43.55
C ASP C 218 23.69 1.55 -44.82
N ILE C 219 22.38 1.70 -44.74
CA ILE C 219 21.54 1.52 -45.91
C ILE C 219 21.39 2.87 -46.56
N GLU C 220 21.96 2.97 -47.74
CA GLU C 220 22.06 4.23 -48.49
C GLU C 220 20.69 4.88 -48.62
N ARG C 221 19.71 4.08 -49.02
CA ARG C 221 18.42 4.65 -49.32
C ARG C 221 17.36 3.64 -48.97
N PRO C 222 16.88 3.70 -47.74
CA PRO C 222 16.03 2.68 -47.18
C PRO C 222 14.66 2.58 -47.87
N THR C 223 14.18 1.35 -47.91
CA THR C 223 12.90 1.04 -48.50
C THR C 223 11.87 0.84 -47.42
N TYR C 224 10.62 0.68 -47.83
CA TYR C 224 9.53 0.35 -46.91
C TYR C 224 9.83 -0.96 -46.23
N THR C 225 10.43 -1.88 -46.96
CA THR C 225 10.80 -3.16 -46.39
C THR C 225 11.87 -3.08 -45.27
N ASN C 226 12.85 -2.17 -45.42
CA ASN C 226 13.82 -1.89 -44.34
C ASN C 226 13.18 -1.35 -43.08
N LEU C 227 12.40 -0.30 -43.28
CA LEU C 227 11.64 0.34 -42.20
C LEU C 227 10.78 -0.68 -41.49
N ASN C 228 10.04 -1.45 -42.27
CA ASN C 228 9.04 -2.31 -41.70
C ASN C 228 9.71 -3.40 -40.90
N ARG C 229 10.80 -3.90 -41.42
CA ARG C 229 11.55 -4.90 -40.70
C ARG C 229 12.07 -4.39 -39.37
N LEU C 230 12.42 -3.12 -39.28
CA LEU C 230 12.83 -2.62 -37.99
C LEU C 230 11.62 -2.39 -37.04
N ILE C 231 10.56 -1.82 -37.62
CA ILE C 231 9.35 -1.52 -36.88
C ILE C 231 8.82 -2.78 -36.26
N SER C 232 8.94 -3.88 -36.98
CA SER C 232 8.33 -5.06 -36.47
C SER C 232 9.08 -5.62 -35.30
N GLN C 233 10.36 -5.28 -35.20
CA GLN C 233 11.16 -5.76 -34.10
C GLN C 233 10.71 -4.99 -32.93
N ILE C 234 10.47 -3.69 -33.13
CA ILE C 234 9.89 -2.89 -32.01
C ILE C 234 8.51 -3.36 -31.55
N VAL C 235 7.60 -3.65 -32.49
CA VAL C 235 6.27 -4.16 -32.14
C VAL C 235 6.38 -5.52 -31.46
N SER C 236 7.30 -6.36 -31.93
CA SER C 236 7.50 -7.65 -31.30
C SER C 236 7.96 -7.48 -29.86
N SER C 237 8.92 -6.56 -29.63
CA SER C 237 9.31 -6.22 -28.26
C SER C 237 8.14 -5.82 -27.44
N ILE C 238 7.28 -4.98 -28.01
CA ILE C 238 6.13 -4.52 -27.23
C ILE C 238 5.07 -5.61 -26.98
N THR C 239 4.94 -6.61 -27.84
CA THR C 239 3.91 -7.62 -27.67
C THR C 239 4.42 -8.91 -27.11
N ALA C 240 5.70 -8.97 -26.84
CA ALA C 240 6.30 -10.20 -26.34
C ALA C 240 5.69 -10.63 -25.03
N SER C 241 5.24 -9.68 -24.24
CA SER C 241 4.62 -9.98 -22.93
C SER C 241 3.32 -10.77 -23.16
N LEU C 242 2.56 -10.39 -24.18
CA LEU C 242 1.29 -11.06 -24.47
C LEU C 242 1.57 -12.42 -25.05
N ARG C 243 2.56 -12.53 -25.93
CA ARG C 243 2.75 -13.74 -26.71
C ARG C 243 3.61 -14.77 -26.03
N PHE C 244 4.44 -14.36 -25.08
CA PHE C 244 5.24 -15.37 -24.38
C PHE C 244 5.02 -15.23 -22.89
N ASP C 245 5.46 -16.23 -22.14
CA ASP C 245 5.46 -16.08 -20.70
C ASP C 245 6.65 -16.66 -19.96
N GLY C 246 7.05 -15.97 -18.92
CA GLY C 246 8.09 -16.47 -18.04
C GLY C 246 7.95 -15.79 -16.69
N ALA C 247 8.86 -16.10 -15.78
CA ALA C 247 8.78 -15.65 -14.42
C ALA C 247 8.97 -14.14 -14.34
N LEU C 248 9.91 -13.61 -15.13
CA LEU C 248 10.29 -12.20 -15.04
C LEU C 248 9.48 -11.35 -15.96
N ASN C 249 8.60 -12.00 -16.71
CA ASN C 249 7.82 -11.36 -17.73
C ASN C 249 6.76 -10.43 -17.11
N VAL C 250 6.56 -9.27 -17.69
CA VAL C 250 5.65 -8.33 -17.11
C VAL C 250 4.72 -7.92 -18.21
N ASP C 251 3.42 -8.07 -17.95
CA ASP C 251 2.39 -7.77 -18.91
C ASP C 251 2.32 -6.34 -19.35
N LEU C 252 2.13 -6.14 -20.64
CA LEU C 252 1.91 -4.81 -21.20
C LEU C 252 0.90 -3.92 -20.45
N THR C 253 -0.19 -4.48 -19.94
CA THR C 253 -1.23 -3.69 -19.27
C THR C 253 -0.66 -3.07 -17.97
N GLU C 254 0.19 -3.82 -17.31
CA GLU C 254 0.90 -3.32 -16.14
C GLU C 254 1.82 -2.13 -16.45
N PHE C 255 2.53 -2.15 -17.59
CA PHE C 255 3.21 -0.97 -18.10
C PHE C 255 2.25 0.14 -18.48
N GLN C 256 1.14 -0.26 -19.11
CA GLN C 256 0.09 0.69 -19.46
C GLN C 256 -0.44 1.53 -18.29
N THR C 257 -0.58 0.92 -17.10
CA THR C 257 -0.95 1.60 -15.90
C THR C 257 -0.01 2.76 -15.61
N ASN C 258 1.27 2.50 -15.69
CA ASN C 258 2.26 3.57 -15.47
C ASN C 258 2.42 4.51 -16.60
N LEU C 259 2.06 4.07 -17.82
CA LEU C 259 2.28 4.90 -19.00
C LEU C 259 1.29 5.99 -19.22
N VAL C 260 0.07 5.83 -18.71
CA VAL C 260 -0.99 6.82 -19.03
C VAL C 260 -1.54 7.45 -17.78
N PRO C 261 -1.04 8.60 -17.43
CA PRO C 261 -1.48 9.29 -16.22
C PRO C 261 -2.80 10.03 -16.39
N TYR C 262 -3.12 10.44 -17.60
CA TYR C 262 -4.42 11.01 -17.90
C TYR C 262 -4.79 10.42 -19.21
N PRO C 263 -6.10 10.29 -19.48
CA PRO C 263 -6.59 9.65 -20.76
C PRO C 263 -5.99 10.22 -22.02
N ARG C 264 -5.78 11.52 -22.08
CA ARG C 264 -5.30 12.11 -23.35
C ARG C 264 -3.79 11.93 -23.47
N ILE C 265 -3.13 11.70 -22.36
CA ILE C 265 -1.70 11.65 -22.37
C ILE C 265 -1.31 10.20 -22.56
N HIS C 266 -1.65 9.63 -23.69
CA HIS C 266 -1.48 8.21 -23.85
C HIS C 266 -0.55 7.88 -24.99
N PHE C 267 0.46 8.72 -25.24
CA PHE C 267 1.37 8.54 -26.34
C PHE C 267 2.80 8.27 -25.91
N PRO C 268 3.17 7.02 -25.76
CA PRO C 268 4.52 6.73 -25.25
C PRO C 268 5.58 6.77 -26.33
N LEU C 269 6.79 7.21 -25.93
CA LEU C 269 7.97 7.24 -26.76
C LEU C 269 8.72 5.92 -26.67
N ALA C 270 8.92 5.24 -27.79
CA ALA C 270 9.67 4.02 -27.79
C ALA C 270 11.09 4.24 -28.28
N THR C 271 11.98 3.42 -27.76
CA THR C 271 13.36 3.51 -28.13
C THR C 271 13.85 2.10 -28.17
N TYR C 272 14.54 1.72 -29.25
CA TYR C 272 14.96 0.30 -29.39
C TYR C 272 16.47 0.12 -29.48
N ALA C 273 16.99 -0.95 -28.91
CA ALA C 273 18.40 -1.30 -29.10
C ALA C 273 18.66 -2.79 -28.90
N PRO C 274 19.62 -3.38 -29.64
CA PRO C 274 20.53 -2.75 -30.58
C PRO C 274 20.09 -2.89 -32.01
N VAL C 275 20.35 -1.87 -32.80
CA VAL C 275 20.15 -1.93 -34.23
C VAL C 275 21.51 -1.94 -34.85
N ILE C 276 21.88 -3.08 -35.39
CA ILE C 276 23.23 -3.27 -35.81
C ILE C 276 23.31 -4.32 -36.90
N SER C 277 24.17 -4.10 -37.89
CA SER C 277 24.38 -5.09 -38.95
C SER C 277 25.20 -6.30 -38.52
N ALA C 278 25.01 -7.40 -39.24
CA ALA C 278 25.77 -8.62 -39.00
C ALA C 278 27.27 -8.39 -39.06
N GLU C 279 27.70 -7.57 -40.00
CA GLU C 279 29.09 -7.15 -40.17
C GLU C 279 29.64 -6.61 -38.87
N LYS C 280 28.89 -5.70 -38.25
CA LYS C 280 29.37 -4.95 -37.13
C LYS C 280 29.16 -5.69 -35.83
N ALA C 281 28.39 -6.75 -35.88
CA ALA C 281 28.02 -7.45 -34.66
C ALA C 281 28.89 -8.65 -34.47
N TYR C 282 29.36 -9.21 -35.59
CA TYR C 282 30.32 -10.30 -35.56
C TYR C 282 31.50 -9.93 -34.62
N HIS C 283 31.74 -10.75 -33.61
CA HIS C 283 32.83 -10.50 -32.61
C HIS C 283 32.59 -9.34 -31.64
N GLU C 284 31.33 -9.14 -31.30
CA GLU C 284 30.96 -8.12 -30.33
C GLU C 284 29.71 -8.57 -29.69
N GLN C 285 29.78 -9.01 -28.43
CA GLN C 285 28.53 -9.10 -27.65
C GLN C 285 28.30 -7.75 -27.03
N LEU C 286 27.08 -7.28 -27.22
CA LEU C 286 26.67 -6.01 -26.70
C LEU C 286 25.98 -6.42 -25.44
N SER C 287 26.47 -5.86 -24.35
CA SER C 287 26.05 -6.30 -23.06
C SER C 287 24.73 -5.56 -22.69
N VAL C 288 24.12 -6.00 -21.58
CA VAL C 288 22.99 -5.33 -21.01
C VAL C 288 23.29 -3.86 -20.84
N ALA C 289 24.47 -3.55 -20.33
CA ALA C 289 24.84 -2.14 -20.09
C ALA C 289 24.89 -1.32 -21.37
N GLU C 290 25.36 -1.91 -22.45
CA GLU C 290 25.48 -1.11 -23.67
C GLU C 290 24.11 -0.85 -24.31
N ILE C 291 23.29 -1.92 -24.44
CA ILE C 291 21.94 -1.70 -24.99
C ILE C 291 21.06 -0.78 -24.09
N THR C 292 21.19 -0.97 -22.77
CA THR C 292 20.53 -0.07 -21.86
C THR C 292 20.96 1.35 -22.04
N ASN C 293 22.28 1.54 -22.15
CA ASN C 293 22.83 2.87 -22.44
CA ASN C 293 22.87 2.84 -22.47
C ASN C 293 22.31 3.50 -23.74
N ALA C 294 22.35 2.75 -24.82
CA ALA C 294 21.87 3.20 -26.09
C ALA C 294 20.34 3.54 -26.07
N CYS C 295 19.55 2.97 -25.13
CA CYS C 295 18.12 3.37 -25.01
CA CYS C 295 18.13 3.37 -25.01
C CYS C 295 17.97 4.81 -24.67
N PHE C 296 19.01 5.41 -24.10
CA PHE C 296 18.87 6.79 -23.72
C PHE C 296 19.50 7.73 -24.71
N GLU C 297 19.89 7.17 -25.85
CA GLU C 297 20.40 7.97 -26.94
C GLU C 297 19.25 8.39 -27.88
N PRO C 298 18.99 9.69 -28.01
CA PRO C 298 17.91 10.20 -28.84
C PRO C 298 17.93 9.76 -30.30
N ALA C 299 19.02 9.18 -30.76
CA ALA C 299 19.09 8.77 -32.13
C ALA C 299 18.48 7.39 -32.27
N ASN C 300 18.05 6.82 -31.15
CA ASN C 300 17.47 5.46 -31.19
C ASN C 300 15.97 5.43 -30.96
N GLN C 301 15.37 6.61 -30.86
CA GLN C 301 13.93 6.79 -30.68
C GLN C 301 13.10 6.58 -31.93
N MET C 302 11.89 6.05 -31.75
CA MET C 302 10.88 5.99 -32.85
C MET C 302 10.42 7.34 -33.26
N VAL C 303 10.54 8.32 -32.38
CA VAL C 303 10.04 9.62 -32.70
C VAL C 303 11.13 10.64 -32.48
N LYS C 304 11.26 11.56 -33.42
CA LYS C 304 12.23 12.62 -33.25
C LYS C 304 11.71 13.72 -32.36
N CYS C 305 12.32 13.82 -31.19
CA CYS C 305 11.99 14.82 -30.15
C CYS C 305 13.18 14.84 -29.26
N ASP C 306 13.22 15.79 -28.34
CA ASP C 306 14.33 15.83 -27.44
C ASP C 306 13.87 15.70 -25.99
N PRO C 307 13.99 14.51 -25.43
CA PRO C 307 13.48 14.25 -24.10
C PRO C 307 14.31 14.97 -23.06
N ARG C 308 15.53 15.34 -23.44
CA ARG C 308 16.37 16.12 -22.55
C ARG C 308 15.74 17.46 -22.27
N HIS C 309 14.87 17.93 -23.16
CA HIS C 309 14.23 19.25 -23.00
C HIS C 309 12.83 19.16 -22.56
N GLY C 310 12.38 17.96 -22.17
CA GLY C 310 11.06 17.79 -21.54
C GLY C 310 11.20 17.13 -20.17
N LYS C 311 10.12 16.58 -19.67
CA LYS C 311 10.20 15.86 -18.41
C LYS C 311 9.60 14.50 -18.54
N TYR C 312 10.14 13.58 -17.75
CA TYR C 312 9.61 12.23 -17.70
C TYR C 312 8.38 12.04 -16.78
N MET C 313 7.43 11.28 -17.28
CA MET C 313 6.29 10.95 -16.46
C MET C 313 6.33 9.48 -16.25
N ALA C 314 7.19 8.80 -16.99
CA ALA C 314 7.30 7.33 -16.81
C ALA C 314 8.45 6.80 -17.64
N CYS C 315 9.04 5.72 -17.13
CA CYS C 315 10.13 5.09 -17.81
CA CYS C 315 10.14 5.08 -17.81
C CYS C 315 10.08 3.55 -17.64
N CYS C 316 9.86 2.85 -18.73
CA CYS C 316 9.75 1.40 -18.70
C CYS C 316 10.79 0.76 -19.59
N LEU C 317 11.32 -0.35 -19.12
CA LEU C 317 12.31 -1.10 -19.89
C LEU C 317 11.85 -2.49 -20.19
N LEU C 318 11.76 -2.80 -21.46
CA LEU C 318 11.32 -4.11 -21.86
C LEU C 318 12.48 -4.94 -22.52
N TYR C 319 13.07 -5.86 -21.76
CA TYR C 319 14.19 -6.65 -22.20
C TYR C 319 13.75 -7.95 -22.74
N ARG C 320 14.49 -8.45 -23.75
CA ARG C 320 14.31 -9.82 -24.15
C ARG C 320 15.65 -10.47 -24.43
N GLY C 321 15.71 -11.76 -24.19
CA GLY C 321 16.89 -12.49 -24.45
C GLY C 321 17.62 -12.89 -23.19
N ASP C 322 18.94 -13.03 -23.34
CA ASP C 322 19.81 -13.42 -22.29
C ASP C 322 20.07 -12.25 -21.35
N VAL C 323 19.18 -12.05 -20.38
CA VAL C 323 19.23 -10.90 -19.48
C VAL C 323 18.76 -11.33 -18.11
N VAL C 324 19.53 -10.95 -17.09
CA VAL C 324 19.15 -11.24 -15.71
C VAL C 324 19.09 -9.93 -14.99
N PRO C 325 18.29 -9.88 -13.92
CA PRO C 325 17.99 -8.62 -13.22
C PRO C 325 19.21 -7.87 -12.66
N LYS C 326 20.16 -8.62 -12.11
CA LYS C 326 21.41 -8.08 -11.56
C LYS C 326 22.11 -7.14 -12.52
N ASP C 327 22.27 -7.62 -13.74
CA ASP C 327 22.84 -6.78 -14.82
C ASP C 327 22.02 -5.55 -15.10
N VAL C 328 20.73 -5.73 -15.25
CA VAL C 328 19.82 -4.61 -15.47
C VAL C 328 20.01 -3.59 -14.38
N ASN C 329 19.98 -4.04 -13.13
CA ASN C 329 20.08 -3.10 -12.00
C ASN C 329 21.40 -2.37 -11.95
N ALA C 330 22.47 -3.07 -12.30
CA ALA C 330 23.79 -2.41 -12.45
C ALA C 330 23.78 -1.33 -13.53
N ALA C 331 23.21 -1.70 -14.69
CA ALA C 331 23.17 -0.80 -15.83
C ALA C 331 22.36 0.43 -15.54
N ILE C 332 21.23 0.22 -14.88
CA ILE C 332 20.36 1.35 -14.46
C ILE C 332 21.03 2.24 -13.45
N ALA C 333 21.71 1.63 -12.48
CA ALA C 333 22.51 2.41 -11.50
C ALA C 333 23.55 3.29 -12.17
N THR C 334 24.32 2.70 -13.08
CA THR C 334 25.23 3.51 -13.88
C THR C 334 24.50 4.64 -14.64
N ILE C 335 23.45 4.31 -15.39
CA ILE C 335 22.70 5.38 -16.09
C ILE C 335 22.26 6.49 -15.12
N LYS C 336 21.76 6.10 -13.96
CA LYS C 336 21.27 7.09 -13.01
C LYS C 336 22.36 8.01 -12.46
N THR C 337 23.60 7.51 -12.39
CA THR C 337 24.72 8.39 -11.98
C THR C 337 25.11 9.29 -13.15
N LYS C 338 25.21 8.71 -14.35
CA LYS C 338 25.78 9.41 -15.51
C LYS C 338 24.80 10.25 -16.30
N ARG C 339 23.51 10.00 -16.07
CA ARG C 339 22.47 10.83 -16.67
C ARG C 339 21.58 11.43 -15.59
N SER C 340 21.01 12.58 -15.93
CA SER C 340 20.03 13.18 -15.09
C SER C 340 18.80 13.07 -15.91
N ILE C 341 18.06 12.00 -15.61
CA ILE C 341 16.75 11.75 -16.18
C ILE C 341 15.74 12.38 -15.26
N GLN C 342 15.12 13.46 -15.71
CA GLN C 342 14.29 14.19 -14.79
C GLN C 342 12.80 13.93 -14.93
N PHE C 343 12.15 13.66 -13.80
CA PHE C 343 10.72 13.43 -13.75
C PHE C 343 9.96 14.64 -13.25
N VAL C 344 8.65 14.70 -13.57
CA VAL C 344 7.74 15.71 -13.04
C VAL C 344 7.54 15.45 -11.56
N ASP C 345 7.14 16.46 -10.81
CA ASP C 345 7.23 16.35 -9.38
C ASP C 345 6.14 15.45 -8.79
N TRP C 346 5.15 15.15 -9.60
CA TRP C 346 4.05 14.33 -9.14
C TRP C 346 4.20 12.88 -9.48
N CYS C 347 5.31 12.46 -10.07
CA CYS C 347 5.49 10.97 -10.18
C CYS C 347 6.84 10.45 -9.74
N PRO C 348 6.85 9.22 -9.22
CA PRO C 348 8.03 8.52 -8.77
C PRO C 348 9.01 8.33 -9.87
N THR C 349 10.25 8.02 -9.51
CA THR C 349 11.34 8.07 -10.48
C THR C 349 11.85 6.69 -10.85
N GLY C 350 11.30 5.66 -10.23
CA GLY C 350 11.71 4.30 -10.62
C GLY C 350 11.64 3.99 -12.12
N PHE C 351 12.38 3.00 -12.56
CA PHE C 351 12.19 2.44 -13.86
C PHE C 351 11.46 1.15 -13.64
N LYS C 352 10.49 0.88 -14.50
CA LYS C 352 9.80 -0.41 -14.41
C LYS C 352 10.38 -1.39 -15.42
N VAL C 353 10.73 -2.55 -14.95
CA VAL C 353 11.46 -3.51 -15.77
C VAL C 353 10.69 -4.80 -16.14
N GLY C 354 10.93 -5.32 -17.31
CA GLY C 354 10.41 -6.62 -17.56
C GLY C 354 11.37 -7.37 -18.45
N ILE C 355 11.36 -8.67 -18.32
CA ILE C 355 12.26 -9.48 -19.03
C ILE C 355 11.56 -10.67 -19.64
N ASN C 356 11.65 -10.80 -20.95
CA ASN C 356 11.21 -12.03 -21.64
CA ASN C 356 11.22 -12.02 -21.63
C ASN C 356 12.43 -12.86 -22.02
N TYR C 357 12.49 -14.10 -21.54
CA TYR C 357 13.64 -14.97 -21.83
C TYR C 357 13.88 -15.36 -23.28
N GLN C 358 12.84 -15.29 -24.10
CA GLN C 358 12.93 -15.75 -25.49
CA GLN C 358 12.94 -15.74 -25.47
C GLN C 358 13.70 -14.72 -26.30
N PRO C 359 14.78 -15.16 -26.95
CA PRO C 359 15.68 -14.29 -27.69
C PRO C 359 15.07 -13.87 -29.02
N PRO C 360 15.50 -12.72 -29.52
CA PRO C 360 15.01 -12.14 -30.76
C PRO C 360 15.40 -13.03 -31.95
N THR C 361 14.62 -12.96 -33.04
CA THR C 361 15.06 -13.53 -34.30
C THR C 361 15.09 -12.46 -35.32
N VAL C 362 15.48 -12.85 -36.53
CA VAL C 362 15.37 -11.94 -37.61
C VAL C 362 14.78 -12.71 -38.71
N VAL C 363 14.34 -11.96 -39.72
CA VAL C 363 13.83 -12.53 -40.91
C VAL C 363 14.99 -12.67 -41.84
N PRO C 364 15.16 -13.87 -42.41
CA PRO C 364 16.23 -14.16 -43.39
C PRO C 364 16.28 -13.13 -44.47
N GLY C 365 17.48 -12.79 -44.92
CA GLY C 365 17.62 -11.87 -46.05
C GLY C 365 17.61 -10.45 -45.55
N GLY C 366 17.60 -10.30 -44.24
CA GLY C 366 17.48 -8.98 -43.64
C GLY C 366 18.85 -8.40 -43.36
N ASP C 367 18.86 -7.18 -42.85
CA ASP C 367 20.09 -6.46 -42.61
C ASP C 367 20.40 -6.32 -41.09
N LEU C 368 19.66 -7.01 -40.26
CA LEU C 368 19.79 -6.81 -38.84
C LEU C 368 20.50 -7.99 -38.28
N ALA C 369 21.50 -7.73 -37.45
CA ALA C 369 22.17 -8.83 -36.78
C ALA C 369 21.17 -9.61 -35.91
N LYS C 370 21.35 -10.91 -35.84
CA LYS C 370 20.64 -11.69 -34.86
C LYS C 370 21.41 -11.64 -33.59
N VAL C 371 20.88 -10.89 -32.63
CA VAL C 371 21.54 -10.68 -31.35
C VAL C 371 21.03 -11.56 -30.24
N GLN C 372 21.76 -11.66 -29.16
CA GLN C 372 21.34 -12.49 -28.04
C GLN C 372 20.37 -11.75 -27.12
N ARG C 373 20.52 -10.43 -27.01
CA ARG C 373 19.66 -9.66 -26.16
C ARG C 373 19.21 -8.35 -26.77
N ALA C 374 18.04 -7.89 -26.37
CA ALA C 374 17.53 -6.59 -26.84
C ALA C 374 16.65 -5.90 -25.82
N VAL C 375 16.31 -4.66 -26.11
CA VAL C 375 15.52 -3.90 -25.20
C VAL C 375 14.73 -2.81 -25.92
N CYS C 376 13.48 -2.63 -25.53
CA CYS C 376 12.71 -1.46 -25.94
C CYS C 376 12.36 -0.71 -24.68
N MET C 377 12.69 0.56 -24.66
CA MET C 377 12.28 1.38 -23.59
C MET C 377 11.03 2.08 -24.05
N LEU C 378 10.05 2.15 -23.15
CA LEU C 378 8.82 2.92 -23.41
C LEU C 378 8.80 3.96 -22.35
N SER C 379 8.89 5.20 -22.75
CA SER C 379 8.81 6.25 -21.73
C SER C 379 7.67 7.20 -22.04
N ASN C 380 7.20 7.90 -21.03
CA ASN C 380 6.22 8.93 -21.31
C ASN C 380 6.83 10.24 -20.87
N THR C 381 7.12 11.05 -21.87
CA THR C 381 7.79 12.32 -21.74
C THR C 381 7.01 13.37 -22.52
N THR C 382 7.12 14.60 -22.07
CA THR C 382 6.37 15.68 -22.63
C THR C 382 6.98 16.07 -23.96
N ALA C 383 8.21 15.64 -24.18
CA ALA C 383 8.94 15.96 -25.43
C ALA C 383 8.20 15.49 -26.67
N ILE C 384 7.40 14.42 -26.54
CA ILE C 384 6.71 13.87 -27.68
C ILE C 384 5.82 14.94 -28.32
N ALA C 385 5.42 15.90 -27.51
CA ALA C 385 4.64 17.00 -28.02
C ALA C 385 5.29 17.78 -29.18
N GLU C 386 6.59 17.73 -29.30
CA GLU C 386 7.31 18.33 -30.47
C GLU C 386 6.75 17.78 -31.76
N ALA C 387 6.44 16.50 -31.75
CA ALA C 387 5.94 15.88 -32.94
C ALA C 387 4.53 16.39 -33.27
N TRP C 388 3.75 16.75 -32.25
CA TRP C 388 2.46 17.40 -32.55
C TRP C 388 2.74 18.75 -33.09
N ALA C 389 3.67 19.50 -32.46
CA ALA C 389 3.98 20.89 -32.90
C ALA C 389 4.37 21.00 -34.36
N ARG C 390 5.30 20.17 -34.80
CA ARG C 390 5.71 20.15 -36.22
C ARG C 390 4.55 19.95 -37.15
N LEU C 391 3.74 18.95 -36.88
CA LEU C 391 2.59 18.64 -37.72
C LEU C 391 1.60 19.82 -37.71
N ASP C 392 1.38 20.37 -36.53
CA ASP C 392 0.41 21.45 -36.40
C ASP C 392 0.90 22.64 -37.15
N HIS C 393 2.21 22.88 -37.09
CA HIS C 393 2.76 23.97 -37.84
C HIS C 393 2.48 23.85 -39.35
N LYS C 394 2.62 22.62 -39.87
CA LYS C 394 2.43 22.37 -41.30
C LYS C 394 1.02 22.57 -41.70
N PHE C 395 0.13 22.09 -40.83
CA PHE C 395 -1.30 22.26 -41.06
C PHE C 395 -1.62 23.75 -41.18
N ASP C 396 -1.11 24.54 -40.26
CA ASP C 396 -1.41 25.96 -40.24
C ASP C 396 -0.99 26.65 -41.50
N LEU C 397 0.19 26.31 -42.02
CA LEU C 397 0.71 27.04 -43.15
C LEU C 397 -0.23 26.87 -44.33
N MET C 398 -0.81 25.66 -44.48
CA MET C 398 -1.71 25.41 -45.61
C MET C 398 -3.10 25.94 -45.30
N TYR C 399 -3.51 25.79 -44.06
CA TYR C 399 -4.88 26.04 -43.77
C TYR C 399 -5.22 27.51 -43.81
N ALA C 400 -4.23 28.33 -43.48
CA ALA C 400 -4.38 29.76 -43.51
C ALA C 400 -4.65 30.26 -44.93
N LYS C 401 -4.37 29.44 -45.95
CA LYS C 401 -4.68 29.80 -47.35
C LYS C 401 -5.79 28.93 -47.87
N ARG C 402 -6.27 28.05 -47.00
CA ARG C 402 -7.32 27.13 -47.37
C ARG C 402 -6.91 26.19 -48.50
N ALA C 403 -5.62 26.01 -48.65
CA ALA C 403 -5.09 25.17 -49.69
C ALA C 403 -5.57 23.73 -49.63
N PHE C 404 -5.94 23.14 -50.76
CA PHE C 404 -6.44 21.73 -50.87
C PHE C 404 -7.69 21.42 -50.10
N VAL C 405 -8.23 22.40 -49.39
CA VAL C 405 -9.37 22.18 -48.50
C VAL C 405 -10.60 21.81 -49.28
N HIS C 406 -10.66 22.30 -50.51
CA HIS C 406 -11.82 22.06 -51.40
C HIS C 406 -12.01 20.60 -51.69
N TRP C 407 -10.92 19.80 -51.67
CA TRP C 407 -11.02 18.36 -51.85
C TRP C 407 -11.76 17.66 -50.76
N TYR C 408 -11.82 18.30 -49.59
CA TYR C 408 -12.42 17.70 -48.42
C TYR C 408 -13.87 18.15 -48.38
N VAL C 409 -14.09 19.43 -48.66
CA VAL C 409 -15.42 20.00 -48.74
C VAL C 409 -16.23 19.35 -49.84
N GLY C 410 -15.56 18.95 -50.93
CA GLY C 410 -16.18 18.26 -52.04
C GLY C 410 -16.74 16.93 -51.60
N GLU C 411 -16.22 16.37 -50.49
CA GLU C 411 -16.71 15.06 -50.07
C GLU C 411 -17.72 15.18 -48.93
N GLY C 412 -18.10 16.43 -48.60
CA GLY C 412 -19.13 16.70 -47.61
C GLY C 412 -18.64 17.11 -46.23
N MET C 413 -17.37 17.53 -46.14
CA MET C 413 -16.83 18.01 -44.89
C MET C 413 -17.05 19.49 -44.84
N GLU C 414 -17.00 20.04 -43.63
CA GLU C 414 -17.08 21.48 -43.41
C GLU C 414 -15.76 22.00 -42.88
N GLU C 415 -15.46 23.25 -43.15
CA GLU C 415 -14.27 23.89 -42.57
C GLU C 415 -14.23 23.73 -41.03
N GLY C 416 -15.43 23.65 -40.44
CA GLY C 416 -15.60 23.58 -39.00
C GLY C 416 -14.89 22.39 -38.42
N GLU C 417 -14.92 21.26 -39.13
CA GLU C 417 -14.21 20.09 -38.70
C GLU C 417 -12.68 20.32 -38.66
N PHE C 418 -12.18 21.13 -39.56
CA PHE C 418 -10.79 21.44 -39.59
C PHE C 418 -10.45 22.28 -38.38
N SER C 419 -11.22 23.34 -38.12
CA SER C 419 -10.83 24.27 -37.04
C SER C 419 -11.00 23.55 -35.72
N GLU C 420 -11.97 22.66 -35.67
CA GLU C 420 -12.26 21.94 -34.48
C GLU C 420 -11.14 20.94 -34.17
N ALA C 421 -10.69 20.23 -35.19
CA ALA C 421 -9.54 19.35 -35.01
C ALA C 421 -8.27 20.10 -34.62
N ARG C 422 -7.97 21.17 -35.31
CA ARG C 422 -6.79 21.97 -34.92
C ARG C 422 -6.89 22.55 -33.47
N GLU C 423 -8.08 22.96 -33.04
CA GLU C 423 -8.28 23.38 -31.62
C GLU C 423 -8.04 22.23 -30.64
N ASP C 424 -8.50 21.04 -30.96
CA ASP C 424 -8.21 19.88 -30.11
C ASP C 424 -6.69 19.67 -29.99
N MET C 425 -5.96 19.77 -31.09
CA MET C 425 -4.50 19.58 -31.08
C MET C 425 -3.79 20.70 -30.28
N ALA C 426 -4.27 21.92 -30.44
CA ALA C 426 -3.75 23.02 -29.65
C ALA C 426 -3.94 22.75 -28.17
N ALA C 427 -5.12 22.26 -27.80
CA ALA C 427 -5.40 21.90 -26.40
C ALA C 427 -4.54 20.74 -25.93
N LEU C 428 -4.29 19.75 -26.78
CA LEU C 428 -3.38 18.68 -26.45
C LEU C 428 -1.93 19.17 -26.23
N GLU C 429 -1.46 20.10 -27.04
CA GLU C 429 -0.15 20.69 -26.85
C GLU C 429 -0.07 21.43 -25.52
N LYS C 430 -1.15 22.11 -25.19
CA LYS C 430 -1.22 22.84 -23.94
C LYS C 430 -1.29 21.87 -22.75
N ASP C 431 -2.00 20.75 -22.89
CA ASP C 431 -2.01 19.71 -21.86
C ASP C 431 -0.62 19.18 -21.60
N TYR C 432 0.11 18.88 -22.68
CA TYR C 432 1.49 18.43 -22.54
C TYR C 432 2.33 19.48 -21.86
N GLU C 433 2.03 20.76 -22.06
CA GLU C 433 2.76 21.79 -21.33
C GLU C 433 2.44 21.76 -19.84
N GLU C 434 1.18 21.57 -19.53
CA GLU C 434 0.74 21.67 -18.17
C GLU C 434 1.17 20.49 -17.30
N VAL C 435 1.19 19.28 -17.85
CA VAL C 435 1.58 18.18 -17.02
C VAL C 435 3.05 18.30 -16.54
N GLY C 436 3.84 19.07 -17.27
CA GLY C 436 5.24 19.20 -16.92
C GLY C 436 5.58 20.29 -15.93
N VAL C 437 4.68 21.25 -15.73
CA VAL C 437 4.82 22.29 -14.75
C VAL C 437 4.69 21.72 -13.35
N ASP C 438 5.60 22.17 -12.48
CA ASP C 438 5.69 21.73 -11.06
C ASP C 438 4.50 22.16 -10.27
N SER C 439 4.16 21.34 -9.26
CA SER C 439 3.00 21.56 -8.41
C SER C 439 3.17 22.77 -7.49
N VAL C 440 2.03 23.33 -7.07
CA VAL C 440 1.94 24.34 -5.99
C VAL C 440 2.75 23.91 -4.74
N MET D 1 -7.42 -2.75 -63.46
CA MET D 1 -8.62 -2.39 -62.68
C MET D 1 -8.77 -0.90 -62.29
N ARG D 2 -8.07 0.01 -62.98
CA ARG D 2 -8.25 1.45 -62.78
C ARG D 2 -8.18 2.06 -64.14
N GLU D 3 -9.33 2.03 -64.82
CA GLU D 3 -9.38 2.34 -66.21
C GLU D 3 -9.40 3.83 -66.49
N ILE D 4 -8.68 4.24 -67.53
CA ILE D 4 -8.83 5.55 -68.10
C ILE D 4 -9.43 5.48 -69.51
N VAL D 5 -10.26 6.45 -69.83
CA VAL D 5 -10.85 6.52 -71.13
C VAL D 5 -10.33 7.72 -71.86
N HIS D 6 -9.74 7.46 -73.03
CA HIS D 6 -9.05 8.46 -73.85
C HIS D 6 -9.87 8.91 -75.01
N ILE D 7 -9.82 10.21 -75.30
CA ILE D 7 -10.60 10.80 -76.37
C ILE D 7 -9.73 11.78 -77.15
N GLN D 8 -9.62 11.58 -78.47
CA GLN D 8 -8.93 12.57 -79.31
C GLN D 8 -9.92 13.25 -80.19
N ALA D 9 -9.81 14.55 -80.31
CA ALA D 9 -10.82 15.31 -81.01
C ALA D 9 -10.16 16.34 -81.92
N GLY D 10 -10.59 16.32 -83.19
CA GLY D 10 -10.03 17.19 -84.21
C GLY D 10 -8.62 16.80 -84.68
N GLN D 11 -8.06 17.72 -85.47
CA GLN D 11 -6.82 17.53 -86.23
C GLN D 11 -5.65 17.25 -85.30
N CYS D 12 -5.31 18.25 -84.47
CA CYS D 12 -4.21 18.15 -83.54
C CYS D 12 -4.40 16.99 -82.59
N GLY D 13 -5.60 16.94 -82.01
CA GLY D 13 -5.98 15.92 -81.06
C GLY D 13 -5.74 14.53 -81.60
N ASN D 14 -6.18 14.30 -82.84
CA ASN D 14 -5.95 12.97 -83.43
C ASN D 14 -4.51 12.67 -83.75
N GLN D 15 -3.76 13.66 -84.23
CA GLN D 15 -2.34 13.39 -84.49
C GLN D 15 -1.49 13.11 -83.23
N ILE D 16 -1.58 14.02 -82.24
CA ILE D 16 -0.87 13.80 -80.96
C ILE D 16 -1.38 12.56 -80.22
N GLY D 17 -2.70 12.30 -80.33
CA GLY D 17 -3.27 11.08 -79.83
C GLY D 17 -2.64 9.85 -80.43
N ALA D 18 -2.59 9.83 -81.75
CA ALA D 18 -1.99 8.71 -82.47
C ALA D 18 -0.53 8.48 -82.03
N LYS D 19 0.24 9.56 -82.05
CA LYS D 19 1.60 9.48 -81.56
C LYS D 19 1.66 8.90 -80.15
N PHE D 20 0.78 9.38 -79.28
CA PHE D 20 0.75 8.92 -77.91
C PHE D 20 0.64 7.42 -77.90
N TRP D 21 -0.35 6.93 -78.63
CA TRP D 21 -0.61 5.50 -78.67
C TRP D 21 0.54 4.72 -79.20
N GLU D 22 1.18 5.25 -80.23
CA GLU D 22 2.36 4.60 -80.80
C GLU D 22 3.44 4.42 -79.75
N VAL D 23 3.85 5.54 -79.16
CA VAL D 23 4.87 5.56 -78.12
C VAL D 23 4.56 4.60 -76.97
N ILE D 24 3.34 4.63 -76.46
CA ILE D 24 3.11 3.83 -75.27
C ILE D 24 2.93 2.37 -75.62
N SER D 25 2.45 2.12 -76.83
CA SER D 25 2.29 0.73 -77.30
C SER D 25 3.67 0.10 -77.44
N ASP D 26 4.61 0.87 -77.99
CA ASP D 26 5.95 0.41 -78.06
C ASP D 26 6.50 0.16 -76.68
N GLU D 27 6.25 1.09 -75.74
CA GLU D 27 6.78 0.94 -74.37
C GLU D 27 6.17 -0.28 -73.68
N HIS D 28 4.93 -0.61 -74.02
CA HIS D 28 4.28 -1.74 -73.38
C HIS D 28 4.43 -3.08 -74.10
N GLY D 29 5.09 -3.09 -75.25
CA GLY D 29 5.35 -4.33 -75.99
C GLY D 29 4.11 -4.82 -76.74
N ILE D 30 3.41 -3.89 -77.39
CA ILE D 30 2.17 -4.17 -78.11
C ILE D 30 2.39 -3.78 -79.56
N ASP D 31 2.03 -4.68 -80.48
CA ASP D 31 2.19 -4.41 -81.92
C ASP D 31 0.94 -3.77 -82.55
N PRO D 32 1.00 -3.42 -83.85
CA PRO D 32 -0.20 -2.84 -84.46
C PRO D 32 -1.39 -3.82 -84.59
N THR D 33 -1.14 -5.12 -84.49
CA THR D 33 -2.23 -6.12 -84.54
C THR D 33 -2.78 -6.33 -83.13
N GLY D 34 -2.09 -5.75 -82.14
CA GLY D 34 -2.58 -5.74 -80.78
C GLY D 34 -2.10 -6.94 -80.01
N SER D 35 -0.93 -7.45 -80.33
CA SER D 35 -0.42 -8.60 -79.60
C SER D 35 0.73 -8.24 -78.66
N TYR D 36 0.74 -8.88 -77.51
CA TYR D 36 1.89 -8.76 -76.61
C TYR D 36 3.10 -9.59 -77.06
N HIS D 37 4.10 -8.89 -77.59
CA HIS D 37 5.39 -9.50 -77.83
C HIS D 37 6.42 -8.67 -77.15
N GLY D 38 6.55 -8.89 -75.84
CA GLY D 38 7.41 -8.10 -74.97
C GLY D 38 8.15 -8.93 -73.94
N ASP D 39 9.02 -8.27 -73.19
CA ASP D 39 10.09 -8.92 -72.44
C ASP D 39 9.97 -8.88 -70.90
N SER D 40 9.07 -8.04 -70.37
CA SER D 40 8.91 -7.92 -68.92
C SER D 40 7.45 -7.92 -68.46
N ASP D 41 7.25 -8.58 -67.33
CA ASP D 41 5.99 -8.58 -66.61
C ASP D 41 5.55 -7.16 -66.21
N LEU D 42 6.53 -6.31 -65.86
CA LEU D 42 6.26 -4.92 -65.54
C LEU D 42 5.48 -4.27 -66.67
N GLN D 43 5.62 -4.75 -68.15
CA GLN D 43 4.90 -3.93 -69.13
C GLN D 43 3.39 -4.19 -69.09
N LEU D 44 3.01 -5.25 -68.40
CA LEU D 44 1.65 -5.75 -68.41
C LEU D 44 0.91 -5.57 -67.11
N GLU D 45 1.62 -5.20 -66.07
CA GLU D 45 1.05 -5.20 -64.73
C GLU D 45 -0.10 -4.17 -64.62
N ARG D 46 0.04 -3.02 -65.27
CA ARG D 46 -0.96 -1.98 -65.21
C ARG D 46 -1.34 -1.60 -66.62
N ILE D 47 -1.38 -2.61 -67.48
CA ILE D 47 -1.68 -2.42 -68.88
C ILE D 47 -3.13 -1.99 -69.11
N ASN D 48 -4.03 -2.45 -68.24
CA ASN D 48 -5.45 -2.13 -68.45
C ASN D 48 -5.89 -0.73 -68.10
N VAL D 49 -4.92 0.10 -67.65
CA VAL D 49 -5.20 1.51 -67.41
C VAL D 49 -5.50 2.11 -68.77
N TYR D 50 -4.83 1.59 -69.80
CA TYR D 50 -5.02 2.12 -71.13
C TYR D 50 -5.53 1.12 -72.15
N TYR D 51 -5.46 -0.16 -71.86
CA TYR D 51 -5.85 -1.16 -72.85
C TYR D 51 -6.89 -2.13 -72.34
N ASN D 52 -7.84 -2.46 -73.21
CA ASN D 52 -8.76 -3.54 -72.94
C ASN D 52 -8.21 -4.88 -73.41
N GLU D 53 -8.55 -5.95 -72.69
CA GLU D 53 -8.22 -7.32 -73.11
C GLU D 53 -9.25 -7.75 -74.12
N ALA D 54 -8.94 -8.78 -74.91
CA ALA D 54 -9.85 -9.15 -75.99
C ALA D 54 -9.80 -10.60 -76.47
N THR D 55 -10.39 -10.77 -77.65
CA THR D 55 -10.52 -12.03 -78.33
C THR D 55 -9.22 -12.28 -79.11
N GLY D 56 -8.70 -13.51 -78.97
CA GLY D 56 -7.38 -13.87 -79.48
C GLY D 56 -6.36 -13.22 -78.58
N ASN D 57 -6.71 -13.07 -77.30
CA ASN D 57 -5.89 -12.39 -76.32
C ASN D 57 -5.20 -11.12 -76.86
N LYS D 58 -6.00 -10.24 -77.46
CA LYS D 58 -5.46 -8.98 -77.98
C LYS D 58 -5.60 -7.84 -76.96
N TYR D 59 -4.82 -6.78 -77.13
CA TYR D 59 -4.96 -5.59 -76.32
C TYR D 59 -5.39 -4.43 -77.19
N VAL D 60 -6.46 -3.78 -76.78
CA VAL D 60 -7.06 -2.74 -77.60
C VAL D 60 -7.12 -1.41 -76.83
N PRO D 61 -6.65 -0.33 -77.45
CA PRO D 61 -6.64 0.90 -76.70
C PRO D 61 -8.06 1.27 -76.34
N ARG D 62 -8.25 1.81 -75.15
CA ARG D 62 -9.54 2.34 -74.76
C ARG D 62 -9.63 3.75 -75.27
N ALA D 63 -9.67 3.87 -76.59
CA ALA D 63 -9.58 5.20 -77.20
C ALA D 63 -10.78 5.47 -78.08
N ILE D 64 -11.16 6.74 -78.16
CA ILE D 64 -12.28 7.15 -78.95
C ILE D 64 -11.79 8.27 -79.82
N LEU D 65 -12.03 8.16 -81.12
CA LEU D 65 -11.46 9.10 -82.07
C LEU D 65 -12.61 9.89 -82.62
N VAL D 66 -12.45 11.18 -82.71
CA VAL D 66 -13.58 12.07 -82.92
C VAL D 66 -13.08 13.20 -83.79
N ASP D 67 -13.88 13.55 -84.81
CA ASP D 67 -13.59 14.68 -85.67
C ASP D 67 -14.82 15.05 -86.47
N LEU D 68 -14.93 16.32 -86.83
CA LEU D 68 -16.02 16.75 -87.69
C LEU D 68 -15.77 16.65 -89.23
N GLU D 69 -14.84 15.79 -89.63
CA GLU D 69 -14.52 15.61 -91.02
C GLU D 69 -13.48 14.50 -91.10
N PRO D 70 -13.65 13.57 -92.06
CA PRO D 70 -12.92 12.30 -92.05
C PRO D 70 -11.42 12.42 -92.34
N GLY D 71 -10.98 13.64 -92.72
CA GLY D 71 -9.61 13.88 -93.17
C GLY D 71 -8.60 13.16 -92.31
N THR D 72 -8.30 13.77 -91.18
CA THR D 72 -7.23 13.35 -90.28
C THR D 72 -7.38 11.90 -89.77
N MET D 73 -8.62 11.42 -89.74
CA MET D 73 -8.91 10.10 -89.22
C MET D 73 -8.54 8.91 -90.14
N ASP D 74 -8.72 9.08 -91.46
CA ASP D 74 -8.29 8.05 -92.44
C ASP D 74 -6.78 7.86 -92.42
N SER D 75 -6.04 8.98 -92.39
CA SER D 75 -4.59 8.97 -92.10
C SER D 75 -4.27 8.20 -90.82
N VAL D 76 -5.13 8.33 -89.80
CA VAL D 76 -5.00 7.51 -88.61
C VAL D 76 -5.11 6.03 -88.94
N ARG D 77 -6.13 5.63 -89.69
CA ARG D 77 -6.21 4.21 -90.07
C ARG D 77 -5.03 3.78 -90.91
N SER D 78 -4.66 4.62 -91.88
CA SER D 78 -3.61 4.31 -92.86
C SER D 78 -2.28 4.17 -92.14
N GLY D 79 -2.06 5.06 -91.18
CA GLY D 79 -0.87 5.04 -90.34
C GLY D 79 -0.69 3.70 -89.64
N PRO D 80 0.51 3.46 -89.11
CA PRO D 80 0.74 2.21 -88.38
C PRO D 80 0.03 2.28 -87.03
N PHE D 81 -0.42 1.13 -86.55
CA PHE D 81 -1.25 1.08 -85.36
C PHE D 81 -2.68 1.56 -85.66
N GLY D 82 -2.90 2.09 -86.87
CA GLY D 82 -4.24 2.46 -87.34
C GLY D 82 -5.14 1.26 -87.16
N GLN D 83 -4.54 0.09 -87.26
CA GLN D 83 -5.26 -1.16 -87.15
C GLN D 83 -5.57 -1.55 -85.69
N ILE D 84 -4.89 -0.92 -84.73
CA ILE D 84 -5.06 -1.34 -83.33
C ILE D 84 -6.31 -0.78 -82.67
N PHE D 85 -6.80 0.33 -83.22
CA PHE D 85 -8.04 0.91 -82.74
C PHE D 85 -9.24 0.05 -83.08
N ARG D 86 -10.31 0.35 -82.37
CA ARG D 86 -11.58 -0.35 -82.51
C ARG D 86 -12.44 0.46 -83.49
N PRO D 87 -12.81 -0.16 -84.65
CA PRO D 87 -13.36 0.62 -85.77
C PRO D 87 -14.68 1.31 -85.43
N ASP D 88 -15.35 0.81 -84.39
CA ASP D 88 -16.53 1.49 -83.87
C ASP D 88 -16.28 2.81 -83.16
N ASN D 89 -15.07 2.99 -82.64
CA ASN D 89 -14.71 4.21 -81.90
C ASN D 89 -14.30 5.34 -82.78
N PHE D 90 -14.53 5.20 -84.08
CA PHE D 90 -14.29 6.28 -85.00
C PHE D 90 -15.60 6.99 -85.17
N VAL D 91 -15.71 8.21 -84.63
CA VAL D 91 -16.94 8.97 -84.76
C VAL D 91 -16.63 10.25 -85.49
N PHE D 92 -17.12 10.33 -86.72
CA PHE D 92 -16.81 11.50 -87.54
C PHE D 92 -18.03 12.00 -88.27
N GLY D 93 -18.01 13.28 -88.59
CA GLY D 93 -19.05 13.88 -89.38
C GLY D 93 -18.45 14.29 -90.70
N GLN D 94 -19.14 15.21 -91.37
CA GLN D 94 -18.74 15.58 -92.72
C GLN D 94 -18.50 17.07 -92.83
N SER D 95 -19.44 17.85 -92.30
CA SER D 95 -19.48 19.28 -92.58
C SER D 95 -18.27 20.07 -92.02
N GLY D 96 -17.53 19.49 -91.07
CA GLY D 96 -16.32 20.12 -90.55
C GLY D 96 -16.62 21.32 -89.67
N ALA D 97 -15.59 21.91 -89.09
CA ALA D 97 -15.75 22.98 -88.10
C ALA D 97 -15.35 24.34 -88.64
N GLY D 98 -14.47 24.33 -89.65
CA GLY D 98 -14.12 25.56 -90.35
C GLY D 98 -13.47 26.49 -89.37
N ASN D 99 -12.60 25.89 -88.53
CA ASN D 99 -11.82 26.62 -87.55
C ASN D 99 -12.63 27.66 -86.74
N ASN D 100 -13.87 27.28 -86.39
CA ASN D 100 -14.80 28.18 -85.72
C ASN D 100 -15.34 27.54 -84.46
N TRP D 101 -15.05 28.17 -83.33
CA TRP D 101 -15.36 27.56 -82.04
C TRP D 101 -16.83 27.30 -81.87
N ALA D 102 -17.64 28.31 -82.22
CA ALA D 102 -19.11 28.19 -82.09
C ALA D 102 -19.69 26.98 -82.87
N LYS D 103 -18.97 26.57 -83.91
CA LYS D 103 -19.33 25.41 -84.70
C LYS D 103 -19.05 24.11 -83.96
N GLY D 104 -17.89 24.05 -83.28
CA GLY D 104 -17.50 22.89 -82.48
C GLY D 104 -18.45 22.72 -81.28
N HIS D 105 -18.77 23.85 -80.66
CA HIS D 105 -19.46 23.83 -79.39
C HIS D 105 -20.93 23.77 -79.56
N TYR D 106 -21.46 24.66 -80.43
CA TYR D 106 -22.93 24.85 -80.58
C TYR D 106 -23.65 24.19 -81.77
N THR D 107 -23.00 24.14 -82.93
CA THR D 107 -23.75 23.76 -84.12
C THR D 107 -23.47 22.34 -84.54
N GLU D 108 -22.47 22.18 -85.39
CA GLU D 108 -22.19 20.88 -85.98
C GLU D 108 -21.63 19.91 -84.97
N GLY D 109 -20.80 20.43 -84.07
CA GLY D 109 -20.31 19.66 -82.92
C GLY D 109 -21.48 19.13 -82.12
N ALA D 110 -22.47 20.01 -81.90
CA ALA D 110 -23.67 19.64 -81.17
C ALA D 110 -24.53 18.54 -81.85
N GLU D 111 -24.35 18.37 -83.16
CA GLU D 111 -25.10 17.37 -83.93
C GLU D 111 -24.36 16.07 -83.83
N LEU D 112 -23.06 16.14 -83.71
CA LEU D 112 -22.30 14.90 -83.67
C LEU D 112 -22.18 14.33 -82.23
N VAL D 113 -22.37 15.18 -81.22
CA VAL D 113 -22.01 14.83 -79.85
C VAL D 113 -22.55 13.52 -79.27
N ASP D 114 -23.82 13.23 -79.52
CA ASP D 114 -24.46 12.06 -78.90
C ASP D 114 -23.87 10.74 -79.31
N SER D 115 -23.36 10.65 -80.54
CA SER D 115 -22.77 9.37 -81.02
C SER D 115 -21.44 9.10 -80.32
N VAL D 116 -20.69 10.19 -80.11
CA VAL D 116 -19.50 10.12 -79.25
C VAL D 116 -19.92 9.62 -77.87
N LEU D 117 -20.91 10.32 -77.29
CA LEU D 117 -21.45 9.94 -76.00
C LEU D 117 -21.81 8.48 -75.92
N ASP D 118 -22.44 7.95 -76.96
CA ASP D 118 -22.79 6.54 -76.91
C ASP D 118 -21.57 5.67 -76.84
N VAL D 119 -20.51 6.01 -77.56
CA VAL D 119 -19.31 5.19 -77.49
C VAL D 119 -18.64 5.40 -76.13
N VAL D 120 -18.68 6.62 -75.62
CA VAL D 120 -18.11 6.83 -74.27
C VAL D 120 -18.74 5.84 -73.27
N ARG D 121 -20.08 5.79 -73.25
CA ARG D 121 -20.82 4.85 -72.42
C ARG D 121 -20.44 3.43 -72.65
N LYS D 122 -20.33 3.02 -73.90
CA LYS D 122 -19.90 1.63 -74.18
C LYS D 122 -18.55 1.36 -73.49
N GLU D 123 -17.67 2.37 -73.44
CA GLU D 123 -16.32 2.16 -72.92
C GLU D 123 -16.29 2.21 -71.40
N SER D 124 -16.92 3.23 -70.82
CA SER D 124 -17.11 3.28 -69.35
C SER D 124 -17.77 2.05 -68.73
N GLU D 125 -18.91 1.61 -69.27
CA GLU D 125 -19.66 0.49 -68.70
C GLU D 125 -18.89 -0.83 -68.73
N SER D 126 -17.86 -0.91 -69.55
CA SER D 126 -17.03 -2.09 -69.49
C SER D 126 -15.92 -2.00 -68.42
N CYS D 127 -15.83 -0.86 -67.72
CA CYS D 127 -14.73 -0.63 -66.75
C CYS D 127 -15.06 -1.15 -65.36
N ASP D 128 -14.07 -1.83 -64.81
CA ASP D 128 -14.11 -2.35 -63.47
C ASP D 128 -14.14 -1.22 -62.47
N CYS D 129 -13.35 -0.16 -62.71
CA CYS D 129 -13.40 1.02 -61.87
C CYS D 129 -12.85 2.24 -62.56
N LEU D 130 -13.71 3.15 -63.01
CA LEU D 130 -13.30 4.20 -63.92
C LEU D 130 -12.61 5.39 -63.21
N GLN D 131 -11.35 5.64 -63.56
CA GLN D 131 -10.66 6.78 -63.02
C GLN D 131 -11.27 8.02 -63.59
N GLY D 132 -11.44 8.00 -64.91
CA GLY D 132 -11.94 9.16 -65.61
C GLY D 132 -11.32 9.22 -66.97
N PHE D 133 -11.20 10.42 -67.49
CA PHE D 133 -11.01 10.63 -68.90
C PHE D 133 -9.80 11.50 -69.20
N GLN D 134 -9.12 11.20 -70.30
CA GLN D 134 -8.21 12.17 -70.87
C GLN D 134 -8.49 12.52 -72.33
N LEU D 135 -8.61 13.80 -72.58
CA LEU D 135 -8.90 14.33 -73.87
C LEU D 135 -7.63 15.03 -74.47
N THR D 136 -7.21 14.61 -75.68
CA THR D 136 -6.19 15.35 -76.44
C THR D 136 -6.86 16.21 -77.46
N HIS D 137 -6.46 17.48 -77.49
CA HIS D 137 -7.06 18.41 -78.40
C HIS D 137 -6.27 19.69 -78.54
N SER D 138 -6.75 20.57 -79.42
CA SER D 138 -6.17 21.86 -79.58
C SER D 138 -7.22 22.88 -79.26
N LEU D 139 -6.79 24.09 -78.98
CA LEU D 139 -7.67 25.13 -78.50
C LEU D 139 -7.75 26.27 -79.53
N GLY D 140 -6.96 26.10 -80.60
CA GLY D 140 -6.92 27.00 -81.76
C GLY D 140 -7.85 26.68 -82.95
N GLY D 141 -8.30 25.43 -83.03
CA GLY D 141 -9.16 24.95 -84.12
C GLY D 141 -10.62 25.19 -83.84
N GLY D 142 -11.46 24.27 -84.30
CA GLY D 142 -12.88 24.37 -84.04
C GLY D 142 -13.46 23.09 -83.47
N THR D 143 -13.09 21.95 -84.02
CA THR D 143 -13.50 20.67 -83.48
C THR D 143 -12.88 20.48 -82.07
N GLY D 144 -11.55 20.40 -82.01
CA GLY D 144 -10.79 20.19 -80.76
C GLY D 144 -11.20 21.13 -79.64
N SER D 145 -11.13 22.43 -79.91
CA SER D 145 -11.56 23.41 -78.94
C SER D 145 -13.06 23.29 -78.63
N GLY D 146 -13.91 23.71 -79.57
CA GLY D 146 -15.36 23.81 -79.34
C GLY D 146 -16.03 22.50 -79.00
N MET D 147 -15.79 21.48 -79.79
CA MET D 147 -16.47 20.22 -79.55
C MET D 147 -15.80 19.40 -78.45
N GLY D 148 -14.51 19.64 -78.21
CA GLY D 148 -13.82 18.98 -77.15
C GLY D 148 -14.37 19.49 -75.83
N THR D 149 -14.61 20.79 -75.74
CA THR D 149 -15.15 21.39 -74.52
C THR D 149 -16.58 21.03 -74.30
N LEU D 150 -17.34 20.95 -75.39
CA LEU D 150 -18.73 20.57 -75.28
C LEU D 150 -18.76 19.13 -74.79
N LEU D 151 -17.91 18.30 -75.37
CA LEU D 151 -17.79 16.94 -74.91
C LEU D 151 -17.51 16.86 -73.39
N ILE D 152 -16.50 17.60 -72.94
CA ILE D 152 -16.11 17.65 -71.54
C ILE D 152 -17.33 17.90 -70.68
N SER D 153 -18.03 18.98 -70.99
CA SER D 153 -19.23 19.34 -70.24
CA SER D 153 -19.22 19.31 -70.24
C SER D 153 -20.21 18.17 -70.24
N LYS D 154 -20.45 17.57 -71.38
CA LYS D 154 -21.50 16.56 -71.44
C LYS D 154 -21.13 15.36 -70.67
N ILE D 155 -19.84 15.03 -70.72
CA ILE D 155 -19.33 13.88 -70.01
C ILE D 155 -19.41 14.11 -68.49
N ARG D 156 -19.09 15.35 -68.10
CA ARG D 156 -19.21 15.78 -66.72
C ARG D 156 -20.61 15.58 -66.14
N GLU D 157 -21.66 15.79 -66.94
CA GLU D 157 -23.00 15.53 -66.39
C GLU D 157 -23.18 14.07 -66.06
N GLU D 158 -22.58 13.19 -66.84
CA GLU D 158 -22.85 11.76 -66.66
C GLU D 158 -21.89 11.09 -65.71
N TYR D 159 -20.75 11.73 -65.48
CA TYR D 159 -19.72 11.18 -64.62
C TYR D 159 -19.11 12.32 -63.84
N PRO D 160 -19.94 12.98 -63.02
CA PRO D 160 -19.49 14.16 -62.30
C PRO D 160 -18.50 13.83 -61.16
N ASP D 161 -18.34 12.56 -60.87
CA ASP D 161 -17.46 12.12 -59.83
C ASP D 161 -16.28 11.38 -60.41
N ARG D 162 -15.94 11.71 -61.65
CA ARG D 162 -14.76 11.11 -62.28
C ARG D 162 -13.86 12.25 -62.63
N ILE D 163 -12.59 11.95 -62.82
CA ILE D 163 -11.62 12.98 -63.06
C ILE D 163 -11.56 13.28 -64.55
N MET D 164 -11.57 14.55 -64.90
CA MET D 164 -11.41 14.97 -66.27
C MET D 164 -10.05 15.65 -66.49
N ASN D 165 -9.27 15.09 -67.39
CA ASN D 165 -7.88 15.54 -67.58
C ASN D 165 -7.66 15.88 -69.05
N THR D 166 -7.12 17.05 -69.35
CA THR D 166 -6.93 17.41 -70.75
C THR D 166 -5.46 17.62 -71.08
N PHE D 167 -5.07 17.25 -72.31
CA PHE D 167 -3.85 17.72 -72.94
C PHE D 167 -4.24 18.75 -74.00
N SER D 168 -4.02 20.02 -73.72
CA SER D 168 -4.59 21.07 -74.51
C SER D 168 -3.50 21.82 -75.26
N VAL D 169 -3.62 21.91 -76.58
CA VAL D 169 -2.55 22.54 -77.34
C VAL D 169 -2.87 23.96 -77.64
N MET D 170 -1.93 24.84 -77.23
CA MET D 170 -2.10 26.29 -77.28
C MET D 170 -1.48 26.84 -78.54
N PRO D 171 -2.19 27.79 -79.19
CA PRO D 171 -1.78 28.46 -80.41
C PRO D 171 -0.70 29.56 -80.25
N SER D 172 0.33 29.45 -81.07
CA SER D 172 1.37 30.48 -81.25
C SER D 172 1.26 31.12 -82.67
N PRO D 173 1.49 32.45 -82.80
CA PRO D 173 1.53 33.01 -84.16
C PRO D 173 2.73 32.57 -85.02
N LYS D 174 3.78 31.99 -84.42
CA LYS D 174 4.79 31.19 -85.15
C LYS D 174 4.04 29.89 -85.22
N VAL D 175 4.29 29.02 -86.20
CA VAL D 175 3.33 27.88 -86.44
C VAL D 175 1.83 28.22 -86.09
N SER D 176 1.07 28.78 -87.06
CA SER D 176 -0.22 29.39 -86.74
C SER D 176 -1.20 29.29 -87.86
N ASP D 177 -2.00 28.23 -87.88
CA ASP D 177 -2.84 28.07 -89.08
C ASP D 177 -4.10 29.00 -89.24
N THR D 178 -4.14 30.17 -88.58
CA THR D 178 -5.27 31.11 -88.75
C THR D 178 -5.02 32.55 -88.30
N VAL D 179 -5.96 33.07 -87.50
CA VAL D 179 -6.05 34.46 -87.15
C VAL D 179 -7.12 34.64 -86.05
N VAL D 180 -8.17 33.82 -86.09
CA VAL D 180 -9.20 33.86 -85.02
C VAL D 180 -8.80 33.03 -83.79
N GLU D 181 -7.64 32.38 -83.87
CA GLU D 181 -7.13 31.48 -82.85
C GLU D 181 -7.12 31.99 -81.42
N PRO D 182 -6.90 33.33 -81.20
CA PRO D 182 -7.15 33.84 -79.84
C PRO D 182 -8.60 33.72 -79.37
N TYR D 183 -9.58 33.95 -80.24
CA TYR D 183 -10.98 33.84 -79.86
C TYR D 183 -11.27 32.44 -79.42
N ASN D 184 -10.87 31.48 -80.24
CA ASN D 184 -11.03 30.05 -79.99
C ASN D 184 -10.39 29.59 -78.67
N ALA D 185 -9.15 30.02 -78.46
CA ALA D 185 -8.39 29.78 -77.25
C ALA D 185 -9.08 30.34 -75.98
N THR D 186 -9.40 31.63 -75.97
CA THR D 186 -10.10 32.25 -74.85
C THR D 186 -11.42 31.57 -74.54
N LEU D 187 -12.10 31.14 -75.59
CA LEU D 187 -13.41 30.51 -75.42
C LEU D 187 -13.24 29.15 -74.79
N SER D 188 -12.19 28.45 -75.20
CA SER D 188 -11.95 27.14 -74.64
C SER D 188 -11.47 27.20 -73.17
N VAL D 189 -10.52 28.09 -72.90
CA VAL D 189 -9.96 28.27 -71.59
C VAL D 189 -11.09 28.54 -70.63
N HIS D 190 -12.01 29.42 -71.01
CA HIS D 190 -13.14 29.81 -70.19
C HIS D 190 -13.88 28.59 -69.78
N GLN D 191 -13.88 27.58 -70.63
CA GLN D 191 -14.64 26.38 -70.34
C GLN D 191 -13.82 25.54 -69.39
N LEU D 192 -12.53 25.47 -69.70
CA LEU D 192 -11.60 24.63 -69.03
C LEU D 192 -11.44 24.98 -67.54
N VAL D 193 -11.46 26.28 -67.25
CA VAL D 193 -11.31 26.74 -65.90
C VAL D 193 -12.42 26.15 -65.03
N GLU D 194 -13.53 25.78 -65.65
CA GLU D 194 -14.71 25.38 -64.89
C GLU D 194 -14.91 23.92 -64.91
N ASN D 195 -14.37 23.22 -65.91
CA ASN D 195 -14.83 21.83 -66.07
C ASN D 195 -13.77 20.75 -66.16
N THR D 196 -12.50 21.12 -66.14
CA THR D 196 -11.50 20.07 -66.02
C THR D 196 -10.93 20.04 -64.60
N ASP D 197 -10.46 18.86 -64.20
CA ASP D 197 -9.74 18.72 -62.96
C ASP D 197 -8.25 19.01 -63.13
N GLU D 198 -7.72 18.72 -64.32
CA GLU D 198 -6.30 18.97 -64.60
C GLU D 198 -5.98 19.08 -66.08
N THR D 199 -5.32 20.18 -66.42
CA THR D 199 -4.97 20.48 -67.79
C THR D 199 -3.48 20.69 -68.00
N TYR D 200 -2.89 19.79 -68.77
CA TYR D 200 -1.54 19.96 -69.27
C TYR D 200 -1.47 20.99 -70.42
N CYS D 201 -0.80 22.10 -70.18
CA CYS D 201 -0.78 23.24 -71.09
C CYS D 201 0.33 23.06 -72.09
N ILE D 202 -0.01 22.55 -73.27
CA ILE D 202 1.01 22.27 -74.26
C ILE D 202 1.03 23.42 -75.23
N ASP D 203 2.11 24.18 -75.21
CA ASP D 203 2.21 25.42 -75.98
C ASP D 203 3.05 25.26 -77.27
N ASN D 204 2.43 25.52 -78.41
CA ASN D 204 3.17 25.48 -79.68
C ASN D 204 4.28 26.51 -79.74
N GLU D 205 4.11 27.62 -79.02
CA GLU D 205 5.14 28.64 -78.96
C GLU D 205 6.38 28.04 -78.39
N ALA D 206 6.22 27.35 -77.26
CA ALA D 206 7.33 26.77 -76.57
C ALA D 206 7.91 25.62 -77.36
N LEU D 207 7.04 24.84 -78.01
CA LEU D 207 7.45 23.74 -78.88
C LEU D 207 8.25 24.26 -80.10
N TYR D 208 7.71 25.29 -80.74
CA TYR D 208 8.44 25.90 -81.80
C TYR D 208 9.84 26.33 -81.35
N ASP D 209 9.91 27.17 -80.32
CA ASP D 209 11.20 27.67 -79.84
C ASP D 209 12.20 26.61 -79.43
N ILE D 210 11.72 25.48 -78.93
CA ILE D 210 12.62 24.40 -78.61
C ILE D 210 13.23 23.83 -79.89
N CYS D 211 12.40 23.62 -80.91
CA CYS D 211 12.87 23.00 -82.15
C CYS D 211 13.83 23.94 -82.89
N PHE D 212 13.39 25.18 -83.11
CA PHE D 212 14.22 26.23 -83.66
C PHE D 212 15.46 26.46 -82.81
N ARG D 213 15.33 27.28 -81.76
CA ARG D 213 16.50 27.78 -80.98
C ARG D 213 17.35 26.71 -80.32
N THR D 214 16.83 25.51 -80.11
CA THR D 214 17.60 24.53 -79.36
C THR D 214 17.97 23.33 -80.17
N LEU D 215 16.96 22.74 -80.83
CA LEU D 215 17.15 21.57 -81.66
C LEU D 215 17.76 21.93 -83.02
N LYS D 216 17.73 23.23 -83.35
CA LYS D 216 18.41 23.80 -84.53
C LYS D 216 17.64 23.59 -85.83
N LEU D 217 16.38 23.15 -85.72
CA LEU D 217 15.48 23.05 -86.85
C LEU D 217 14.94 24.44 -87.22
N THR D 218 15.58 25.05 -88.21
CA THR D 218 15.18 26.37 -88.71
C THR D 218 13.79 26.36 -89.36
N THR D 219 13.36 25.19 -89.83
CA THR D 219 11.99 25.02 -90.34
CA THR D 219 12.00 25.01 -90.34
C THR D 219 11.35 23.78 -89.72
N PRO D 220 10.80 23.91 -88.49
CA PRO D 220 10.20 22.80 -87.72
C PRO D 220 8.84 22.33 -88.25
N THR D 221 8.67 21.02 -88.34
CA THR D 221 7.43 20.41 -88.80
C THR D 221 6.46 20.11 -87.63
N TYR D 222 5.18 19.91 -87.99
CA TYR D 222 4.25 19.35 -87.04
C TYR D 222 4.81 18.06 -86.46
N GLY D 223 5.49 17.30 -87.30
CA GLY D 223 6.12 16.05 -86.85
C GLY D 223 7.22 16.26 -85.80
N ASP D 224 7.97 17.34 -85.96
CA ASP D 224 9.00 17.69 -84.99
C ASP D 224 8.40 18.11 -83.64
N LEU D 225 7.38 18.99 -83.67
CA LEU D 225 6.64 19.36 -82.47
C LEU D 225 6.02 18.17 -81.73
N ASN D 226 5.32 17.35 -82.49
CA ASN D 226 4.58 16.27 -81.92
C ASN D 226 5.51 15.23 -81.38
N HIS D 227 6.76 15.25 -81.84
CA HIS D 227 7.80 14.37 -81.26
C HIS D 227 8.01 14.76 -79.81
N LEU D 228 8.07 16.08 -79.59
CA LEU D 228 8.21 16.68 -78.29
C LEU D 228 6.98 16.34 -77.43
N VAL D 229 5.80 16.55 -78.02
CA VAL D 229 4.53 16.27 -77.36
C VAL D 229 4.41 14.83 -76.92
N SER D 230 4.94 13.91 -77.70
CA SER D 230 4.78 12.48 -77.41
C SER D 230 5.71 12.06 -76.31
N ALA D 231 6.95 12.54 -76.36
CA ALA D 231 7.92 12.28 -75.26
C ALA D 231 7.36 12.79 -73.92
N THR D 232 6.82 13.99 -73.93
CA THR D 232 6.15 14.55 -72.79
C THR D 232 4.98 13.70 -72.29
N MET D 233 4.03 13.41 -73.17
CA MET D 233 2.87 12.62 -72.81
C MET D 233 3.23 11.26 -72.25
N SER D 234 4.17 10.58 -72.89
CA SER D 234 4.76 9.43 -72.25
C SER D 234 5.22 9.72 -70.81
N GLY D 235 5.90 10.85 -70.64
CA GLY D 235 6.58 11.19 -69.41
C GLY D 235 5.56 11.38 -68.32
N VAL D 236 4.54 12.16 -68.61
CA VAL D 236 3.60 12.45 -67.56
C VAL D 236 2.65 11.30 -67.32
N THR D 237 2.65 10.26 -68.13
CA THR D 237 1.74 9.13 -67.82
C THR D 237 2.49 7.95 -67.29
N THR D 238 3.80 8.08 -67.17
CA THR D 238 4.63 7.01 -66.66
C THR D 238 4.14 6.48 -65.33
N CYS D 239 3.67 7.37 -64.47
CA CYS D 239 3.29 6.94 -63.13
C CYS D 239 1.91 6.29 -63.07
N LEU D 240 1.14 6.51 -64.13
CA LEU D 240 -0.11 5.82 -64.34
C LEU D 240 0.10 4.43 -64.93
N ARG D 241 1.10 4.28 -65.80
CA ARG D 241 1.22 3.06 -66.60
C ARG D 241 2.07 1.96 -65.96
N PHE D 242 2.92 2.33 -65.01
CA PHE D 242 3.85 1.39 -64.41
C PHE D 242 3.71 1.33 -62.90
N PRO D 243 3.93 0.13 -62.29
CA PRO D 243 3.80 -0.09 -60.84
C PRO D 243 4.94 0.57 -60.09
N GLY D 244 4.61 1.47 -59.16
CA GLY D 244 5.64 2.09 -58.36
C GLY D 244 5.36 1.83 -56.90
N GLN D 245 6.14 2.51 -56.05
CA GLN D 245 5.82 2.57 -54.63
C GLN D 245 4.85 3.72 -54.36
N LEU D 246 4.81 4.66 -55.33
CA LEU D 246 3.69 5.58 -55.53
C LEU D 246 2.77 4.71 -56.35
N ASN D 247 1.48 5.04 -56.37
CA ASN D 247 0.47 4.21 -57.01
C ASN D 247 -0.36 5.03 -58.03
N ALA D 248 0.25 6.00 -58.71
CA ALA D 248 -0.53 7.19 -59.10
C ALA D 248 -1.80 6.89 -59.89
N ASP D 249 -2.76 7.79 -59.75
CA ASP D 249 -3.90 7.79 -60.57
C ASP D 249 -4.27 9.26 -60.65
N LEU D 250 -5.30 9.54 -61.41
CA LEU D 250 -5.62 10.89 -61.73
C LEU D 250 -6.13 11.66 -60.53
N ARG D 251 -6.80 10.96 -59.62
CA ARG D 251 -7.34 11.64 -58.44
C ARG D 251 -6.24 12.02 -57.43
N LYS D 252 -5.36 11.08 -57.16
CA LYS D 252 -4.28 11.37 -56.27
C LYS D 252 -3.41 12.43 -56.81
N LEU D 253 -3.29 12.46 -58.13
CA LEU D 253 -2.43 13.45 -58.69
C LEU D 253 -3.09 14.80 -58.56
N ALA D 254 -4.37 14.88 -58.90
CA ALA D 254 -5.10 16.14 -58.79
C ALA D 254 -5.03 16.66 -57.35
N VAL D 255 -5.24 15.76 -56.41
CA VAL D 255 -5.24 16.11 -55.01
C VAL D 255 -3.94 16.69 -54.55
N ASN D 256 -2.85 16.07 -54.97
CA ASN D 256 -1.54 16.59 -54.66
C ASN D 256 -1.04 17.74 -55.51
N MET D 257 -1.71 18.03 -56.63
CA MET D 257 -1.24 19.06 -57.55
C MET D 257 -2.08 20.28 -57.56
N VAL D 258 -3.32 20.18 -57.07
CA VAL D 258 -4.29 21.28 -57.25
C VAL D 258 -4.86 21.83 -55.95
N PRO D 259 -4.25 22.92 -55.49
CA PRO D 259 -4.52 23.48 -54.17
C PRO D 259 -5.77 24.32 -54.16
N PHE D 260 -6.11 24.87 -55.31
CA PHE D 260 -7.39 25.57 -55.47
C PHE D 260 -7.94 25.11 -56.81
N PRO D 261 -9.25 24.83 -56.87
CA PRO D 261 -9.85 24.15 -58.03
C PRO D 261 -9.47 24.79 -59.36
N ARG D 262 -9.52 26.12 -59.47
CA ARG D 262 -9.35 26.76 -60.75
C ARG D 262 -7.90 26.70 -61.20
N LEU D 263 -6.98 26.62 -60.24
CA LEU D 263 -5.59 26.72 -60.58
C LEU D 263 -5.03 25.37 -60.93
N HIS D 264 -5.53 24.80 -62.02
CA HIS D 264 -5.15 23.46 -62.40
C HIS D 264 -4.47 23.35 -63.75
N PHE D 265 -3.73 24.39 -64.12
CA PHE D 265 -3.07 24.42 -65.42
C PHE D 265 -1.59 24.19 -65.29
N PHE D 266 -1.08 23.11 -65.84
CA PHE D 266 0.31 22.70 -65.63
C PHE D 266 1.34 23.02 -66.72
N MET D 267 2.54 23.32 -66.27
CA MET D 267 3.67 23.55 -67.13
CA MET D 267 3.68 23.54 -67.14
C MET D 267 4.46 22.25 -67.19
N PRO D 268 4.49 21.59 -68.37
CA PRO D 268 5.27 20.35 -68.45
C PRO D 268 6.70 20.68 -68.82
N GLY D 269 7.61 19.74 -68.61
CA GLY D 269 9.02 19.95 -68.88
C GLY D 269 9.63 18.62 -69.15
N PHE D 270 10.73 18.61 -69.90
CA PHE D 270 11.35 17.37 -70.28
C PHE D 270 12.84 17.55 -70.41
N ALA D 271 13.57 16.47 -70.11
CA ALA D 271 15.01 16.42 -70.27
C ALA D 271 15.35 14.97 -70.52
N PRO D 272 16.33 14.72 -71.42
CA PRO D 272 16.99 15.69 -72.34
C PRO D 272 16.16 16.04 -73.56
N LEU D 273 16.29 17.27 -74.02
CA LEU D 273 15.67 17.69 -75.24
C LEU D 273 16.56 17.31 -76.42
N LEU D 284 24.36 11.25 -69.87
CA LEU D 284 23.72 12.35 -69.15
C LEU D 284 23.54 12.01 -67.66
N THR D 285 23.96 12.92 -66.77
CA THR D 285 23.92 12.63 -65.32
C THR D 285 22.72 13.26 -64.59
N VAL D 286 22.32 12.56 -63.53
CA VAL D 286 21.27 13.05 -62.63
C VAL D 286 21.32 14.56 -62.35
N PRO D 287 22.50 15.11 -61.97
CA PRO D 287 22.48 16.54 -61.70
C PRO D 287 22.12 17.38 -62.89
N GLU D 288 22.56 16.94 -64.07
CA GLU D 288 22.37 17.71 -65.30
C GLU D 288 20.92 17.57 -65.67
N LEU D 289 20.43 16.35 -65.51
CA LEU D 289 19.04 16.03 -65.77
C LEU D 289 18.15 16.97 -64.95
N THR D 290 18.46 17.01 -63.65
CA THR D 290 17.73 17.81 -62.71
C THR D 290 17.82 19.30 -63.01
N GLN D 291 19.00 19.79 -63.36
CA GLN D 291 19.11 21.23 -63.66
C GLN D 291 18.36 21.63 -64.93
N GLN D 292 18.54 20.83 -65.97
CA GLN D 292 17.95 21.14 -67.26
C GLN D 292 16.45 21.12 -67.10
N MET D 293 15.94 20.08 -66.41
CA MET D 293 14.50 19.85 -66.22
C MET D 293 13.74 21.03 -65.57
N PHE D 294 14.42 21.84 -64.77
CA PHE D 294 13.80 23.01 -64.15
C PHE D 294 14.07 24.28 -64.94
N ASP D 295 14.96 24.19 -65.93
CA ASP D 295 15.36 25.32 -66.79
C ASP D 295 14.19 25.76 -67.63
N SER D 296 13.96 27.06 -67.70
CA SER D 296 12.88 27.58 -68.52
C SER D 296 12.93 27.13 -69.98
N LYS D 297 14.12 26.71 -70.44
CA LYS D 297 14.35 26.31 -71.85
C LYS D 297 13.80 24.92 -72.11
N ASN D 298 13.51 24.20 -71.04
CA ASN D 298 12.98 22.88 -71.24
C ASN D 298 11.51 22.79 -70.96
N MET D 299 10.82 23.94 -70.84
CA MET D 299 9.37 23.95 -70.53
C MET D 299 8.54 23.87 -71.78
N MET D 300 7.48 23.06 -71.72
CA MET D 300 6.55 22.88 -72.82
C MET D 300 5.45 23.90 -72.82
N ALA D 301 5.61 24.91 -71.98
CA ALA D 301 4.71 26.03 -71.99
C ALA D 301 5.66 27.16 -71.93
N ALA D 302 5.35 28.22 -72.64
CA ALA D 302 6.32 29.25 -72.86
C ALA D 302 6.19 30.27 -71.75
N CYS D 303 6.81 29.93 -70.61
CA CYS D 303 6.78 30.76 -69.40
C CYS D 303 8.07 30.53 -68.67
N ASP D 304 8.61 31.58 -68.06
CA ASP D 304 9.79 31.44 -67.22
C ASP D 304 9.34 31.17 -65.77
N PRO D 305 9.75 30.04 -65.20
CA PRO D 305 9.39 29.78 -63.80
C PRO D 305 10.06 30.71 -62.81
N ARG D 306 11.04 31.49 -63.25
CA ARG D 306 11.61 32.51 -62.39
C ARG D 306 10.88 33.82 -62.42
N HIS D 307 9.79 33.86 -63.18
CA HIS D 307 8.91 35.02 -63.17
C HIS D 307 7.68 34.68 -62.35
N GLY D 308 7.71 33.53 -61.70
CA GLY D 308 6.66 33.18 -60.76
C GLY D 308 7.17 32.31 -59.63
N ARG D 309 6.23 31.60 -59.00
CA ARG D 309 6.56 30.69 -57.93
C ARG D 309 5.82 29.41 -58.08
N TYR D 310 6.45 28.30 -57.73
CA TYR D 310 5.78 27.00 -57.81
C TYR D 310 4.85 26.78 -56.61
N LEU D 311 3.60 26.45 -56.87
CA LEU D 311 2.70 25.97 -55.87
C LEU D 311 3.03 24.51 -55.69
N THR D 312 3.01 23.75 -56.78
CA THR D 312 3.32 22.32 -56.67
C THR D 312 4.14 21.82 -57.85
N VAL D 313 4.80 20.69 -57.64
CA VAL D 313 5.59 20.11 -58.69
C VAL D 313 5.64 18.59 -58.53
N ALA D 314 5.39 17.90 -59.62
CA ALA D 314 5.71 16.47 -59.67
C ALA D 314 6.86 16.24 -60.66
N ALA D 315 7.72 15.30 -60.40
CA ALA D 315 8.89 15.09 -61.26
C ALA D 315 9.09 13.61 -61.32
N ILE D 316 9.34 13.10 -62.51
CA ILE D 316 9.69 11.68 -62.58
C ILE D 316 10.93 11.40 -63.46
N PHE D 317 11.81 10.58 -62.89
CA PHE D 317 13.08 10.20 -63.52
C PHE D 317 12.96 8.79 -64.05
N ARG D 318 13.36 8.62 -65.31
CA ARG D 318 13.28 7.33 -65.96
C ARG D 318 14.69 6.87 -66.38
N GLY D 319 15.02 5.66 -65.99
CA GLY D 319 16.31 5.11 -66.27
C GLY D 319 16.75 4.34 -65.05
N ARG D 320 17.95 3.81 -65.12
CA ARG D 320 18.59 3.20 -63.96
C ARG D 320 19.62 4.20 -63.42
N MET D 321 19.48 4.58 -62.17
CA MET D 321 20.26 5.69 -61.63
C MET D 321 20.18 5.54 -60.11
N SER D 322 20.90 6.39 -59.39
CA SER D 322 20.91 6.26 -57.92
C SER D 322 19.73 6.98 -57.32
N MET D 323 18.91 6.22 -56.60
CA MET D 323 17.84 6.78 -55.79
C MET D 323 18.37 7.89 -54.87
N LYS D 324 19.46 7.58 -54.17
CA LYS D 324 20.17 8.51 -53.30
C LYS D 324 20.61 9.79 -54.02
N GLU D 325 21.13 9.65 -55.23
CA GLU D 325 21.56 10.82 -55.99
C GLU D 325 20.40 11.75 -56.39
N VAL D 326 19.30 11.14 -56.83
CA VAL D 326 18.12 11.89 -57.23
C VAL D 326 17.56 12.63 -56.04
N ASP D 327 17.48 11.96 -54.90
CA ASP D 327 17.01 12.61 -53.66
C ASP D 327 17.82 13.86 -53.33
N GLU D 328 19.14 13.71 -53.43
CA GLU D 328 20.11 14.77 -53.20
C GLU D 328 19.96 15.90 -54.19
N GLN D 329 19.73 15.57 -55.45
CA GLN D 329 19.60 16.60 -56.47
C GLN D 329 18.29 17.37 -56.33
N MET D 330 17.23 16.68 -55.96
CA MET D 330 15.92 17.32 -55.88
C MET D 330 15.83 18.21 -54.65
N LEU D 331 16.45 17.72 -53.58
CA LEU D 331 16.64 18.50 -52.35
C LEU D 331 17.44 19.75 -52.63
N ASN D 332 18.56 19.54 -53.33
CA ASN D 332 19.45 20.61 -53.73
C ASN D 332 18.69 21.67 -54.49
N VAL D 333 17.90 21.24 -55.48
CA VAL D 333 17.23 22.19 -56.33
C VAL D 333 16.23 23.03 -55.53
N GLN D 334 15.58 22.43 -54.53
CA GLN D 334 14.64 23.19 -53.69
C GLN D 334 15.39 24.16 -52.77
N ASN D 335 16.46 23.65 -52.17
CA ASN D 335 17.31 24.43 -51.29
C ASN D 335 17.83 25.71 -51.93
N LYS D 336 18.46 25.54 -53.08
CA LYS D 336 19.13 26.61 -53.77
C LYS D 336 18.21 27.53 -54.54
N ASN D 337 16.96 27.14 -54.71
CA ASN D 337 15.98 27.97 -55.39
C ASN D 337 14.76 28.23 -54.53
N SER D 338 14.96 28.29 -53.23
CA SER D 338 13.84 28.28 -52.31
C SER D 338 12.83 29.42 -52.50
N SER D 339 13.24 30.50 -53.11
CA SER D 339 12.38 31.66 -53.27
C SER D 339 11.28 31.37 -54.29
N TYR D 340 11.48 30.34 -55.10
CA TYR D 340 10.61 30.10 -56.22
C TYR D 340 9.62 29.02 -55.92
N PHE D 341 9.54 28.64 -54.64
CA PHE D 341 8.52 27.72 -54.14
C PHE D 341 7.83 28.38 -52.96
N VAL D 342 6.50 28.43 -52.98
CA VAL D 342 5.74 28.98 -51.89
C VAL D 342 5.98 28.23 -50.58
N GLU D 343 6.10 28.96 -49.49
CA GLU D 343 6.48 28.37 -48.21
C GLU D 343 5.26 27.89 -47.49
N TRP D 344 4.08 28.23 -47.97
CA TRP D 344 2.89 27.87 -47.27
C TRP D 344 2.33 26.55 -47.75
N ILE D 345 3.10 25.86 -48.57
CA ILE D 345 2.78 24.47 -48.92
C ILE D 345 4.02 23.63 -48.70
N PRO D 346 4.19 23.14 -47.48
CA PRO D 346 5.35 22.35 -47.17
C PRO D 346 5.40 21.10 -48.00
N ASN D 347 6.60 20.73 -48.44
CA ASN D 347 6.83 19.51 -49.16
C ASN D 347 6.04 19.44 -50.45
N ASN D 348 6.13 20.50 -51.24
CA ASN D 348 5.31 20.60 -52.42
C ASN D 348 5.97 20.05 -53.65
N VAL D 349 7.14 19.45 -53.51
CA VAL D 349 7.79 18.84 -54.65
C VAL D 349 7.94 17.35 -54.44
N LYS D 350 7.33 16.56 -55.34
CA LYS D 350 7.36 15.12 -55.25
C LYS D 350 8.20 14.48 -56.33
N THR D 351 8.71 13.30 -56.03
CA THR D 351 9.61 12.64 -56.93
C THR D 351 9.31 11.16 -57.07
N ALA D 352 9.23 10.71 -58.32
CA ALA D 352 9.18 9.27 -58.63
C ALA D 352 10.35 8.85 -59.54
N VAL D 353 10.73 7.58 -59.44
CA VAL D 353 11.74 6.99 -60.29
C VAL D 353 11.08 5.81 -60.99
N CYS D 354 11.24 5.71 -62.30
CA CYS D 354 10.87 4.48 -63.00
C CYS D 354 12.12 3.82 -63.62
N ASP D 355 12.29 2.52 -63.37
CA ASP D 355 13.41 1.72 -63.90
C ASP D 355 13.51 1.66 -65.42
N ILE D 356 12.37 1.81 -66.10
CA ILE D 356 12.27 1.68 -67.55
C ILE D 356 12.35 3.01 -68.29
N PRO D 357 13.35 3.17 -69.14
CA PRO D 357 13.48 4.46 -69.86
C PRO D 357 12.57 4.45 -71.06
N PRO D 358 12.23 5.63 -71.60
CA PRO D 358 11.54 5.70 -72.88
C PRO D 358 12.47 5.22 -74.00
N ARG D 359 11.79 4.83 -75.33
CA ARG D 359 12.61 4.30 -76.39
C ARG D 359 13.59 5.38 -76.83
N GLY D 360 14.87 5.02 -76.87
CA GLY D 360 15.89 5.87 -77.46
C GLY D 360 16.68 6.69 -76.46
N LEU D 361 16.41 6.49 -75.17
CA LEU D 361 17.17 7.19 -74.13
C LEU D 361 17.56 6.26 -73.00
N LYS D 362 18.66 6.64 -72.33
CA LYS D 362 19.13 5.92 -71.16
C LYS D 362 18.58 6.55 -69.87
N MET D 363 18.38 7.87 -69.92
CA MET D 363 17.92 8.69 -68.81
C MET D 363 17.01 9.84 -69.27
N SER D 364 15.78 9.86 -68.77
CA SER D 364 15.03 11.06 -68.98
C SER D 364 14.46 11.56 -67.68
N ALA D 365 13.83 12.71 -67.78
CA ALA D 365 13.20 13.34 -66.67
C ALA D 365 12.00 14.07 -67.20
N THR D 366 10.86 13.89 -66.56
CA THR D 366 9.68 14.68 -66.92
C THR D 366 9.18 15.45 -65.73
N PHE D 367 8.68 16.65 -65.97
CA PHE D 367 8.41 17.60 -64.92
C PHE D 367 7.04 18.12 -65.13
N ILE D 368 6.26 18.16 -64.07
CA ILE D 368 4.94 18.82 -64.09
C ILE D 368 4.83 19.88 -63.03
N GLY D 369 4.63 21.13 -63.46
CA GLY D 369 4.60 22.26 -62.54
C GLY D 369 3.25 22.92 -62.46
N ASN D 370 2.80 23.25 -61.26
CA ASN D 370 1.73 24.20 -61.09
C ASN D 370 2.42 25.43 -60.60
N SER D 371 2.71 26.33 -61.53
CA SER D 371 3.47 27.57 -61.31
C SER D 371 2.67 28.74 -61.73
N THR D 372 2.79 29.85 -60.98
CA THR D 372 2.01 31.03 -61.25
C THR D 372 2.55 31.79 -62.45
N ALA D 373 3.75 31.39 -62.90
CA ALA D 373 4.37 31.95 -64.10
C ALA D 373 3.58 31.57 -65.34
N ILE D 374 2.69 30.60 -65.21
CA ILE D 374 1.81 30.22 -66.30
CA ILE D 374 1.82 30.22 -66.30
C ILE D 374 0.92 31.39 -66.69
N GLN D 375 0.70 32.32 -65.78
CA GLN D 375 -0.06 33.50 -66.12
C GLN D 375 0.51 34.16 -67.42
N GLU D 376 1.81 34.03 -67.64
CA GLU D 376 2.44 34.62 -68.79
C GLU D 376 1.71 34.16 -70.02
N LEU D 377 1.52 32.85 -70.11
CA LEU D 377 0.81 32.20 -71.22
C LEU D 377 -0.60 32.72 -71.41
N PHE D 378 -1.40 32.74 -70.35
CA PHE D 378 -2.75 33.34 -70.43
C PHE D 378 -2.75 34.81 -70.74
N LYS D 379 -1.63 35.48 -70.49
CA LYS D 379 -1.57 36.89 -70.84
C LYS D 379 -1.37 37.08 -72.34
N ARG D 380 -0.59 36.19 -72.93
CA ARG D 380 -0.30 36.21 -74.35
C ARG D 380 -1.62 36.09 -75.09
N ILE D 381 -2.39 35.04 -74.78
CA ILE D 381 -3.71 34.84 -75.38
C ILE D 381 -4.62 36.02 -75.10
N SER D 382 -4.49 36.61 -73.92
CA SER D 382 -5.35 37.70 -73.58
C SER D 382 -5.05 38.95 -74.39
N GLU D 383 -3.77 39.17 -74.72
CA GLU D 383 -3.34 40.41 -75.39
C GLU D 383 -3.87 40.39 -76.81
N GLN D 384 -3.47 39.33 -77.55
CA GLN D 384 -3.98 39.04 -78.87
C GLN D 384 -5.51 39.11 -78.93
N PHE D 385 -6.18 38.32 -78.09
CA PHE D 385 -7.63 38.30 -78.10
C PHE D 385 -8.17 39.72 -78.09
N THR D 386 -7.72 40.53 -77.13
CA THR D 386 -8.33 41.83 -76.90
C THR D 386 -8.09 42.80 -78.05
N ALA D 387 -6.95 42.66 -78.74
CA ALA D 387 -6.57 43.53 -79.83
C ALA D 387 -7.67 43.50 -80.87
N MET D 388 -8.11 42.29 -81.20
CA MET D 388 -9.23 42.11 -82.11
C MET D 388 -10.51 42.61 -81.46
N PHE D 389 -11.20 41.71 -80.77
CA PHE D 389 -12.42 42.02 -80.04
C PHE D 389 -12.85 43.50 -79.81
N ARG D 390 -11.96 44.37 -79.33
CA ARG D 390 -12.33 45.74 -78.92
C ARG D 390 -12.65 46.63 -80.14
N ARG D 391 -11.98 46.35 -81.25
CA ARG D 391 -12.37 46.87 -82.57
C ARG D 391 -13.23 45.81 -83.29
N LYS D 392 -13.96 45.02 -82.51
CA LYS D 392 -14.93 44.02 -83.01
C LYS D 392 -14.56 43.30 -84.29
N ALA D 393 -13.27 43.14 -84.58
CA ALA D 393 -12.79 42.46 -85.79
C ALA D 393 -13.23 41.00 -85.84
N PHE D 394 -13.44 40.49 -87.05
CA PHE D 394 -13.85 39.11 -87.32
C PHE D 394 -15.00 38.46 -86.54
N LEU D 395 -15.91 39.27 -85.96
CA LEU D 395 -16.97 38.78 -85.03
C LEU D 395 -18.19 38.10 -85.60
N HIS D 396 -18.59 38.53 -86.80
CA HIS D 396 -19.77 37.97 -87.49
C HIS D 396 -19.64 36.46 -87.57
N TRP D 397 -18.43 36.00 -87.86
CA TRP D 397 -18.10 34.60 -87.83
C TRP D 397 -18.72 33.86 -86.66
N TYR D 398 -18.91 34.57 -85.52
CA TYR D 398 -19.33 33.97 -84.22
C TYR D 398 -20.81 34.13 -83.91
N THR D 399 -21.27 35.38 -83.90
CA THR D 399 -22.71 35.64 -83.83
C THR D 399 -23.41 34.92 -84.98
N GLY D 400 -22.63 34.65 -86.02
CA GLY D 400 -23.07 33.84 -87.15
C GLY D 400 -23.93 32.68 -86.66
N GLU D 401 -23.49 32.08 -85.55
CA GLU D 401 -24.15 30.87 -85.08
C GLU D 401 -25.09 31.03 -83.89
N GLY D 402 -25.29 32.26 -83.43
CA GLY D 402 -26.30 32.50 -82.40
C GLY D 402 -25.71 33.00 -81.10
N MET D 403 -24.40 33.18 -81.11
CA MET D 403 -23.71 33.61 -79.91
C MET D 403 -23.96 35.08 -79.68
N ASP D 404 -23.94 35.50 -78.42
CA ASP D 404 -24.01 36.89 -78.05
C ASP D 404 -22.58 37.43 -77.82
N GLU D 405 -22.43 38.76 -77.87
CA GLU D 405 -21.19 39.43 -77.50
C GLU D 405 -20.82 39.19 -76.02
N MET D 406 -21.84 39.25 -75.15
CA MET D 406 -21.73 38.97 -73.71
C MET D 406 -20.75 37.84 -73.44
N GLU D 407 -20.95 36.73 -74.13
CA GLU D 407 -20.19 35.49 -73.94
C GLU D 407 -18.68 35.61 -74.25
N PHE D 408 -18.33 36.65 -75.01
CA PHE D 408 -16.95 36.95 -75.32
C PHE D 408 -16.36 37.72 -74.16
N THR D 409 -17.18 38.65 -73.64
CA THR D 409 -16.82 39.49 -72.51
C THR D 409 -16.59 38.63 -71.25
N GLU D 410 -17.50 37.67 -71.04
CA GLU D 410 -17.45 36.76 -69.92
C GLU D 410 -16.22 35.88 -69.92
N ALA D 411 -15.84 35.39 -71.10
CA ALA D 411 -14.66 34.56 -71.19
C ALA D 411 -13.41 35.40 -70.96
N GLU D 412 -13.32 36.58 -71.56
CA GLU D 412 -12.12 37.38 -71.34
C GLU D 412 -11.96 37.68 -69.83
N SER D 413 -13.05 38.11 -69.18
CA SER D 413 -13.09 38.39 -67.77
C SER D 413 -12.57 37.17 -66.99
N ASN D 414 -13.17 36.01 -67.25
CA ASN D 414 -12.79 34.81 -66.55
C ASN D 414 -11.31 34.51 -66.64
N MET D 415 -10.75 34.69 -67.81
CA MET D 415 -9.36 34.45 -67.99
C MET D 415 -8.52 35.52 -67.29
N ASN D 416 -8.96 36.78 -67.31
CA ASN D 416 -8.23 37.81 -66.56
C ASN D 416 -8.32 37.55 -65.05
N ASP D 417 -9.46 36.99 -64.63
CA ASP D 417 -9.69 36.56 -63.24
C ASP D 417 -8.70 35.47 -62.80
N LEU D 418 -8.51 34.48 -63.67
CA LEU D 418 -7.54 33.44 -63.48
C LEU D 418 -6.10 34.00 -63.34
N VAL D 419 -5.73 34.95 -64.19
CA VAL D 419 -4.45 35.62 -64.05
C VAL D 419 -4.35 36.34 -62.70
N SER D 420 -5.37 37.13 -62.37
CA SER D 420 -5.44 37.80 -61.10
C SER D 420 -5.19 36.81 -59.93
N GLU D 421 -5.81 35.63 -60.03
CA GLU D 421 -5.72 34.65 -58.97
C GLU D 421 -4.34 34.07 -58.84
N TYR D 422 -3.72 33.71 -59.96
CA TYR D 422 -2.37 33.22 -59.96
C TYR D 422 -1.43 34.28 -59.35
N GLN D 423 -1.68 35.55 -59.67
CA GLN D 423 -0.88 36.60 -59.12
C GLN D 423 -1.04 36.69 -57.61
N GLN D 424 -2.26 36.51 -57.13
CA GLN D 424 -2.61 36.71 -55.73
C GLN D 424 -1.90 35.65 -54.88
N TYR D 425 -1.87 34.41 -55.35
CA TYR D 425 -1.18 33.38 -54.63
C TYR D 425 0.32 33.47 -54.81
N GLN D 426 0.77 34.17 -55.85
CA GLN D 426 2.18 34.37 -56.03
C GLN D 426 2.68 35.38 -54.98
N ASP D 427 1.86 36.38 -54.68
CA ASP D 427 2.26 37.43 -53.76
C ASP D 427 2.08 37.03 -52.29
N ALA D 428 1.44 35.89 -52.03
CA ALA D 428 1.06 35.51 -50.69
C ALA D 428 2.27 34.98 -49.91
N THR D 429 2.31 35.34 -48.62
CA THR D 429 3.41 34.95 -47.71
C THR D 429 2.89 34.08 -46.56
N ALA D 430 3.81 33.33 -45.96
CA ALA D 430 3.51 32.55 -44.77
C ALA D 430 3.05 33.46 -43.62
N ASP D 431 3.89 34.42 -43.25
CA ASP D 431 3.50 35.35 -42.18
C ASP D 431 2.61 36.52 -42.62
N MET E 1 0.41 -12.49 80.98
CA MET E 1 0.01 -13.46 79.90
C MET E 1 -0.94 -14.56 80.44
N GLU E 2 -2.22 -14.49 80.06
CA GLU E 2 -3.24 -15.47 80.52
C GLU E 2 -3.70 -16.46 79.43
N VAL E 3 -3.85 -17.74 79.79
CA VAL E 3 -4.54 -18.72 78.94
C VAL E 3 -6.00 -18.79 79.35
N ILE E 4 -6.85 -19.07 78.37
CA ILE E 4 -8.29 -19.05 78.56
C ILE E 4 -8.86 -20.17 77.68
N GLU E 5 -10.18 -20.37 77.75
CA GLU E 5 -10.93 -21.30 76.89
C GLU E 5 -10.15 -22.47 76.29
N LEU E 6 -9.51 -23.26 77.15
CA LEU E 6 -8.81 -24.46 76.69
C LEU E 6 -9.75 -25.65 76.36
N ASN E 7 -9.54 -26.30 75.21
CA ASN E 7 -10.32 -27.47 74.78
C ASN E 7 -9.43 -28.55 74.23
N LYS E 8 -9.55 -29.75 74.79
CA LYS E 8 -8.74 -30.88 74.33
C LYS E 8 -9.61 -31.93 73.62
N CYS E 9 -8.97 -32.75 72.78
CA CYS E 9 -9.64 -33.89 72.15
C CYS E 9 -8.50 -34.74 71.66
N THR E 10 -8.84 -35.91 71.12
CA THR E 10 -7.83 -36.82 70.60
C THR E 10 -6.99 -36.27 69.43
N SER E 11 -7.56 -35.44 68.57
CA SER E 11 -6.83 -34.86 67.42
C SER E 11 -5.84 -33.70 67.77
N GLY E 12 -6.06 -33.03 68.90
CA GLY E 12 -5.28 -31.84 69.28
C GLY E 12 -6.02 -30.97 70.28
N GLN E 13 -5.70 -29.68 70.32
CA GLN E 13 -6.34 -28.78 71.26
C GLN E 13 -6.39 -27.33 70.80
N SER E 14 -7.24 -26.55 71.47
CA SER E 14 -7.58 -25.17 71.09
C SER E 14 -7.45 -24.35 72.34
N PHE E 15 -7.12 -23.06 72.22
CA PHE E 15 -7.10 -22.18 73.38
C PHE E 15 -6.87 -20.73 72.94
N GLU E 16 -6.92 -19.82 73.88
CA GLU E 16 -6.83 -18.42 73.57
C GLU E 16 -5.98 -17.78 74.66
N VAL E 17 -4.84 -17.22 74.29
CA VAL E 17 -3.90 -16.51 75.20
C VAL E 17 -3.93 -14.99 75.00
N ILE E 18 -4.05 -14.24 76.09
CA ILE E 18 -4.22 -12.79 76.06
C ILE E 18 -3.01 -12.10 76.68
N LEU E 19 -2.56 -11.02 76.04
CA LEU E 19 -1.45 -10.21 76.53
C LEU E 19 -1.93 -8.87 77.08
N LYS E 20 -3.11 -8.43 76.65
CA LYS E 20 -3.70 -7.15 77.04
C LYS E 20 -5.10 -6.98 76.42
N PRO E 21 -6.08 -6.55 77.24
CA PRO E 21 -7.44 -6.21 76.74
C PRO E 21 -7.46 -4.87 75.96
N PRO E 22 -8.65 -4.46 75.43
CA PRO E 22 -8.79 -3.17 74.73
C PRO E 22 -9.30 -2.01 75.58
N SER E 23 -8.66 -0.84 75.49
CA SER E 23 -9.22 0.41 76.04
C SER E 23 -10.44 0.95 75.22
N ASP E 39 -29.18 -5.78 50.62
CA ASP E 39 -28.62 -6.68 49.61
C ASP E 39 -29.44 -6.59 48.33
N PRO E 40 -28.76 -6.37 47.16
CA PRO E 40 -29.48 -6.35 45.86
C PRO E 40 -30.42 -7.56 45.64
N SER E 41 -31.60 -7.32 45.03
CA SER E 41 -32.61 -8.34 44.74
C SER E 41 -32.37 -8.96 43.38
N LEU E 42 -33.10 -10.04 43.09
CA LEU E 42 -32.98 -10.68 41.81
C LEU E 42 -33.41 -9.72 40.67
N GLU E 43 -34.37 -8.86 40.98
CA GLU E 43 -34.93 -8.04 39.94
C GLU E 43 -33.93 -6.96 39.55
N GLU E 44 -33.23 -6.39 40.54
CA GLU E 44 -32.22 -5.35 40.26
C GLU E 44 -31.07 -5.92 39.42
N ILE E 45 -30.71 -7.18 39.69
CA ILE E 45 -29.70 -7.88 38.91
C ILE E 45 -30.15 -8.03 37.44
N GLN E 46 -31.34 -8.63 37.26
CA GLN E 46 -31.92 -8.77 35.92
C GLN E 46 -31.96 -7.45 35.12
N LYS E 47 -32.42 -6.39 35.78
CA LYS E 47 -32.42 -5.06 35.18
C LYS E 47 -31.05 -4.76 34.59
N LYS E 48 -30.05 -4.59 35.45
CA LYS E 48 -28.68 -4.30 35.02
C LYS E 48 -28.10 -5.30 33.96
N LEU E 49 -28.38 -6.60 34.10
CA LEU E 49 -27.90 -7.57 33.14
C LEU E 49 -28.59 -7.52 31.81
N GLU E 50 -29.65 -6.71 31.73
CA GLU E 50 -30.40 -6.58 30.49
C GLU E 50 -30.19 -5.21 29.90
N ALA E 51 -29.92 -4.22 30.76
CA ALA E 51 -29.51 -2.91 30.25
C ALA E 51 -28.11 -2.94 29.59
N ALA E 52 -27.53 -4.14 29.50
CA ALA E 52 -26.19 -4.30 29.01
C ALA E 52 -26.30 -5.17 27.79
N GLU E 53 -27.35 -5.98 27.73
CA GLU E 53 -27.67 -6.68 26.50
C GLU E 53 -28.16 -5.66 25.46
N GLU E 54 -28.94 -4.69 25.92
CA GLU E 54 -29.44 -3.64 25.07
C GLU E 54 -28.35 -2.80 24.44
N ARG E 55 -27.34 -2.50 25.22
CA ARG E 55 -26.24 -1.69 24.73
C ARG E 55 -25.47 -2.44 23.64
N ARG E 56 -25.29 -3.73 23.86
CA ARG E 56 -24.68 -4.57 22.86
C ARG E 56 -25.49 -4.57 21.60
N LYS E 57 -26.78 -4.95 21.72
CA LYS E 57 -27.74 -5.01 20.58
C LYS E 57 -27.73 -3.72 19.79
N TYR E 58 -27.74 -2.61 20.53
CA TYR E 58 -27.72 -1.33 19.91
C TYR E 58 -26.48 -1.15 19.05
N GLN E 59 -25.33 -1.57 19.58
CA GLN E 59 -24.03 -1.40 18.94
C GLN E 59 -24.00 -2.26 17.71
N GLU E 60 -24.56 -3.45 17.80
CA GLU E 60 -24.59 -4.33 16.70
C GLU E 60 -25.49 -3.81 15.59
N ALA E 61 -26.54 -3.09 15.98
CA ALA E 61 -27.52 -2.60 15.04
C ALA E 61 -26.87 -1.42 14.31
N GLU E 62 -26.11 -0.62 15.03
CA GLU E 62 -25.34 0.45 14.37
C GLU E 62 -24.36 -0.11 13.32
N LEU E 63 -23.73 -1.22 13.66
CA LEU E 63 -22.77 -1.82 12.79
C LEU E 63 -23.48 -2.25 11.53
N LEU E 64 -24.56 -2.98 11.69
CA LEU E 64 -25.28 -3.46 10.53
C LEU E 64 -25.85 -2.32 9.66
N LYS E 65 -26.31 -1.27 10.29
CA LYS E 65 -26.74 -0.13 9.55
C LYS E 65 -25.61 0.39 8.67
N HIS E 66 -24.43 0.60 9.26
CA HIS E 66 -23.28 1.07 8.48
C HIS E 66 -22.87 0.13 7.39
N LEU E 67 -22.95 -1.15 7.64
CA LEU E 67 -22.62 -2.10 6.61
C LEU E 67 -23.60 -2.04 5.44
N ALA E 68 -24.87 -1.75 5.76
CA ALA E 68 -25.89 -1.57 4.75
C ALA E 68 -25.62 -0.31 3.95
N GLU E 69 -25.22 0.76 4.60
CA GLU E 69 -24.84 1.97 3.88
C GLU E 69 -23.69 1.68 2.90
N LYS E 70 -22.79 0.81 3.32
CA LYS E 70 -21.70 0.43 2.52
C LYS E 70 -22.14 -0.43 1.32
N ARG E 71 -23.03 -1.41 1.51
CA ARG E 71 -23.50 -2.17 0.34
C ARG E 71 -24.12 -1.22 -0.67
N GLU E 72 -24.85 -0.22 -0.21
CA GLU E 72 -25.56 0.61 -1.15
C GLU E 72 -24.57 1.49 -1.87
N HIS E 73 -23.49 1.86 -1.22
CA HIS E 73 -22.40 2.56 -1.91
C HIS E 73 -21.72 1.70 -2.97
N GLU E 74 -21.43 0.46 -2.63
CA GLU E 74 -20.99 -0.52 -3.60
C GLU E 74 -21.86 -0.61 -4.86
N ARG E 75 -23.16 -0.78 -4.69
CA ARG E 75 -24.14 -0.72 -5.80
C ARG E 75 -24.06 0.58 -6.60
N GLU E 76 -23.94 1.68 -5.92
CA GLU E 76 -23.87 2.94 -6.61
C GLU E 76 -22.65 3.01 -7.52
N VAL E 77 -21.47 2.63 -7.00
CA VAL E 77 -20.23 2.70 -7.78
C VAL E 77 -20.39 1.85 -9.05
N ILE E 78 -20.81 0.61 -8.92
CA ILE E 78 -20.81 -0.21 -10.08
C ILE E 78 -21.89 0.22 -11.09
N GLN E 79 -23.02 0.75 -10.61
CA GLN E 79 -24.08 1.19 -11.53
CA GLN E 79 -24.06 1.18 -11.54
C GLN E 79 -23.61 2.47 -12.22
N LYS E 80 -22.79 3.24 -11.53
CA LYS E 80 -22.26 4.42 -12.15
C LYS E 80 -21.26 3.99 -13.29
N ALA E 81 -20.52 2.91 -13.08
CA ALA E 81 -19.57 2.55 -14.08
C ALA E 81 -20.32 2.05 -15.33
N ILE E 82 -21.36 1.27 -15.11
CA ILE E 82 -22.22 0.86 -16.22
C ILE E 82 -22.82 2.08 -16.93
N GLU E 83 -23.31 3.02 -16.17
CA GLU E 83 -23.99 4.15 -16.74
C GLU E 83 -23.06 4.93 -17.62
N GLU E 84 -21.81 5.05 -17.20
CA GLU E 84 -20.82 5.83 -17.93
C GLU E 84 -20.34 5.13 -19.19
N ASN E 85 -20.10 3.83 -19.11
CA ASN E 85 -19.77 3.04 -20.32
C ASN E 85 -20.92 3.22 -21.33
N ASN E 86 -22.17 3.21 -20.85
CA ASN E 86 -23.36 3.39 -21.69
C ASN E 86 -23.52 4.76 -22.30
N ASN E 87 -23.32 5.80 -21.50
CA ASN E 87 -23.45 7.13 -22.02
C ASN E 87 -22.36 7.46 -23.04
N PHE E 88 -21.19 6.86 -22.85
CA PHE E 88 -20.11 6.97 -23.78
C PHE E 88 -20.49 6.29 -25.11
N ILE E 89 -20.87 5.00 -25.05
CA ILE E 89 -21.33 4.35 -26.26
C ILE E 89 -22.45 5.11 -27.02
N LYS E 90 -23.46 5.55 -26.28
CA LYS E 90 -24.57 6.27 -26.84
C LYS E 90 -24.11 7.50 -27.55
N MET E 91 -23.33 8.32 -26.85
CA MET E 91 -22.80 9.57 -27.38
C MET E 91 -22.02 9.35 -28.67
N ALA E 92 -21.20 8.31 -28.65
CA ALA E 92 -20.42 8.00 -29.81
C ALA E 92 -21.33 7.70 -30.97
N LYS E 93 -22.32 6.83 -30.72
CA LYS E 93 -23.27 6.37 -31.75
C LYS E 93 -24.01 7.57 -32.39
N GLU E 94 -24.41 8.52 -31.55
CA GLU E 94 -25.13 9.70 -32.03
C GLU E 94 -24.23 10.60 -32.81
N LYS E 95 -22.99 10.70 -32.36
CA LYS E 95 -22.06 11.63 -32.96
C LYS E 95 -21.71 11.16 -34.36
N LEU E 96 -21.54 9.87 -34.47
CA LEU E 96 -21.35 9.28 -35.73
C LEU E 96 -22.56 9.55 -36.65
N ALA E 97 -23.78 9.23 -36.22
CA ALA E 97 -24.96 9.40 -37.07
C ALA E 97 -25.16 10.84 -37.51
N GLN E 98 -24.96 11.79 -36.61
CA GLN E 98 -25.08 13.16 -37.04
C GLN E 98 -24.04 13.49 -38.10
N LYS E 99 -22.79 13.09 -37.91
CA LYS E 99 -21.75 13.46 -38.86
C LYS E 99 -22.01 12.79 -40.21
N MET E 100 -22.45 11.55 -40.24
CA MET E 100 -22.68 10.86 -41.50
CA MET E 100 -22.67 10.87 -41.51
C MET E 100 -23.86 11.45 -42.25
N GLU E 101 -24.86 11.92 -41.51
CA GLU E 101 -26.03 12.59 -42.06
C GLU E 101 -25.65 13.90 -42.70
N SER E 102 -25.00 14.76 -41.94
CA SER E 102 -24.52 16.03 -42.44
C SER E 102 -23.57 15.86 -43.67
N ASN E 103 -22.80 14.79 -43.65
CA ASN E 103 -21.89 14.43 -44.73
CA ASN E 103 -21.91 14.52 -44.75
C ASN E 103 -22.60 14.14 -46.06
N LYS E 104 -23.52 13.17 -46.02
CA LYS E 104 -24.35 12.83 -47.19
C LYS E 104 -25.06 14.11 -47.72
N GLU E 105 -25.72 14.87 -46.86
CA GLU E 105 -26.32 16.14 -47.24
C GLU E 105 -25.37 17.02 -48.02
N ASN E 106 -24.21 17.32 -47.43
CA ASN E 106 -23.33 18.27 -48.02
C ASN E 106 -22.82 17.78 -49.37
N ARG E 107 -22.54 16.48 -49.47
CA ARG E 107 -21.91 15.96 -50.63
C ARG E 107 -22.92 16.05 -51.76
N GLU E 108 -24.14 15.66 -51.42
CA GLU E 108 -25.23 15.74 -52.37
C GLU E 108 -25.43 17.16 -52.85
N ALA E 109 -25.39 18.12 -51.94
CA ALA E 109 -25.64 19.48 -52.38
C ALA E 109 -24.56 19.92 -53.35
N HIS E 110 -23.35 19.37 -53.21
CA HIS E 110 -22.29 19.79 -54.12
C HIS E 110 -22.46 19.23 -55.48
N LEU E 111 -22.81 17.96 -55.54
CA LEU E 111 -23.12 17.36 -56.83
C LEU E 111 -24.33 18.05 -57.51
N ALA E 112 -25.38 18.29 -56.73
CA ALA E 112 -26.59 18.89 -57.28
C ALA E 112 -26.28 20.23 -57.92
N ALA E 113 -25.57 21.12 -57.19
CA ALA E 113 -25.12 22.40 -57.72
C ALA E 113 -24.26 22.27 -58.98
N MET E 114 -23.37 21.28 -59.03
CA MET E 114 -22.58 21.03 -60.25
C MET E 114 -23.53 20.69 -61.42
N LEU E 115 -24.41 19.72 -61.22
CA LEU E 115 -25.35 19.33 -62.25
C LEU E 115 -26.27 20.47 -62.68
N GLU E 116 -26.59 21.35 -61.75
CA GLU E 116 -27.42 22.48 -62.07
C GLU E 116 -26.68 23.41 -63.03
N ARG E 117 -25.38 23.61 -62.77
CA ARG E 117 -24.58 24.51 -63.60
C ARG E 117 -24.45 23.95 -65.01
N LEU E 118 -24.18 22.66 -65.09
CA LEU E 118 -24.14 22.00 -66.36
C LEU E 118 -25.45 22.16 -67.12
N GLN E 119 -26.58 21.96 -66.44
CA GLN E 119 -27.85 22.01 -67.10
C GLN E 119 -28.21 23.41 -67.60
N GLU E 120 -27.82 24.44 -66.85
CA GLU E 120 -27.95 25.79 -67.35
C GLU E 120 -27.17 25.99 -68.64
N LYS E 121 -26.00 25.39 -68.73
CA LYS E 121 -25.20 25.47 -69.93
C LYS E 121 -25.87 24.78 -71.11
N ASP E 122 -26.65 23.71 -70.86
CA ASP E 122 -27.45 23.06 -71.91
C ASP E 122 -28.55 23.98 -72.43
N LYS E 123 -29.39 24.42 -71.51
CA LYS E 123 -30.37 25.44 -71.79
C LYS E 123 -29.76 26.62 -72.56
N HIS E 124 -28.61 27.12 -72.14
CA HIS E 124 -27.99 28.22 -72.89
C HIS E 124 -27.62 27.84 -74.31
N ALA E 125 -27.32 26.58 -74.56
CA ALA E 125 -26.91 26.15 -75.89
C ALA E 125 -28.14 25.97 -76.80
N GLU E 126 -29.33 25.91 -76.19
CA GLU E 126 -30.59 25.93 -76.95
C GLU E 126 -30.80 27.34 -77.43
N GLU E 127 -30.73 28.30 -76.49
CA GLU E 127 -30.92 29.72 -76.81
C GLU E 127 -29.87 30.29 -77.78
N VAL E 128 -28.97 29.44 -78.28
CA VAL E 128 -27.92 29.90 -79.17
C VAL E 128 -28.19 29.26 -80.53
N ARG E 129 -28.89 28.14 -80.51
CA ARG E 129 -29.31 27.47 -81.72
C ARG E 129 -30.69 27.98 -82.15
N LYS E 130 -31.60 28.08 -81.18
CA LYS E 130 -32.88 28.70 -81.39
C LYS E 130 -32.70 30.16 -81.90
N ASN E 131 -31.60 30.81 -81.55
CA ASN E 131 -31.40 32.23 -81.89
C ASN E 131 -30.76 32.42 -83.28
N LYS E 132 -30.05 31.40 -83.75
CA LYS E 132 -29.45 31.40 -85.08
C LYS E 132 -30.56 31.15 -86.08
N GLU E 133 -31.57 30.39 -85.63
CA GLU E 133 -32.77 30.10 -86.41
C GLU E 133 -33.61 31.38 -86.65
N LEU E 134 -33.48 32.33 -85.71
CA LEU E 134 -34.22 33.59 -85.76
C LEU E 134 -33.41 34.68 -86.43
N LYS E 135 -32.66 34.26 -87.45
CA LYS E 135 -31.98 35.17 -88.34
C LYS E 135 -32.19 34.53 -89.70
N GLU E 136 -33.43 34.73 -90.19
CA GLU E 136 -33.99 34.10 -91.40
C GLU E 136 -35.44 34.53 -91.69
N MET F 1 24.09 -0.57 33.28
CA MET F 1 23.97 0.83 33.73
C MET F 1 22.74 0.94 34.63
N TYR F 2 23.00 1.06 35.93
CA TYR F 2 21.96 1.31 36.94
C TYR F 2 21.02 2.49 36.68
N THR F 3 19.86 2.43 37.32
CA THR F 3 18.75 3.37 37.04
C THR F 3 18.19 3.99 38.34
N PHE F 4 17.64 5.21 38.21
CA PHE F 4 17.10 5.87 39.37
C PHE F 4 16.16 7.01 38.97
N VAL F 5 15.35 7.45 39.93
CA VAL F 5 14.38 8.53 39.73
C VAL F 5 14.53 9.54 40.87
N VAL F 6 13.90 10.71 40.73
CA VAL F 6 14.03 11.79 41.73
C VAL F 6 12.68 12.40 42.01
N ARG F 7 12.25 12.35 43.26
CA ARG F 7 10.88 12.74 43.63
C ARG F 7 10.80 13.87 44.65
N ASP F 8 11.97 14.37 45.02
CA ASP F 8 12.11 15.66 45.69
C ASP F 8 13.08 16.52 44.90
N GLU F 9 12.52 17.35 44.01
CA GLU F 9 13.29 18.20 43.08
C GLU F 9 14.18 19.24 43.77
N ASN F 10 13.68 19.75 44.89
CA ASN F 10 14.31 20.82 45.64
C ASN F 10 14.83 20.27 46.97
N SER F 11 15.69 19.24 46.88
CA SER F 11 16.41 18.72 48.04
C SER F 11 17.93 18.90 47.82
N SER F 12 18.52 19.86 48.55
CA SER F 12 19.91 20.33 48.32
C SER F 12 20.93 19.19 48.14
N VAL F 13 21.03 18.36 49.18
CA VAL F 13 21.94 17.21 49.24
C VAL F 13 21.67 16.17 48.15
N TYR F 14 20.41 15.80 47.96
CA TYR F 14 20.11 14.76 46.98
C TYR F 14 20.20 15.25 45.53
N ALA F 15 19.77 16.50 45.30
CA ALA F 15 20.15 17.19 44.05
C ALA F 15 21.61 16.89 43.73
N GLU F 16 22.50 17.13 44.71
CA GLU F 16 23.94 16.87 44.52
C GLU F 16 24.28 15.40 44.28
N VAL F 17 23.57 14.49 44.93
CA VAL F 17 23.82 13.05 44.73
C VAL F 17 23.34 12.60 43.34
N SER F 18 22.17 13.06 42.92
CA SER F 18 21.73 12.83 41.53
C SER F 18 22.86 13.25 40.60
N ARG F 19 23.23 14.53 40.66
CA ARG F 19 24.27 15.09 39.82
C ARG F 19 25.53 14.22 39.89
N LEU F 20 25.89 13.77 41.08
CA LEU F 20 27.11 12.98 41.21
C LEU F 20 27.04 11.59 40.61
N LEU F 21 25.82 11.03 40.58
CA LEU F 21 25.55 9.68 40.03
C LEU F 21 25.73 9.61 38.51
N LEU F 22 25.26 10.64 37.79
CA LEU F 22 25.45 10.74 36.32
C LEU F 22 26.93 10.88 35.93
N ALA F 23 27.67 11.73 36.63
CA ALA F 23 29.13 11.87 36.44
C ALA F 23 29.94 10.57 36.48
N THR F 24 29.33 9.44 36.83
CA THR F 24 30.04 8.16 36.83
C THR F 24 29.82 7.45 35.50
N GLY F 25 28.80 7.94 34.78
CA GLY F 25 28.43 7.38 33.48
C GLY F 25 27.71 6.05 33.59
N GLN F 26 27.50 5.59 34.82
CA GLN F 26 26.90 4.28 35.07
C GLN F 26 25.46 4.32 35.61
N TRP F 27 24.83 5.52 35.64
CA TRP F 27 23.49 5.66 36.20
C TRP F 27 22.64 6.46 35.30
N LYS F 28 21.48 5.93 34.95
CA LYS F 28 20.52 6.76 34.20
C LYS F 28 19.37 7.14 35.04
N ARG F 29 18.99 8.40 34.92
CA ARG F 29 17.80 8.91 35.54
C ARG F 29 16.60 8.60 34.66
N LEU F 30 15.43 8.49 35.29
CA LEU F 30 14.13 8.25 34.63
C LEU F 30 13.13 9.34 35.08
N ARG F 31 11.91 9.26 34.59
CA ARG F 31 10.89 10.23 35.00
C ARG F 31 10.31 9.82 36.34
N LYS F 32 9.87 10.81 37.12
CA LYS F 32 9.28 10.60 38.45
C LYS F 32 8.50 9.29 38.61
N ASP F 33 7.69 8.96 37.62
CA ASP F 33 6.68 7.91 37.77
C ASP F 33 6.99 6.60 37.09
N ASN F 34 8.22 6.44 36.66
CA ASN F 34 8.65 5.23 35.97
C ASN F 34 9.14 4.21 36.97
N PRO F 35 8.34 3.16 37.19
CA PRO F 35 8.55 2.22 38.30
C PRO F 35 9.70 1.24 38.05
N ARG F 36 10.32 1.29 36.87
CA ARG F 36 11.32 0.28 36.54
C ARG F 36 12.73 0.66 37.10
N PHE F 37 12.74 1.48 38.16
CA PHE F 37 13.97 2.05 38.75
C PHE F 37 14.68 1.15 39.77
N ASN F 38 15.99 1.37 39.92
CA ASN F 38 16.78 0.70 40.94
C ASN F 38 16.74 1.50 42.27
N LEU F 39 16.64 2.81 42.16
CA LEU F 39 16.80 3.70 43.29
C LEU F 39 15.83 4.84 43.24
N MET F 40 15.09 5.01 44.32
CA MET F 40 14.22 6.16 44.45
C MET F 40 14.91 7.15 45.34
N LEU F 41 14.64 8.44 45.15
CA LEU F 41 15.06 9.47 46.08
C LEU F 41 13.78 10.16 46.38
N GLY F 42 12.99 9.53 47.23
CA GLY F 42 11.59 9.88 47.33
C GLY F 42 11.22 11.24 47.87
N GLU F 43 9.92 11.44 48.00
CA GLU F 43 9.33 12.65 48.47
C GLU F 43 9.46 12.68 49.96
N ARG F 44 9.12 13.83 50.53
CA ARG F 44 9.21 14.08 51.95
C ARG F 44 7.89 13.66 52.59
N ASN F 45 6.83 13.72 51.81
CA ASN F 45 5.53 13.44 52.39
C ASN F 45 4.70 12.40 51.61
N ARG F 46 4.28 11.35 52.33
CA ARG F 46 3.46 10.28 51.79
C ARG F 46 4.19 9.50 50.71
N LEU F 47 5.50 9.29 50.93
CA LEU F 47 6.29 8.41 50.09
C LEU F 47 5.60 7.05 50.07
N PRO F 48 5.35 6.52 48.86
CA PRO F 48 4.58 5.29 48.74
C PRO F 48 5.44 4.02 48.88
N PHE F 49 5.89 3.74 50.11
CA PHE F 49 6.74 2.57 50.38
C PHE F 49 5.97 1.31 49.99
N GLY F 50 4.63 1.41 50.02
CA GLY F 50 3.77 0.32 49.57
C GLY F 50 4.00 -0.20 48.14
N ARG F 51 4.59 0.62 47.27
CA ARG F 51 4.77 0.25 45.87
C ARG F 51 6.20 -0.12 45.57
N LEU F 52 7.08 -0.14 46.59
CA LEU F 52 8.49 -0.53 46.38
C LEU F 52 8.68 -2.01 46.52
N GLY F 53 9.65 -2.57 45.80
CA GLY F 53 9.98 -4.01 45.87
C GLY F 53 9.00 -4.99 45.25
N HIS F 54 8.21 -4.55 44.30
CA HIS F 54 7.34 -5.44 43.53
C HIS F 54 7.61 -5.37 42.05
N GLU F 55 8.86 -5.05 41.68
CA GLU F 55 9.32 -5.10 40.28
C GLU F 55 10.31 -6.22 40.07
N PRO F 56 9.91 -7.27 39.32
CA PRO F 56 10.73 -8.44 38.96
C PRO F 56 12.05 -8.08 38.30
N GLY F 57 13.11 -8.70 38.81
CA GLY F 57 14.47 -8.48 38.32
C GLY F 57 15.12 -7.17 38.78
N LEU F 58 14.46 -6.39 39.62
CA LEU F 58 15.06 -5.15 40.12
C LEU F 58 15.31 -5.29 41.59
N VAL F 59 16.56 -5.04 41.99
CA VAL F 59 16.81 -4.71 43.37
C VAL F 59 16.45 -3.23 43.49
N GLN F 60 15.60 -2.90 44.45
CA GLN F 60 15.21 -1.53 44.62
C GLN F 60 15.63 -0.99 45.99
N LEU F 61 15.84 0.33 46.05
CA LEU F 61 16.47 0.99 47.20
C LEU F 61 15.92 2.38 47.25
N VAL F 62 15.70 2.86 48.47
CA VAL F 62 15.13 4.21 48.69
C VAL F 62 15.87 4.96 49.83
N ASN F 63 15.93 6.29 49.75
CA ASN F 63 16.73 7.06 50.70
C ASN F 63 15.92 7.48 51.93
N TYR F 64 14.89 6.72 52.29
CA TYR F 64 14.17 6.97 53.54
C TYR F 64 13.84 5.68 54.26
N TYR F 65 13.63 5.76 55.56
CA TYR F 65 13.22 4.61 56.35
C TYR F 65 11.81 4.85 56.78
N ARG F 66 10.92 3.93 56.40
CA ARG F 66 9.53 3.98 56.77
C ARG F 66 9.46 3.78 58.28
N GLY F 67 8.73 4.67 58.96
CA GLY F 67 8.71 4.68 60.42
C GLY F 67 9.77 5.56 61.10
N ALA F 68 10.66 6.23 60.35
CA ALA F 68 11.72 7.07 60.95
C ALA F 68 11.18 8.38 61.51
N ASP F 69 10.01 8.78 61.06
CA ASP F 69 9.34 9.96 61.61
C ASP F 69 9.07 9.81 63.12
N LYS F 70 9.09 8.58 63.62
CA LYS F 70 9.00 8.28 65.06
C LYS F 70 10.01 9.08 65.87
N LEU F 71 11.16 9.32 65.26
CA LEU F 71 12.29 10.01 65.85
C LEU F 71 12.34 11.48 65.40
N CYS F 72 11.65 11.80 64.30
CA CYS F 72 11.81 13.14 63.67
C CYS F 72 10.71 14.15 63.97
N ARG F 73 9.61 13.70 64.56
CA ARG F 73 8.56 14.60 65.06
C ARG F 73 8.68 14.61 66.56
N LYS F 74 8.65 15.81 67.14
CA LYS F 74 8.99 15.94 68.53
C LYS F 74 7.97 15.26 69.42
N ALA F 75 6.71 15.30 69.01
CA ALA F 75 5.65 14.66 69.79
C ALA F 75 6.02 13.20 69.94
N SER F 76 6.31 12.61 68.78
CA SER F 76 6.65 11.19 68.68
CA SER F 76 6.64 11.19 68.69
C SER F 76 7.96 10.85 69.38
N LEU F 77 8.96 11.75 69.25
CA LEU F 77 10.24 11.58 69.96
C LEU F 77 10.06 11.49 71.49
N VAL F 78 9.39 12.48 72.07
CA VAL F 78 9.06 12.47 73.48
C VAL F 78 8.36 11.18 73.87
N LYS F 79 7.33 10.84 73.10
CA LYS F 79 6.56 9.65 73.40
C LYS F 79 7.46 8.43 73.36
N LEU F 80 8.38 8.42 72.39
CA LEU F 80 9.26 7.30 72.17
C LEU F 80 10.23 7.11 73.32
N ILE F 81 10.80 8.22 73.79
CA ILE F 81 11.68 8.18 74.97
C ILE F 81 10.97 7.85 76.30
N LYS F 82 9.85 8.50 76.56
CA LYS F 82 9.13 8.19 77.79
C LYS F 82 8.62 6.74 77.80
N THR F 83 8.38 6.20 76.63
CA THR F 83 7.65 4.96 76.56
C THR F 83 8.56 3.76 76.34
N SER F 84 9.67 4.00 75.65
CA SER F 84 10.54 2.88 75.33
C SER F 84 11.35 2.41 76.56
N PRO F 85 11.20 1.12 76.91
CA PRO F 85 11.96 0.43 77.96
C PRO F 85 13.48 0.69 77.87
N GLU F 86 14.01 0.62 76.64
CA GLU F 86 15.45 0.83 76.39
C GLU F 86 15.85 2.31 76.50
N LEU F 87 14.89 3.14 76.83
CA LEU F 87 15.15 4.56 76.98
C LEU F 87 14.81 5.04 78.38
N SER F 88 13.94 4.29 79.08
CA SER F 88 13.41 4.65 80.42
C SER F 88 12.68 6.02 80.41
N GLU F 89 11.88 6.30 81.43
CA GLU F 89 11.38 7.67 81.65
C GLU F 89 12.48 8.52 82.31
N SER F 90 12.96 9.56 81.62
CA SER F 90 14.27 10.20 81.90
C SER F 90 15.47 9.21 81.79
N CYS F 91 16.14 9.29 80.64
CA CYS F 91 17.33 8.50 80.35
C CYS F 91 18.57 9.35 80.56
N THR F 92 18.35 10.65 80.83
CA THR F 92 19.35 11.70 81.31
C THR F 92 20.02 12.58 80.27
N TRP F 93 19.65 12.48 79.00
CA TRP F 93 20.31 13.32 78.01
C TRP F 93 19.24 13.98 77.17
N PHE F 94 18.01 13.64 77.50
CA PHE F 94 16.86 14.29 76.86
C PHE F 94 16.21 15.27 77.85
N PRO F 95 15.91 16.48 77.40
CA PRO F 95 15.23 17.45 78.29
C PRO F 95 13.90 16.91 78.80
N GLU F 96 13.60 17.21 80.06
CA GLU F 96 12.31 16.87 80.65
C GLU F 96 11.19 17.34 79.71
N SER F 97 10.33 16.40 79.34
CA SER F 97 9.40 16.70 78.28
C SER F 97 8.00 16.32 78.60
N TYR F 98 7.07 17.16 78.15
CA TYR F 98 5.65 16.85 78.17
C TYR F 98 5.02 17.25 76.82
N VAL F 99 4.04 16.44 76.41
CA VAL F 99 3.29 16.74 75.18
C VAL F 99 1.81 17.02 75.52
N ILE F 100 1.38 18.22 75.12
CA ILE F 100 0.06 18.77 75.44
C ILE F 100 -0.73 19.08 74.15
N TYR F 101 -2.03 18.74 74.13
CA TYR F 101 -2.85 18.92 72.92
C TYR F 101 -3.63 20.26 72.85
N PRO F 102 -3.55 20.97 71.69
CA PRO F 102 -4.28 22.23 71.39
C PRO F 102 -5.80 22.20 71.71
N THR F 125 -1.65 10.69 76.73
CA THR F 125 -1.27 12.06 76.34
C THR F 125 -2.51 12.81 75.77
N ASP F 126 -2.70 14.06 76.19
CA ASP F 126 -1.67 14.84 76.86
C ASP F 126 -1.47 14.65 78.38
N GLU F 127 -0.53 15.40 78.93
CA GLU F 127 0.01 15.11 80.26
C GLU F 127 -0.22 16.23 81.28
N ARG F 128 -0.84 17.33 80.84
CA ARG F 128 -1.06 18.58 81.64
C ARG F 128 -0.95 18.43 83.16
N GLU F 129 -1.66 17.44 83.68
CA GLU F 129 -1.71 17.11 85.10
C GLU F 129 -0.37 16.71 85.71
N VAL F 130 0.21 15.61 85.21
CA VAL F 130 1.55 15.14 85.62
C VAL F 130 2.66 16.17 85.30
N PHE F 131 2.41 16.98 84.25
CA PHE F 131 3.21 18.18 83.93
C PHE F 131 3.32 19.15 85.11
N LEU F 132 2.21 19.31 85.83
CA LEU F 132 2.11 20.26 86.95
C LEU F 132 2.65 19.73 88.28
N ALA F 133 2.52 18.41 88.51
CA ALA F 133 3.07 17.75 89.72
C ALA F 133 4.58 17.96 89.91
N ALA F 134 5.35 17.90 88.81
CA ALA F 134 6.77 18.24 88.85
C ALA F 134 7.03 19.70 88.38
N TYR F 135 6.11 20.61 88.71
CA TYR F 135 6.22 22.03 88.31
C TYR F 135 6.86 22.95 89.39
N ASN F 136 6.91 22.48 90.65
CA ASN F 136 7.75 23.13 91.66
C ASN F 136 9.22 23.05 91.24
N GLY F 144 14.72 27.23 89.49
CA GLY F 144 14.70 27.21 88.03
C GLY F 144 13.49 26.48 87.45
N ASN F 145 12.40 27.23 87.19
CA ASN F 145 11.16 26.71 86.54
C ASN F 145 10.75 27.55 85.31
N VAL F 146 11.63 27.56 84.30
CA VAL F 146 11.42 28.27 83.03
C VAL F 146 11.48 27.27 81.86
N TRP F 147 10.54 27.35 80.92
CA TRP F 147 10.34 26.30 79.95
C TRP F 147 10.36 26.78 78.53
N ILE F 148 9.89 25.92 77.62
CA ILE F 148 9.90 26.16 76.16
C ILE F 148 8.92 25.18 75.51
N ALA F 149 8.04 25.71 74.67
CA ALA F 149 6.95 24.88 74.14
C ALA F 149 6.75 25.08 72.64
N LYS F 150 7.46 24.30 71.81
CA LYS F 150 7.42 24.52 70.35
C LYS F 150 6.98 23.24 69.60
N SER F 151 6.90 23.32 68.26
CA SER F 151 6.77 22.13 67.37
C SER F 151 6.68 22.51 65.88
N ILE F 162 9.67 30.57 74.34
CA ILE F 162 10.17 30.44 75.72
C ILE F 162 9.33 31.28 76.69
N SER F 163 8.95 30.68 77.81
CA SER F 163 8.31 31.42 78.88
C SER F 163 8.84 30.97 80.24
N SER F 164 8.56 31.79 81.28
CA SER F 164 8.87 31.48 82.68
C SER F 164 7.56 31.19 83.41
N GLU F 165 6.55 31.96 83.03
CA GLU F 165 5.18 31.77 83.48
C GLU F 165 4.52 30.81 82.48
N ALA F 166 3.77 29.84 82.99
CA ALA F 166 3.05 28.87 82.14
C ALA F 166 2.12 29.53 81.10
N SER F 167 1.26 30.45 81.54
CA SER F 167 0.18 31.02 80.71
C SER F 167 0.47 31.42 79.25
N GLU F 168 1.46 32.31 79.06
CA GLU F 168 1.74 32.92 77.73
C GLU F 168 2.01 31.91 76.60
N LEU F 169 2.71 30.81 76.95
CA LEU F 169 2.97 29.73 75.98
C LEU F 169 1.73 28.83 75.79
N LEU F 170 1.21 28.28 76.91
CA LEU F 170 -0.02 27.43 76.94
C LEU F 170 -1.20 28.04 76.18
N ASP F 171 -1.19 29.38 76.08
CA ASP F 171 -2.24 30.16 75.38
C ASP F 171 -1.92 30.36 73.89
N PHE F 172 -0.88 29.65 73.41
CA PHE F 172 -0.49 29.64 71.99
C PHE F 172 -1.44 28.73 71.15
N ILE F 173 -2.75 28.84 71.41
CA ILE F 173 -3.77 27.97 70.79
C ILE F 173 -4.72 28.82 69.95
N HIS F 180 1.69 20.68 70.23
CA HIS F 180 3.08 21.16 70.44
C HIS F 180 3.74 20.38 71.56
N VAL F 181 5.02 20.65 71.82
CA VAL F 181 5.73 20.01 72.96
C VAL F 181 6.22 21.03 73.97
N ILE F 182 6.26 20.63 75.24
CA ILE F 182 6.91 21.46 76.27
C ILE F 182 8.13 20.78 76.88
N GLN F 183 9.23 21.55 76.87
CA GLN F 183 10.48 21.10 77.45
C GLN F 183 11.00 22.08 78.50
N LYS F 184 11.98 21.62 79.28
CA LYS F 184 12.67 22.47 80.21
C LYS F 184 13.82 23.17 79.47
N TYR F 185 13.62 24.45 79.14
CA TYR F 185 14.63 25.30 78.49
C TYR F 185 15.90 25.26 79.31
N LEU F 186 17.04 25.09 78.65
CA LEU F 186 18.26 24.94 79.43
C LEU F 186 18.96 26.25 79.75
N GLU F 187 18.80 26.65 81.00
CA GLU F 187 19.09 28.01 81.44
C GLU F 187 20.57 28.32 81.42
N LYS F 188 21.39 27.32 81.75
CA LYS F 188 22.82 27.55 81.93
C LYS F 188 23.55 26.75 80.86
N PRO F 189 23.62 27.31 79.65
CA PRO F 189 24.35 26.65 78.58
C PRO F 189 25.83 26.96 78.60
N LEU F 190 26.57 26.38 77.67
CA LEU F 190 27.97 26.70 77.50
C LEU F 190 28.04 27.90 76.59
N LEU F 191 28.98 28.81 76.84
CA LEU F 191 29.18 29.99 75.98
C LEU F 191 30.56 30.00 75.36
N LEU F 192 30.64 30.36 74.09
CA LEU F 192 31.94 30.58 73.42
C LEU F 192 32.47 31.99 73.72
N GLU F 193 33.80 32.12 73.76
CA GLU F 193 34.47 33.35 74.21
C GLU F 193 35.58 33.84 73.27
N PRO F 194 35.70 35.17 73.10
CA PRO F 194 34.82 36.19 73.70
C PRO F 194 33.53 36.40 72.91
N GLY F 195 32.41 36.56 73.61
CA GLY F 195 31.16 36.87 72.95
C GLY F 195 29.93 36.47 73.74
N HIS F 196 30.15 35.75 74.84
CA HIS F 196 29.06 35.10 75.61
C HIS F 196 28.00 34.49 74.73
N ARG F 197 28.47 33.86 73.64
CA ARG F 197 27.64 33.41 72.54
C ARG F 197 27.24 31.94 72.67
N LYS F 198 25.93 31.70 72.76
CA LYS F 198 25.37 30.36 72.61
C LYS F 198 25.65 29.69 71.25
N PHE F 199 25.18 28.45 71.11
CA PHE F 199 25.36 27.66 69.89
C PHE F 199 24.68 26.29 70.00
N ASP F 200 24.28 25.74 68.87
CA ASP F 200 23.97 24.33 68.84
C ASP F 200 24.88 23.54 67.91
N ILE F 201 24.91 22.23 68.14
CA ILE F 201 25.67 21.31 67.29
C ILE F 201 24.75 20.48 66.39
N ARG F 202 25.05 20.49 65.10
CA ARG F 202 24.45 19.57 64.16
C ARG F 202 25.47 18.48 63.75
N SER F 203 25.05 17.21 63.89
CA SER F 203 25.84 16.06 63.44
C SER F 203 25.08 15.32 62.37
N TRP F 204 25.79 14.71 61.43
CA TRP F 204 25.09 14.00 60.33
C TRP F 204 25.31 12.55 60.39
N VAL F 205 24.20 11.82 60.36
CA VAL F 205 24.26 10.39 60.53
C VAL F 205 23.75 9.73 59.26
N LEU F 206 24.50 8.77 58.74
CA LEU F 206 24.00 7.98 57.66
C LEU F 206 23.74 6.55 58.12
N VAL F 207 22.57 6.02 57.80
CA VAL F 207 22.29 4.63 58.12
C VAL F 207 22.01 3.84 56.85
N ASP F 208 22.79 2.79 56.62
CA ASP F 208 22.64 2.04 55.37
C ASP F 208 21.61 0.90 55.47
N HIS F 209 21.52 0.14 54.38
CA HIS F 209 20.54 -0.93 54.24
C HIS F 209 20.82 -2.06 55.15
N LEU F 210 22.06 -2.13 55.68
CA LEU F 210 22.47 -3.20 56.60
C LEU F 210 22.29 -2.79 58.02
N TYR F 211 21.93 -1.51 58.20
CA TYR F 211 21.76 -0.84 59.50
C TYR F 211 23.07 -0.54 60.21
N ASN F 212 24.14 -0.38 59.43
CA ASN F 212 25.36 0.20 59.89
C ASN F 212 25.07 1.65 60.18
N ILE F 213 25.64 2.15 61.26
CA ILE F 213 25.46 3.53 61.66
C ILE F 213 26.69 4.38 61.47
N TYR F 214 26.62 5.34 60.56
CA TYR F 214 27.78 6.13 60.19
C TYR F 214 27.70 7.59 60.61
N LEU F 215 28.65 8.02 61.41
CA LEU F 215 28.63 9.40 61.84
C LEU F 215 29.65 10.16 61.03
N TYR F 216 29.19 11.21 60.34
CA TYR F 216 30.08 12.02 59.53
C TYR F 216 31.14 12.75 60.38
N ARG F 217 32.41 12.58 60.00
CA ARG F 217 33.54 13.19 60.67
C ARG F 217 33.29 14.65 61.04
N GLU F 218 32.59 15.35 60.17
CA GLU F 218 32.46 16.78 60.26
C GLU F 218 31.10 17.18 60.76
N GLY F 219 31.10 18.01 61.79
CA GLY F 219 29.87 18.51 62.36
C GLY F 219 29.96 20.01 62.21
N VAL F 220 28.93 20.69 62.67
CA VAL F 220 28.91 22.12 62.57
C VAL F 220 28.29 22.81 63.80
N LEU F 221 28.90 23.93 64.18
CA LEU F 221 28.37 24.76 65.27
C LEU F 221 27.62 25.91 64.66
N ARG F 222 26.38 26.09 65.09
CA ARG F 222 25.57 27.16 64.55
C ARG F 222 25.32 28.07 65.73
N THR F 223 26.05 29.19 65.74
CA THR F 223 26.09 30.09 66.90
C THR F 223 25.17 31.28 66.72
N SER F 224 24.61 31.70 67.87
CA SER F 224 24.00 33.00 67.99
C SER F 224 25.10 33.93 68.47
N SER F 225 25.93 34.37 67.51
CA SER F 225 27.10 35.23 67.77
C SER F 225 26.67 36.63 68.30
N GLU F 226 25.75 36.61 69.26
CA GLU F 226 25.19 37.78 69.90
C GLU F 226 25.13 37.50 71.41
N PRO F 227 25.47 38.51 72.25
CA PRO F 227 25.56 38.31 73.71
C PRO F 227 24.24 37.76 74.32
N TYR F 228 24.36 37.03 75.44
CA TYR F 228 23.24 36.21 75.94
C TYR F 228 22.60 36.69 77.27
N ASN F 229 21.39 37.26 77.13
CA ASN F 229 20.63 37.84 78.25
C ASN F 229 19.90 36.82 79.12
N SER F 230 18.98 37.32 79.95
CA SER F 230 18.15 36.51 80.85
C SER F 230 16.88 37.30 81.21
N ALA F 231 15.76 36.60 81.34
CA ALA F 231 14.46 37.22 81.70
C ALA F 231 14.37 37.48 83.20
N ASP F 235 14.02 41.72 75.05
CA ASP F 235 15.26 41.23 74.44
C ASP F 235 15.10 39.78 73.92
N LYS F 236 14.77 39.64 72.62
CA LYS F 236 14.52 38.34 71.97
C LYS F 236 15.23 38.16 70.57
N THR F 237 16.56 38.02 70.56
CA THR F 237 17.37 37.74 69.33
C THR F 237 18.22 36.46 69.45
N CYS F 238 19.08 36.44 70.49
CA CYS F 238 20.01 35.34 70.78
C CYS F 238 19.31 34.05 71.23
N HIS F 239 18.09 34.19 71.76
CA HIS F 239 17.31 33.04 72.28
C HIS F 239 17.03 31.99 71.23
N LEU F 240 16.63 32.42 70.04
CA LEU F 240 16.46 31.50 68.92
C LEU F 240 17.75 31.44 68.07
N THR F 241 18.70 30.62 68.55
CA THR F 241 20.11 30.63 68.08
C THR F 241 20.34 30.36 66.56
N ASN F 242 19.27 30.11 65.82
CA ASN F 242 19.37 29.64 64.43
C ASN F 242 18.92 30.62 63.33
N HIS F 243 19.18 30.19 62.08
CA HIS F 243 18.80 30.92 60.85
C HIS F 243 17.31 30.83 60.55
N CYS F 244 16.47 30.94 61.59
CA CYS F 244 14.98 30.83 61.46
C CYS F 244 14.19 32.07 61.93
N ILE F 245 14.89 32.99 62.64
CA ILE F 245 14.33 34.32 63.03
C ILE F 245 15.47 35.36 62.88
N GLN F 246 16.62 34.89 62.38
CA GLN F 246 17.79 35.75 62.09
C GLN F 246 17.96 36.07 60.60
N LYS F 247 17.40 35.21 59.73
CA LYS F 247 17.40 35.42 58.27
C LYS F 247 16.31 36.41 57.82
N GLU F 248 15.62 37.03 58.81
CA GLU F 248 14.55 38.00 58.55
C GLU F 248 14.68 39.27 59.40
N TYR F 249 14.62 39.10 60.76
CA TYR F 249 14.66 40.24 61.69
C TYR F 249 16.08 40.72 62.06
N SER F 250 16.93 39.77 62.49
CA SER F 250 18.25 40.05 63.09
C SER F 250 19.18 40.89 62.20
N ASN F 252 25.34 42.66 60.73
CA ASN F 252 25.02 42.03 62.04
C ASN F 252 24.66 40.51 61.88
N TYR F 253 24.63 40.07 60.61
CA TYR F 253 24.47 38.66 60.21
C TYR F 253 25.87 37.98 60.12
N GLY F 254 26.11 36.98 60.98
CA GLY F 254 27.46 36.29 61.03
C GLY F 254 28.59 37.23 61.41
N ARG F 255 28.54 37.72 62.67
CA ARG F 255 29.54 38.67 63.21
C ARG F 255 30.83 37.96 63.70
N TYR F 256 30.84 37.60 64.99
CA TYR F 256 32.00 37.01 65.69
C TYR F 256 32.64 35.83 64.93
N GLU F 257 31.81 35.08 64.20
CA GLU F 257 32.25 33.97 63.33
C GLU F 257 31.47 33.87 62.02
N GLU F 258 32.08 33.18 61.06
CA GLU F 258 31.69 33.20 59.65
C GLU F 258 30.34 32.51 59.35
N GLY F 259 29.34 33.34 58.99
CA GLY F 259 27.96 32.90 58.73
C GLY F 259 27.35 32.21 59.94
N ASN F 260 27.75 32.65 61.13
CA ASN F 260 27.37 32.01 62.41
C ASN F 260 27.93 30.57 62.59
N GLU F 261 28.67 30.07 61.58
CA GLU F 261 29.06 28.66 61.55
C GLU F 261 30.52 28.44 61.89
N MET F 262 30.75 27.78 63.03
CA MET F 262 32.06 27.31 63.46
C MET F 262 32.16 25.81 63.27
N PHE F 263 33.35 25.37 62.84
CA PHE F 263 33.61 23.97 62.49
C PHE F 263 34.37 23.20 63.60
N PHE F 264 34.81 21.98 63.30
CA PHE F 264 35.26 21.07 64.36
C PHE F 264 36.69 21.25 64.83
N GLU F 265 37.62 21.39 63.89
CA GLU F 265 39.01 21.71 64.21
C GLU F 265 39.08 22.97 65.10
N GLU F 266 38.38 24.02 64.65
CA GLU F 266 38.36 25.29 65.36
C GLU F 266 37.90 25.10 66.80
N PHE F 267 36.79 24.40 66.96
CA PHE F 267 36.10 24.23 68.25
C PHE F 267 36.86 23.32 69.20
N ASN F 268 37.55 22.34 68.63
CA ASN F 268 38.41 21.47 69.39
C ASN F 268 39.57 22.28 69.96
N GLN F 269 40.15 23.16 69.14
CA GLN F 269 41.27 23.98 69.61
C GLN F 269 40.78 24.87 70.75
N TYR F 270 39.66 25.56 70.55
CA TYR F 270 39.02 26.33 71.59
C TYR F 270 38.78 25.55 72.86
N LEU F 271 38.36 24.29 72.74
CA LEU F 271 38.06 23.49 73.90
C LEU F 271 39.34 23.12 74.65
N MET F 272 40.39 22.91 73.87
CA MET F 272 41.69 22.64 74.43
C MET F 272 42.16 23.88 75.20
N ASP F 273 42.65 24.88 74.47
CA ASP F 273 43.05 26.20 75.00
C ASP F 273 42.24 26.71 76.16
N ALA F 274 40.91 26.75 75.98
CA ALA F 274 40.03 27.39 76.95
C ALA F 274 39.61 26.49 78.12
N LEU F 275 39.53 25.18 77.86
CA LEU F 275 39.03 24.25 78.88
CA LEU F 275 39.04 24.25 78.88
C LEU F 275 39.96 23.08 79.23
N ASN F 276 41.09 23.00 78.52
CA ASN F 276 42.06 21.94 78.73
C ASN F 276 41.44 20.52 78.48
N THR F 277 40.49 20.46 77.54
CA THR F 277 39.84 19.20 77.17
C THR F 277 39.75 19.08 75.64
N THR F 278 39.24 17.95 75.17
CA THR F 278 39.05 17.78 73.73
C THR F 278 37.59 17.58 73.39
N LEU F 279 37.32 17.67 72.09
CA LEU F 279 35.97 17.56 71.59
C LEU F 279 35.46 16.14 71.76
N GLU F 280 36.34 15.20 71.41
CA GLU F 280 36.09 13.76 71.59
C GLU F 280 35.66 13.43 73.01
N ASN F 281 36.40 13.94 73.99
CA ASN F 281 36.15 13.56 75.40
C ASN F 281 34.94 14.26 75.98
N SER F 282 34.91 15.57 75.84
CA SER F 282 33.91 16.37 76.52
C SER F 282 32.54 16.22 75.87
N ILE F 283 32.53 16.11 74.52
CA ILE F 283 31.30 16.15 73.75
C ILE F 283 30.95 14.88 72.91
N LEU F 284 31.88 14.41 72.10
CA LEU F 284 31.58 13.33 71.14
CA LEU F 284 31.61 13.32 71.13
C LEU F 284 31.19 11.97 71.73
N LEU F 285 31.80 11.56 72.83
CA LEU F 285 31.31 10.33 73.44
C LEU F 285 29.80 10.39 73.70
N GLN F 286 29.33 11.50 74.28
CA GLN F 286 27.90 11.61 74.58
C GLN F 286 27.05 11.59 73.29
N ILE F 287 27.59 12.19 72.24
CA ILE F 287 26.86 12.31 71.01
C ILE F 287 26.72 10.95 70.39
N LYS F 288 27.83 10.22 70.35
CA LYS F 288 27.86 8.90 69.77
C LYS F 288 26.95 7.98 70.53
N HIS F 289 26.95 8.13 71.84
CA HIS F 289 26.06 7.36 72.66
C HIS F 289 24.60 7.67 72.39
N ILE F 290 24.27 8.94 72.24
CA ILE F 290 22.87 9.33 72.00
C ILE F 290 22.35 8.82 70.65
N ILE F 291 23.18 8.92 69.61
CA ILE F 291 22.80 8.48 68.27
C ILE F 291 22.53 6.99 68.30
N ARG F 292 23.47 6.23 68.88
CA ARG F 292 23.34 4.78 69.04
C ARG F 292 22.07 4.44 69.78
N SER F 293 21.80 5.16 70.85
CA SER F 293 20.64 4.81 71.65
C SER F 293 19.38 5.03 70.85
N CYS F 294 19.28 6.14 70.11
CA CYS F 294 18.02 6.41 69.39
C CYS F 294 17.78 5.45 68.23
N LEU F 295 18.80 5.27 67.40
CA LEU F 295 18.63 4.44 66.24
C LEU F 295 18.52 3.00 66.61
N MET F 296 19.25 2.59 67.64
CA MET F 296 19.15 1.21 68.07
C MET F 296 17.83 0.94 68.75
N CYS F 297 17.23 1.96 69.31
CA CYS F 297 15.92 1.83 69.85
C CYS F 297 14.94 1.47 68.73
N ILE F 298 14.94 2.21 67.63
CA ILE F 298 13.89 1.98 66.64
C ILE F 298 14.24 0.89 65.63
N GLU F 299 15.41 0.28 65.77
CA GLU F 299 15.89 -0.65 64.76
C GLU F 299 14.88 -1.73 64.33
N PRO F 300 14.41 -2.57 65.27
CA PRO F 300 13.52 -3.62 64.81
C PRO F 300 12.16 -3.16 64.19
N ALA F 301 11.80 -1.90 64.34
CA ALA F 301 10.58 -1.45 63.69
C ALA F 301 10.82 -0.88 62.25
N ILE F 302 12.06 -0.55 61.88
CA ILE F 302 12.28 0.10 60.59
C ILE F 302 13.25 -0.63 59.67
N SER F 303 13.95 -1.59 60.24
CA SER F 303 14.96 -2.31 59.54
C SER F 303 14.46 -3.01 58.27
N THR F 304 15.28 -2.98 57.21
CA THR F 304 14.92 -3.67 55.97
C THR F 304 15.80 -4.88 55.68
N LYS F 305 16.17 -5.60 56.73
CA LYS F 305 17.07 -6.73 56.58
C LYS F 305 16.41 -7.86 55.76
N HIS F 306 15.13 -8.07 55.95
CA HIS F 306 14.45 -9.13 55.21
C HIS F 306 13.22 -8.61 54.49
N LEU F 307 13.30 -7.40 53.95
CA LEU F 307 12.18 -6.79 53.28
C LEU F 307 12.38 -6.94 51.77
N HIS F 308 11.33 -6.68 51.00
CA HIS F 308 11.39 -6.83 49.53
C HIS F 308 11.96 -5.62 48.88
N TYR F 309 12.08 -4.52 49.62
CA TYR F 309 12.93 -3.40 49.21
C TYR F 309 13.88 -3.04 50.35
N GLN F 310 14.82 -2.16 50.07
CA GLN F 310 15.75 -1.76 51.09
C GLN F 310 15.85 -0.27 51.24
N SER F 311 16.29 0.16 52.43
CA SER F 311 16.33 1.58 52.77
C SER F 311 17.69 2.05 53.25
N PHE F 312 17.94 3.33 53.07
CA PHE F 312 18.94 4.03 53.83
C PHE F 312 18.37 5.42 54.11
N GLN F 313 18.96 6.17 55.03
CA GLN F 313 18.52 7.54 55.27
C GLN F 313 19.60 8.36 55.96
N LEU F 314 19.55 9.66 55.71
CA LEU F 314 20.47 10.59 56.31
C LEU F 314 19.69 11.41 57.32
N PHE F 315 20.23 11.44 58.53
CA PHE F 315 19.65 12.22 59.61
C PHE F 315 20.58 13.35 60.01
N GLY F 316 19.99 14.35 60.64
CA GLY F 316 20.72 15.43 61.25
C GLY F 316 20.27 15.47 62.69
N PHE F 317 21.18 15.10 63.58
CA PHE F 317 20.98 15.25 65.01
C PHE F 317 21.41 16.66 65.45
N ASP F 318 20.59 17.27 66.30
CA ASP F 318 20.93 18.57 66.88
C ASP F 318 21.08 18.53 68.41
N PHE F 319 22.24 18.95 68.90
CA PHE F 319 22.51 18.93 70.34
C PHE F 319 22.86 20.31 70.93
N MET F 320 22.71 20.39 72.26
CA MET F 320 23.17 21.53 73.05
C MET F 320 24.10 21.04 74.15
N VAL F 321 25.24 21.70 74.30
CA VAL F 321 26.08 21.48 75.47
C VAL F 321 25.85 22.52 76.56
N ASP F 322 25.56 22.07 77.78
CA ASP F 322 25.53 22.97 78.96
C ASP F 322 26.96 23.34 79.47
N GLU F 323 27.03 23.98 80.64
CA GLU F 323 28.30 24.54 81.14
C GLU F 323 29.11 23.50 81.91
N GLU F 324 28.44 22.41 82.26
CA GLU F 324 29.07 21.28 82.94
C GLU F 324 29.64 20.32 81.91
N LEU F 325 29.60 20.73 80.63
CA LEU F 325 30.00 19.92 79.47
C LEU F 325 29.15 18.66 79.32
N LYS F 326 27.85 18.83 79.53
CA LYS F 326 26.91 17.78 79.33
C LYS F 326 26.16 18.03 78.01
N VAL F 327 25.93 16.95 77.26
CA VAL F 327 25.30 17.04 75.97
C VAL F 327 23.82 16.72 76.08
N TRP F 328 22.99 17.50 75.37
CA TRP F 328 21.52 17.32 75.35
C TRP F 328 21.05 17.20 73.94
N LEU F 329 20.05 16.34 73.73
CA LEU F 329 19.49 16.21 72.41
C LEU F 329 18.32 17.20 72.18
N ILE F 330 18.44 18.06 71.16
CA ILE F 330 17.34 18.93 70.80
C ILE F 330 16.29 18.18 69.99
N GLU F 331 16.67 17.75 68.79
CA GLU F 331 15.74 17.12 67.87
C GLU F 331 16.47 16.36 66.74
N VAL F 332 15.70 15.51 66.05
CA VAL F 332 16.24 14.70 64.97
C VAL F 332 15.55 15.06 63.65
N ASN F 333 16.34 15.46 62.64
CA ASN F 333 15.77 15.85 61.35
C ASN F 333 15.97 14.75 60.31
N GLY F 334 14.85 14.41 59.65
CA GLY F 334 14.78 13.30 58.68
C GLY F 334 15.24 13.71 57.29
N ALA F 335 15.03 14.99 56.98
CA ALA F 335 15.54 15.56 55.74
C ALA F 335 16.32 16.81 56.07
N PRO F 336 17.59 16.62 56.45
CA PRO F 336 18.45 17.76 56.69
C PRO F 336 19.08 18.32 55.42
N ALA F 337 19.41 19.61 55.48
CA ALA F 337 20.34 20.26 54.56
C ALA F 337 21.72 19.99 55.13
N CYS F 338 22.76 20.35 54.38
CA CYS F 338 24.13 20.20 54.86
C CYS F 338 24.75 21.60 55.16
N ALA F 339 26.05 21.77 54.93
CA ALA F 339 26.67 23.06 55.13
C ALA F 339 27.60 23.28 53.96
N GLN F 340 27.56 24.49 53.40
CA GLN F 340 28.09 24.72 52.06
C GLN F 340 29.39 24.00 51.71
N LYS F 341 30.37 24.01 52.61
CA LYS F 341 31.67 23.46 52.25
C LYS F 341 31.77 21.95 52.49
N LEU F 342 30.65 21.36 52.91
CA LEU F 342 30.57 19.91 53.21
C LEU F 342 29.75 19.10 52.21
N TYR F 343 28.57 19.64 51.77
CA TYR F 343 27.83 19.18 50.59
C TYR F 343 28.75 18.68 49.46
N ALA F 344 29.73 17.82 49.75
CA ALA F 344 30.66 17.39 48.69
C ALA F 344 31.39 16.18 49.13
N GLU F 345 32.11 16.32 50.23
CA GLU F 345 32.78 15.20 50.82
C GLU F 345 31.68 14.24 51.29
N LEU F 346 30.63 14.79 51.91
CA LEU F 346 29.54 13.99 52.44
C LEU F 346 28.70 13.36 51.34
N CYS F 347 28.27 14.19 50.41
CA CYS F 347 27.44 13.75 49.30
C CYS F 347 28.06 12.59 48.55
N GLN F 348 29.38 12.55 48.52
CA GLN F 348 30.11 11.49 47.84
C GLN F 348 30.20 10.27 48.73
N GLY F 349 30.29 10.53 50.04
CA GLY F 349 30.29 9.48 51.09
C GLY F 349 29.02 8.65 51.03
N ILE F 350 27.90 9.34 50.90
CA ILE F 350 26.64 8.70 50.64
C ILE F 350 26.73 7.69 49.48
N VAL F 351 27.23 8.15 48.33
CA VAL F 351 27.30 7.29 47.15
C VAL F 351 28.16 6.09 47.51
N ASP F 352 29.31 6.34 48.11
CA ASP F 352 30.25 5.28 48.40
C ASP F 352 29.62 4.19 49.28
N VAL F 353 29.00 4.60 50.39
CA VAL F 353 28.56 3.64 51.41
CA VAL F 353 28.56 3.65 51.42
C VAL F 353 27.07 3.26 51.32
N ALA F 354 26.19 4.21 51.01
CA ALA F 354 24.75 3.88 50.96
C ALA F 354 24.22 3.29 49.64
N ILE F 355 24.99 3.42 48.56
CA ILE F 355 24.47 3.15 47.22
C ILE F 355 25.27 2.11 46.45
N SER F 356 26.53 2.43 46.18
CA SER F 356 27.42 1.55 45.45
C SER F 356 27.79 0.30 46.26
N SER F 357 27.41 0.30 47.53
CA SER F 357 27.46 -0.89 48.39
C SER F 357 26.44 -1.91 47.92
N VAL F 358 25.30 -1.41 47.46
CA VAL F 358 24.21 -2.21 46.99
C VAL F 358 24.36 -2.42 45.47
N PHE F 359 24.79 -1.38 44.78
CA PHE F 359 24.96 -1.41 43.32
C PHE F 359 26.40 -1.11 42.88
N PRO F 360 27.31 -2.12 43.04
CA PRO F 360 28.76 -1.89 42.86
C PRO F 360 29.08 -1.32 41.49
N LEU F 361 30.06 -0.41 41.43
CA LEU F 361 30.45 0.26 40.16
C LEU F 361 31.44 -0.52 39.31
N ALA F 362 31.83 0.06 38.17
CA ALA F 362 32.95 -0.42 37.32
C ALA F 362 34.30 0.10 37.82
N SER F 373 38.38 6.97 55.42
CA SER F 373 36.94 7.11 55.40
C SER F 373 36.50 8.36 56.17
N ILE F 374 35.39 8.95 55.72
CA ILE F 374 34.87 10.17 56.31
C ILE F 374 33.84 9.90 57.43
N PHE F 375 33.59 8.61 57.67
CA PHE F 375 32.60 8.20 58.65
C PHE F 375 33.20 7.37 59.77
N ILE F 376 32.59 7.49 60.93
CA ILE F 376 32.90 6.63 62.05
C ILE F 376 31.75 5.64 62.19
N LYS F 377 32.10 4.36 62.24
CA LYS F 377 31.12 3.35 62.52
C LYS F 377 30.72 3.38 63.99
N LEU F 378 29.44 3.24 64.27
CA LEU F 378 28.95 3.26 65.66
CA LEU F 378 28.98 3.24 65.66
C LEU F 378 28.37 1.91 66.07
#